data_8T9B
#
_entry.id   8T9B
#
_cell.length_a   76.661
_cell.length_b   130.650
_cell.length_c   222.996
_cell.angle_alpha   90.000
_cell.angle_beta   89.760
_cell.angle_gamma   90.000
#
_symmetry.space_group_name_H-M   'P 1 21 1'
#
loop_
_entity.id
_entity.type
_entity.pdbx_description
1 polymer 'CK variant of Fab F1 heavy chain'
2 polymer 'CK variant of Fab F1 light chain'
3 polymer 'Ephrin type-A receptor 2'
#
loop_
_entity_poly.entity_id
_entity_poly.type
_entity_poly.pdbx_seq_one_letter_code
_entity_poly.pdbx_strand_id
1 'polypeptide(L)'
;EVQLVESGGGLVQPGGSLRLSCAASGFDSGAYLRHWVRQAPGKGLEWVASIYPSYGYTSYADSVKGRFTISADTSKNTAY
LQMNSLRAEDTAVYYCARSAASYYGYWHWYHFSPGMDYWGQGTLVTVSSASTKGPSVFPLAPSSKSTSGGTAALGCLVKD
YFPEPVTVSWNSGALTSGVHTFPAVLQSSGLYSLSSVVTVPSSSLGTQTYICNVNHKPSNTKVDKKVEPKSCDKTHT
;
C,A,D,F
2 'polypeptide(L)'
;DIQMTQSPSSLSASVGDRVTITCRASQSVSSAVAWYQQKPGKAPKLLIYSASDLYSGVPSRFSGSRSGTDFTLTISSLQP
EDFATYYCQQYVSGGWLITFGQGTKVEIKRTVAAPSVFIFPPSDSQLKSGTASVVCLLNNFYPREAKVQWKVDNALQSGN
SQESVTEQDSKDSTYSLSSTLTLSKADYEKHKVYACEVTQGTTSVTKSFNRGEC
;
G,B,E,H
3 'polypeptide(L)'
;QTEPPKVRLEGRSTTSLSVSWSIPPPQQSRVWKYEVTYRKKGDSNSYNVRRTEGFSVTLDDLAPDTTYLVQVQALTQEGQ
GAGSKVHEFQTLSPLTPR
;
I,J,K,L
#
# COMPACT_ATOMS: atom_id res chain seq x y z
N GLU A 1 -42.09 -8.77 -4.58
CA GLU A 1 -41.78 -8.00 -5.79
C GLU A 1 -40.97 -8.84 -6.77
N VAL A 2 -39.77 -8.37 -7.08
CA VAL A 2 -38.85 -9.03 -8.02
C VAL A 2 -38.72 -10.52 -7.74
N GLN A 3 -38.81 -11.33 -8.79
CA GLN A 3 -38.70 -12.77 -8.69
C GLN A 3 -37.81 -13.31 -9.80
N LEU A 4 -37.51 -14.61 -9.69
CA LEU A 4 -36.69 -15.31 -10.67
C LEU A 4 -37.30 -16.67 -10.96
N VAL A 5 -38.61 -16.69 -11.27
CA VAL A 5 -39.32 -17.94 -11.49
C VAL A 5 -38.62 -18.79 -12.53
N GLU A 6 -38.30 -20.01 -12.11
CA GLU A 6 -37.61 -20.96 -13.02
C GLU A 6 -38.64 -21.94 -13.57
N SER A 7 -38.22 -22.82 -14.47
CA SER A 7 -39.10 -23.78 -15.12
C SER A 7 -38.27 -24.91 -15.71
N GLY A 8 -38.97 -25.95 -16.12
CA GLY A 8 -38.36 -27.16 -16.65
C GLY A 8 -38.40 -28.26 -15.60
N GLY A 9 -37.41 -29.14 -15.61
CA GLY A 9 -37.39 -30.22 -14.64
C GLY A 9 -38.16 -31.43 -15.13
N GLY A 10 -38.76 -32.18 -14.20
CA GLY A 10 -39.37 -33.44 -14.56
C GLY A 10 -38.37 -34.57 -14.43
N LEU A 11 -38.36 -35.50 -15.39
CA LEU A 11 -37.45 -36.63 -15.34
C LEU A 11 -36.88 -36.89 -16.72
N VAL A 12 -35.59 -37.17 -16.77
CA VAL A 12 -34.88 -37.56 -18.00
C VAL A 12 -33.90 -38.66 -17.60
N GLN A 13 -33.50 -39.47 -18.58
CA GLN A 13 -32.63 -40.60 -18.29
C GLN A 13 -31.16 -40.24 -18.50
N PRO A 14 -30.25 -40.98 -17.86
CA PRO A 14 -28.82 -40.73 -18.03
C PRO A 14 -28.41 -40.72 -19.49
N GLY A 15 -27.54 -39.78 -19.84
CA GLY A 15 -27.26 -39.48 -21.23
C GLY A 15 -28.45 -38.77 -21.85
N GLY A 16 -29.10 -37.90 -21.08
CA GLY A 16 -30.29 -37.20 -21.49
C GLY A 16 -30.09 -35.71 -21.64
N SER A 17 -31.21 -35.04 -21.91
CA SER A 17 -31.23 -33.60 -22.15
C SER A 17 -32.47 -32.98 -21.52
N LEU A 18 -32.27 -31.91 -20.76
CA LEU A 18 -33.36 -31.16 -20.15
C LEU A 18 -32.97 -29.69 -20.17
N ARG A 19 -33.66 -28.88 -20.96
CA ARG A 19 -33.30 -27.47 -21.07
C ARG A 19 -34.04 -26.69 -19.99
N LEU A 20 -33.28 -26.12 -19.06
CA LEU A 20 -33.86 -25.36 -17.96
C LEU A 20 -34.06 -23.91 -18.38
N SER A 21 -35.15 -23.32 -17.90
CA SER A 21 -35.54 -21.96 -18.27
C SER A 21 -35.95 -21.22 -17.01
N CYS A 22 -35.45 -20.00 -16.84
CA CYS A 22 -35.74 -19.20 -15.65
C CYS A 22 -36.23 -17.82 -16.09
N ALA A 23 -37.53 -17.56 -15.93
CA ALA A 23 -38.09 -16.25 -16.27
C ALA A 23 -37.67 -15.24 -15.21
N ALA A 24 -38.03 -13.97 -15.41
CA ALA A 24 -37.60 -12.94 -14.46
C ALA A 24 -38.51 -11.72 -14.51
N SER A 25 -39.43 -11.60 -13.57
CA SER A 25 -40.24 -10.41 -13.54
C SER A 25 -39.70 -9.42 -12.51
N GLY A 26 -40.14 -8.16 -12.65
CA GLY A 26 -39.80 -7.12 -11.71
C GLY A 26 -38.47 -6.41 -11.90
N PHE A 27 -37.35 -7.14 -11.95
CA PHE A 27 -36.05 -6.49 -12.08
C PHE A 27 -35.64 -6.33 -13.54
N ASP A 28 -35.01 -5.19 -13.82
CA ASP A 28 -34.50 -4.85 -15.15
C ASP A 28 -33.33 -5.80 -15.42
N SER A 29 -33.58 -6.83 -16.22
CA SER A 29 -32.56 -7.83 -16.55
C SER A 29 -31.48 -7.22 -17.43
N GLY A 30 -30.60 -8.07 -17.93
CA GLY A 30 -29.43 -7.62 -18.69
C GLY A 30 -28.27 -7.19 -17.82
N ALA A 31 -28.54 -6.42 -16.77
CA ALA A 31 -27.50 -5.98 -15.86
C ALA A 31 -27.32 -6.96 -14.71
N TYR A 32 -28.42 -7.37 -14.07
CA TYR A 32 -28.31 -8.28 -12.94
C TYR A 32 -28.07 -9.67 -13.48
N LEU A 33 -26.87 -10.21 -13.20
CA LEU A 33 -26.46 -11.48 -13.77
C LEU A 33 -27.35 -12.61 -13.26
N ARG A 34 -27.55 -13.61 -14.12
CA ARG A 34 -28.33 -14.77 -13.81
C ARG A 34 -27.40 -15.95 -13.53
N HIS A 35 -27.64 -16.63 -12.42
CA HIS A 35 -26.73 -17.66 -11.93
C HIS A 35 -27.52 -18.94 -11.69
N TRP A 36 -26.93 -20.07 -12.07
CA TRP A 36 -27.52 -21.38 -11.88
C TRP A 36 -26.70 -22.11 -10.83
N VAL A 37 -27.38 -22.61 -9.80
CA VAL A 37 -26.75 -23.33 -8.69
C VAL A 37 -27.65 -24.50 -8.30
N ARG A 38 -27.04 -25.65 -8.02
CA ARG A 38 -27.80 -26.84 -7.66
C ARG A 38 -27.66 -27.10 -6.17
N GLN A 39 -28.75 -27.55 -5.57
CA GLN A 39 -28.78 -27.94 -4.17
C GLN A 39 -29.17 -29.41 -4.22
N ALA A 40 -28.18 -30.28 -4.34
CA ALA A 40 -28.43 -31.71 -4.34
C ALA A 40 -29.10 -32.12 -3.04
N PRO A 41 -30.26 -32.78 -3.09
CA PRO A 41 -30.98 -33.11 -1.84
C PRO A 41 -30.10 -33.87 -0.87
N GLY A 42 -30.11 -33.41 0.38
CA GLY A 42 -29.33 -33.98 1.46
C GLY A 42 -27.98 -33.31 1.63
N LYS A 43 -27.31 -33.00 0.52
CA LYS A 43 -26.04 -32.31 0.54
C LYS A 43 -26.30 -30.79 0.41
N GLY A 44 -25.28 -30.02 0.07
CA GLY A 44 -25.35 -28.57 0.00
C GLY A 44 -25.40 -28.03 -1.40
N LEU A 45 -24.92 -26.80 -1.57
CA LEU A 45 -25.02 -26.04 -2.81
C LEU A 45 -23.87 -26.38 -3.77
N GLU A 46 -24.15 -26.22 -5.08
CA GLU A 46 -23.14 -26.45 -6.11
C GLU A 46 -23.42 -25.49 -7.26
N TRP A 47 -22.51 -24.51 -7.45
CA TRP A 47 -22.69 -23.52 -8.50
C TRP A 47 -22.50 -24.17 -9.88
N VAL A 48 -23.48 -23.95 -10.77
CA VAL A 48 -23.42 -24.48 -12.12
C VAL A 48 -22.69 -23.53 -13.06
N ALA A 49 -23.21 -22.32 -13.20
CA ALA A 49 -22.72 -21.39 -14.21
C ALA A 49 -23.29 -20.01 -13.95
N SER A 50 -22.76 -19.03 -14.68
CA SER A 50 -23.24 -17.66 -14.59
C SER A 50 -23.02 -16.99 -15.93
N ILE A 51 -23.85 -16.00 -16.24
CA ILE A 51 -23.71 -15.24 -17.48
C ILE A 51 -24.30 -13.86 -17.25
N TYR A 52 -23.78 -12.88 -17.99
CA TYR A 52 -24.19 -11.49 -17.96
C TYR A 52 -25.18 -11.25 -19.08
N PRO A 53 -26.49 -11.21 -18.81
CA PRO A 53 -27.48 -11.26 -19.91
C PRO A 53 -27.21 -10.29 -21.05
N SER A 54 -27.02 -9.01 -20.76
CA SER A 54 -26.83 -8.01 -21.81
C SER A 54 -25.60 -8.32 -22.66
N TYR A 55 -24.42 -8.38 -22.03
CA TYR A 55 -23.20 -8.62 -22.79
C TYR A 55 -23.00 -10.09 -23.12
N GLY A 56 -23.60 -10.99 -22.35
CA GLY A 56 -23.52 -12.41 -22.62
C GLY A 56 -22.13 -12.97 -22.44
N TYR A 57 -21.61 -12.94 -21.21
CA TYR A 57 -20.28 -13.42 -20.92
C TYR A 57 -20.41 -14.75 -20.18
N THR A 58 -19.92 -15.82 -20.82
CA THR A 58 -20.10 -17.18 -20.34
C THR A 58 -19.14 -17.54 -19.20
N SER A 59 -19.68 -18.21 -18.18
CA SER A 59 -18.90 -18.67 -17.04
C SER A 59 -19.49 -19.98 -16.53
N TYR A 60 -18.72 -21.08 -16.63
CA TYR A 60 -19.17 -22.41 -16.27
C TYR A 60 -18.32 -22.99 -15.15
N ALA A 61 -18.86 -24.02 -14.47
CA ALA A 61 -18.16 -24.74 -13.42
C ALA A 61 -17.59 -26.06 -13.91
N ASP A 62 -16.45 -26.45 -13.30
CA ASP A 62 -15.75 -27.66 -13.73
C ASP A 62 -16.58 -28.92 -13.56
N SER A 63 -17.45 -28.95 -12.55
CA SER A 63 -18.27 -30.14 -12.34
C SER A 63 -19.15 -30.42 -13.55
N VAL A 64 -19.75 -29.37 -14.11
CA VAL A 64 -20.65 -29.51 -15.24
C VAL A 64 -20.03 -29.07 -16.56
N LYS A 65 -18.79 -28.57 -16.55
CA LYS A 65 -18.15 -27.95 -17.72
C LYS A 65 -18.38 -28.71 -19.02
N GLY A 66 -18.88 -27.99 -20.02
CA GLY A 66 -19.14 -28.54 -21.35
C GLY A 66 -20.47 -29.24 -21.48
N ARG A 67 -20.86 -29.99 -20.45
CA ARG A 67 -22.15 -30.68 -20.46
C ARG A 67 -23.30 -29.70 -20.68
N PHE A 68 -23.28 -28.57 -19.97
CA PHE A 68 -24.37 -27.60 -20.04
C PHE A 68 -24.02 -26.43 -20.93
N THR A 69 -25.05 -25.61 -21.19
CA THR A 69 -24.91 -24.40 -22.00
C THR A 69 -25.87 -23.37 -21.43
N ILE A 70 -25.34 -22.22 -21.01
CA ILE A 70 -26.16 -21.16 -20.43
C ILE A 70 -26.35 -20.07 -21.48
N SER A 71 -27.50 -19.40 -21.43
CA SER A 71 -27.82 -18.33 -22.36
C SER A 71 -29.02 -17.57 -21.79
N ALA A 72 -29.38 -16.48 -22.47
CA ALA A 72 -30.47 -15.63 -22.00
C ALA A 72 -30.88 -14.71 -23.14
N ASP A 73 -32.01 -14.03 -22.94
CA ASP A 73 -32.55 -13.09 -23.91
C ASP A 73 -33.06 -11.86 -23.15
N THR A 74 -32.44 -10.71 -23.42
CA THR A 74 -32.85 -9.48 -22.75
C THR A 74 -34.31 -9.12 -23.06
N SER A 75 -34.75 -9.32 -24.30
CA SER A 75 -36.13 -9.04 -24.66
C SER A 75 -37.09 -9.90 -23.84
N LYS A 76 -36.82 -11.20 -23.77
CA LYS A 76 -37.63 -12.11 -22.98
C LYS A 76 -37.44 -11.90 -21.48
N ASN A 77 -36.43 -11.12 -21.06
CA ASN A 77 -36.16 -10.93 -19.64
C ASN A 77 -36.07 -12.27 -18.91
N THR A 78 -35.31 -13.19 -19.52
CA THR A 78 -35.30 -14.58 -19.10
C THR A 78 -33.97 -15.21 -19.48
N ALA A 79 -33.53 -16.16 -18.65
CA ALA A 79 -32.30 -16.91 -18.84
C ALA A 79 -32.61 -18.37 -19.17
N TYR A 80 -31.59 -19.07 -19.68
CA TYR A 80 -31.72 -20.44 -20.15
C TYR A 80 -30.48 -21.24 -19.78
N LEU A 81 -30.69 -22.41 -19.19
CA LEU A 81 -29.61 -23.37 -18.90
C LEU A 81 -29.90 -24.65 -19.68
N GLN A 82 -29.10 -24.89 -20.72
CA GLN A 82 -29.23 -26.08 -21.55
C GLN A 82 -28.47 -27.24 -20.91
N MET A 83 -29.18 -28.28 -20.50
CA MET A 83 -28.56 -29.43 -19.84
C MET A 83 -28.45 -30.57 -20.85
N ASN A 84 -27.22 -30.96 -21.17
CA ASN A 84 -26.96 -32.03 -22.12
C ASN A 84 -25.97 -33.00 -21.51
N SER A 85 -25.97 -34.23 -22.03
CA SER A 85 -25.11 -35.30 -21.53
C SER A 85 -25.30 -35.51 -20.03
N LEU A 86 -26.56 -35.57 -19.61
CA LEU A 86 -26.87 -35.70 -18.20
C LEU A 86 -26.28 -37.00 -17.66
N ARG A 87 -25.70 -36.92 -16.47
CA ARG A 87 -25.16 -38.06 -15.75
C ARG A 87 -25.83 -38.19 -14.39
N ALA A 88 -25.57 -39.30 -13.73
CA ALA A 88 -26.25 -39.61 -12.46
C ALA A 88 -26.04 -38.49 -11.43
N GLU A 89 -24.81 -37.99 -11.31
CA GLU A 89 -24.52 -36.94 -10.32
C GLU A 89 -25.38 -35.70 -10.53
N ASP A 90 -25.79 -35.42 -11.77
CA ASP A 90 -26.55 -34.22 -12.09
C ASP A 90 -27.89 -34.14 -11.35
N THR A 91 -28.37 -35.22 -10.74
CA THR A 91 -29.58 -35.17 -9.95
C THR A 91 -29.46 -34.10 -8.86
N ALA A 92 -30.37 -33.12 -8.88
CA ALA A 92 -30.38 -32.05 -7.89
C ALA A 92 -31.62 -31.19 -8.11
N VAL A 93 -31.90 -30.31 -7.14
CA VAL A 93 -32.88 -29.25 -7.32
C VAL A 93 -32.15 -27.98 -7.76
N TYR A 94 -32.45 -27.52 -8.97
CA TYR A 94 -31.74 -26.41 -9.57
C TYR A 94 -32.34 -25.09 -9.10
N TYR A 95 -31.46 -24.12 -8.84
CA TYR A 95 -31.83 -22.83 -8.27
C TYR A 95 -31.39 -21.72 -9.20
N CYS A 96 -32.21 -20.69 -9.29
CA CYS A 96 -31.94 -19.51 -10.12
C CYS A 96 -31.63 -18.35 -9.19
N ALA A 97 -30.58 -17.59 -9.51
CA ALA A 97 -30.15 -16.51 -8.64
C ALA A 97 -29.65 -15.32 -9.45
N ARG A 98 -29.91 -14.13 -8.91
CA ARG A 98 -29.53 -12.87 -9.52
C ARG A 98 -28.33 -12.25 -8.81
N SER A 99 -27.47 -11.61 -9.57
CA SER A 99 -26.26 -10.97 -9.08
C SER A 99 -26.32 -9.47 -9.39
N ALA A 100 -25.18 -8.81 -9.24
CA ALA A 100 -25.04 -7.36 -9.34
C ALA A 100 -24.94 -6.96 -10.80
N ALA A 101 -24.16 -5.91 -11.08
CA ALA A 101 -24.09 -5.25 -12.39
C ALA A 101 -22.69 -4.70 -12.62
N SER A 102 -22.55 -3.67 -13.47
CA SER A 102 -21.27 -3.02 -13.72
C SER A 102 -20.29 -3.83 -14.57
N TYR A 103 -20.39 -3.67 -15.89
CA TYR A 103 -19.37 -4.20 -16.81
C TYR A 103 -17.96 -4.09 -16.25
N TYR A 104 -17.61 -2.94 -15.66
CA TYR A 104 -16.38 -2.86 -14.89
C TYR A 104 -16.36 -3.90 -13.78
N GLY A 105 -17.43 -3.97 -13.01
CA GLY A 105 -17.61 -4.97 -11.96
C GLY A 105 -17.29 -6.38 -12.41
N TYR A 106 -17.98 -6.86 -13.45
CA TYR A 106 -17.72 -8.21 -13.94
C TYR A 106 -16.27 -8.35 -14.37
N TRP A 107 -15.75 -7.36 -15.09
CA TRP A 107 -14.36 -7.36 -15.51
C TRP A 107 -13.53 -6.85 -14.32
N HIS A 108 -12.27 -6.48 -14.57
CA HIS A 108 -11.38 -5.90 -13.57
C HIS A 108 -11.60 -6.38 -12.13
N TRP A 109 -12.59 -5.79 -11.44
CA TRP A 109 -12.80 -6.08 -9.98
C TRP A 109 -13.71 -7.28 -9.72
N TYR A 110 -13.76 -8.27 -10.59
CA TYR A 110 -14.77 -9.33 -10.41
C TYR A 110 -14.82 -9.95 -9.02
N HIS A 111 -13.63 -10.23 -8.49
CA HIS A 111 -13.56 -10.96 -7.19
C HIS A 111 -14.29 -10.16 -6.11
N PHE A 112 -14.81 -8.99 -6.47
CA PHE A 112 -15.48 -8.15 -5.45
C PHE A 112 -16.97 -8.08 -5.80
N SER A 113 -17.50 -9.18 -6.30
CA SER A 113 -18.89 -9.18 -6.73
C SER A 113 -19.81 -9.35 -5.52
N PRO A 114 -20.96 -8.69 -5.50
CA PRO A 114 -21.94 -8.94 -4.43
C PRO A 114 -22.58 -10.31 -4.59
N GLY A 115 -23.20 -10.76 -3.49
CA GLY A 115 -23.80 -12.07 -3.44
C GLY A 115 -25.09 -12.15 -4.21
N MET A 116 -25.65 -13.37 -4.24
CA MET A 116 -26.91 -13.59 -4.96
C MET A 116 -28.06 -12.96 -4.19
N ASP A 117 -28.37 -11.70 -4.48
CA ASP A 117 -29.36 -10.98 -3.68
C ASP A 117 -30.72 -11.64 -3.80
N TYR A 118 -31.14 -11.99 -5.01
CA TYR A 118 -32.46 -12.55 -5.24
C TYR A 118 -32.31 -13.95 -5.83
N TRP A 119 -32.99 -14.91 -5.23
CA TRP A 119 -32.92 -16.32 -5.58
C TRP A 119 -34.19 -16.75 -6.31
N GLY A 120 -34.20 -17.98 -6.78
CA GLY A 120 -35.42 -18.51 -7.37
C GLY A 120 -36.20 -19.34 -6.36
N GLN A 121 -36.79 -20.43 -6.84
CA GLN A 121 -37.60 -21.28 -5.97
C GLN A 121 -37.28 -22.77 -6.04
N GLY A 122 -36.79 -23.28 -7.17
CA GLY A 122 -36.43 -24.68 -7.31
C GLY A 122 -37.50 -25.49 -8.02
N THR A 123 -37.05 -26.38 -8.90
CA THR A 123 -37.89 -27.34 -9.60
C THR A 123 -37.12 -28.65 -9.67
N LEU A 124 -37.78 -29.75 -9.31
CA LEU A 124 -37.10 -31.04 -9.22
C LEU A 124 -36.55 -31.48 -10.57
N VAL A 125 -35.27 -31.86 -10.57
CA VAL A 125 -34.59 -32.39 -11.76
C VAL A 125 -33.98 -33.73 -11.37
N THR A 126 -34.66 -34.82 -11.72
CA THR A 126 -34.20 -36.19 -11.41
C THR A 126 -33.76 -36.90 -12.69
N VAL A 127 -32.51 -37.34 -12.73
CA VAL A 127 -31.96 -38.16 -13.82
C VAL A 127 -31.79 -39.60 -13.34
N SER A 128 -32.71 -40.50 -13.71
CA SER A 128 -32.57 -41.90 -13.37
C SER A 128 -33.05 -42.79 -14.51
N SER A 129 -32.62 -44.05 -14.48
CA SER A 129 -33.00 -45.08 -15.45
C SER A 129 -34.25 -45.84 -15.00
N ALA A 130 -35.38 -45.13 -14.89
CA ALA A 130 -36.65 -45.77 -14.56
C ALA A 130 -37.79 -44.92 -15.13
N SER A 131 -39.02 -45.27 -14.76
CA SER A 131 -40.20 -44.54 -15.21
C SER A 131 -41.10 -44.25 -14.02
N THR A 132 -42.09 -43.38 -14.23
CA THR A 132 -43.03 -43.02 -13.17
C THR A 132 -43.68 -44.27 -12.57
N LYS A 133 -43.42 -44.49 -11.28
CA LYS A 133 -43.89 -45.70 -10.62
C LYS A 133 -44.66 -45.36 -9.35
N GLY A 134 -45.75 -46.09 -9.10
CA GLY A 134 -46.54 -45.92 -7.91
C GLY A 134 -45.97 -46.72 -6.76
N PRO A 135 -46.01 -46.16 -5.56
CA PRO A 135 -45.39 -46.84 -4.41
C PRO A 135 -46.20 -48.04 -3.94
N SER A 136 -45.52 -48.88 -3.16
CA SER A 136 -46.12 -49.98 -2.42
C SER A 136 -46.17 -49.60 -0.94
N VAL A 137 -47.34 -49.77 -0.32
CA VAL A 137 -47.57 -49.35 1.05
C VAL A 137 -47.79 -50.59 1.92
N PHE A 138 -46.95 -50.76 2.94
CA PHE A 138 -47.03 -51.85 3.89
C PHE A 138 -47.14 -51.31 5.31
N PRO A 139 -47.85 -52.01 6.20
CA PRO A 139 -48.04 -51.50 7.56
C PRO A 139 -46.90 -51.87 8.51
N LEU A 140 -46.69 -51.00 9.50
CA LEU A 140 -45.73 -51.24 10.57
C LEU A 140 -46.46 -51.16 11.92
N ALA A 141 -47.04 -52.32 12.37
CA ALA A 141 -47.88 -52.34 13.57
C ALA A 141 -47.10 -52.80 14.80
N PRO A 142 -47.48 -52.29 15.99
CA PRO A 142 -46.90 -52.80 17.24
C PRO A 142 -47.60 -54.06 17.71
N SER A 143 -47.33 -54.48 18.94
CA SER A 143 -47.99 -55.63 19.54
C SER A 143 -48.48 -55.25 20.93
N SER A 144 -49.01 -56.23 21.67
CA SER A 144 -49.53 -55.97 23.00
C SER A 144 -48.42 -55.92 24.05
N LYS A 145 -47.23 -56.42 23.73
CA LYS A 145 -46.10 -56.27 24.63
C LYS A 145 -45.77 -54.80 24.82
N SER A 146 -45.70 -54.04 23.74
CA SER A 146 -45.45 -52.61 23.85
C SER A 146 -46.65 -51.93 24.52
N THR A 147 -46.61 -51.82 25.85
CA THR A 147 -47.71 -51.20 26.58
C THR A 147 -47.26 -49.93 27.29
N SER A 148 -46.52 -50.11 28.39
CA SER A 148 -45.97 -49.08 29.27
C SER A 148 -46.84 -47.84 29.34
N GLY A 149 -48.11 -48.02 29.73
CA GLY A 149 -49.07 -46.95 29.93
C GLY A 149 -49.04 -45.84 28.91
N GLY A 150 -49.32 -46.13 27.64
CA GLY A 150 -49.35 -45.11 26.64
C GLY A 150 -48.32 -45.18 25.51
N THR A 151 -47.65 -46.31 25.32
CA THR A 151 -46.59 -46.41 24.32
C THR A 151 -46.94 -47.48 23.30
N ALA A 152 -47.26 -47.03 22.10
CA ALA A 152 -47.64 -47.91 21.00
C ALA A 152 -47.23 -47.17 19.74
N ALA A 153 -46.28 -47.73 19.00
CA ALA A 153 -45.74 -47.09 17.81
C ALA A 153 -46.21 -47.86 16.59
N LEU A 154 -46.76 -47.13 15.63
CA LEU A 154 -47.25 -47.73 14.39
C LEU A 154 -47.00 -46.75 13.25
N GLY A 155 -47.02 -47.28 12.03
CA GLY A 155 -46.81 -46.44 10.88
C GLY A 155 -46.94 -47.21 9.60
N CYS A 156 -46.55 -46.53 8.51
CA CYS A 156 -46.66 -47.05 7.16
C CYS A 156 -45.30 -46.99 6.47
N LEU A 157 -45.00 -48.01 5.67
CA LEU A 157 -43.80 -48.06 4.86
C LEU A 157 -44.18 -47.83 3.40
N VAL A 158 -43.73 -46.73 2.84
CA VAL A 158 -43.99 -46.38 1.45
C VAL A 158 -42.73 -46.73 0.66
N LYS A 159 -42.78 -47.85 -0.06
CA LYS A 159 -41.61 -48.45 -0.67
C LYS A 159 -41.69 -48.44 -2.19
N ASP A 160 -40.53 -48.23 -2.82
CA ASP A 160 -40.35 -48.45 -4.26
C ASP A 160 -41.28 -47.57 -5.09
N TYR A 161 -41.04 -46.26 -5.02
CA TYR A 161 -41.73 -45.31 -5.87
C TYR A 161 -40.74 -44.40 -6.56
N PHE A 162 -41.21 -43.73 -7.61
CA PHE A 162 -40.43 -42.78 -8.38
C PHE A 162 -41.38 -41.96 -9.26
N PRO A 163 -41.16 -40.66 -9.41
CA PRO A 163 -40.19 -39.79 -8.71
C PRO A 163 -40.72 -39.15 -7.43
N GLU A 164 -39.84 -38.43 -6.74
CA GLU A 164 -40.24 -37.64 -5.59
C GLU A 164 -41.13 -36.46 -6.03
N PRO A 165 -42.11 -36.07 -5.21
CA PRO A 165 -42.34 -36.46 -3.82
C PRO A 165 -43.55 -37.38 -3.62
N VAL A 166 -43.79 -37.73 -2.37
CA VAL A 166 -45.04 -38.34 -1.94
C VAL A 166 -45.50 -37.61 -0.70
N THR A 167 -46.80 -37.36 -0.63
CA THR A 167 -47.39 -36.76 0.56
C THR A 167 -47.97 -37.88 1.40
N VAL A 168 -47.76 -37.79 2.72
CA VAL A 168 -48.24 -38.78 3.66
C VAL A 168 -49.06 -38.05 4.70
N SER A 169 -50.27 -38.55 4.95
CA SER A 169 -51.15 -38.01 5.96
C SER A 169 -51.69 -39.15 6.80
N TRP A 170 -52.21 -38.81 7.98
CA TRP A 170 -52.68 -39.82 8.92
C TRP A 170 -54.10 -39.49 9.32
N ASN A 171 -55.01 -40.43 9.08
CA ASN A 171 -56.44 -40.25 9.35
C ASN A 171 -56.98 -38.96 8.74
N SER A 172 -56.72 -38.79 7.44
CA SER A 172 -57.12 -37.59 6.69
C SER A 172 -56.60 -36.32 7.34
N GLY A 173 -55.36 -36.38 7.85
CA GLY A 173 -54.72 -35.25 8.47
C GLY A 173 -55.03 -35.08 9.95
N ALA A 174 -56.23 -35.50 10.38
CA ALA A 174 -56.64 -35.40 11.79
C ALA A 174 -55.53 -35.84 12.72
N LEU A 175 -55.03 -37.06 12.54
CA LEU A 175 -53.85 -37.52 13.27
C LEU A 175 -52.63 -36.76 12.75
N THR A 176 -52.16 -35.81 13.53
CA THR A 176 -50.98 -35.02 13.20
C THR A 176 -49.96 -35.00 14.33
N SER A 177 -50.42 -34.91 15.58
CA SER A 177 -49.54 -34.94 16.73
C SER A 177 -48.76 -36.24 16.82
N GLY A 178 -47.43 -36.13 16.87
CA GLY A 178 -46.56 -37.28 17.02
C GLY A 178 -46.05 -37.85 15.70
N VAL A 179 -46.68 -37.48 14.60
CA VAL A 179 -46.34 -38.01 13.28
C VAL A 179 -44.93 -37.60 12.90
N HIS A 180 -44.09 -38.58 12.57
CA HIS A 180 -42.71 -38.35 12.14
C HIS A 180 -42.52 -38.91 10.72
N THR A 181 -43.01 -38.16 9.73
CA THR A 181 -42.79 -38.52 8.33
C THR A 181 -41.31 -38.35 7.98
N PHE A 182 -40.62 -39.47 7.72
CA PHE A 182 -39.19 -39.44 7.44
C PHE A 182 -38.92 -38.93 6.02
N PRO A 183 -37.77 -38.28 5.81
CA PRO A 183 -37.36 -37.94 4.45
C PRO A 183 -37.16 -39.19 3.62
N ALA A 184 -37.34 -39.07 2.32
CA ALA A 184 -37.25 -40.25 1.47
C ALA A 184 -35.81 -40.71 1.31
N VAL A 185 -35.64 -42.01 1.18
CA VAL A 185 -34.36 -42.65 0.85
C VAL A 185 -34.61 -43.57 -0.34
N LEU A 186 -33.56 -43.79 -1.12
CA LEU A 186 -33.63 -44.60 -2.31
C LEU A 186 -33.03 -45.97 -2.03
N GLN A 187 -33.60 -47.00 -2.65
CA GLN A 187 -33.12 -48.37 -2.48
C GLN A 187 -32.03 -48.60 -3.51
N SER A 188 -31.06 -49.46 -3.17
CA SER A 188 -29.87 -49.64 -3.99
C SER A 188 -30.21 -49.83 -5.48
N SER A 189 -31.29 -50.57 -5.75
CA SER A 189 -31.77 -50.74 -7.13
C SER A 189 -32.12 -49.41 -7.78
N GLY A 190 -32.49 -48.40 -7.01
CA GLY A 190 -32.90 -47.14 -7.61
C GLY A 190 -34.39 -46.82 -7.58
N LEU A 191 -35.00 -46.99 -6.41
CA LEU A 191 -36.41 -46.67 -6.19
C LEU A 191 -36.56 -46.03 -4.82
N TYR A 192 -37.41 -45.01 -4.74
CA TYR A 192 -37.56 -44.24 -3.51
C TYR A 192 -38.33 -45.02 -2.44
N SER A 193 -37.95 -44.81 -1.18
CA SER A 193 -38.53 -45.53 -0.06
C SER A 193 -38.43 -44.69 1.21
N LEU A 194 -39.56 -44.51 1.91
CA LEU A 194 -39.55 -43.82 3.18
C LEU A 194 -40.42 -44.58 4.18
N SER A 195 -40.49 -44.06 5.40
CA SER A 195 -41.36 -44.58 6.44
C SER A 195 -42.05 -43.42 7.14
N SER A 196 -43.28 -43.65 7.60
CA SER A 196 -44.00 -42.66 8.37
C SER A 196 -44.65 -43.35 9.56
N VAL A 197 -44.37 -42.85 10.77
CA VAL A 197 -44.80 -43.49 12.01
C VAL A 197 -45.51 -42.46 12.89
N VAL A 198 -46.24 -42.97 13.88
CA VAL A 198 -46.86 -42.13 14.89
C VAL A 198 -47.04 -42.95 16.17
N THR A 199 -46.85 -42.30 17.31
CA THR A 199 -46.98 -42.93 18.62
C THR A 199 -48.36 -42.63 19.21
N VAL A 200 -48.97 -43.65 19.80
CA VAL A 200 -50.31 -43.54 20.38
C VAL A 200 -50.32 -44.22 21.74
N PRO A 201 -51.22 -43.81 22.63
CA PRO A 201 -51.35 -44.51 23.91
C PRO A 201 -51.88 -45.93 23.74
N SER A 202 -51.31 -46.85 24.51
CA SER A 202 -51.73 -48.25 24.42
C SER A 202 -53.05 -48.50 25.12
N SER A 203 -54.06 -47.67 24.85
CA SER A 203 -55.40 -47.90 25.39
C SER A 203 -56.42 -47.88 24.26
N SER A 204 -56.31 -46.85 23.41
CA SER A 204 -57.15 -46.60 22.25
C SER A 204 -56.79 -47.45 21.05
N LEU A 205 -55.71 -48.24 21.14
CA LEU A 205 -55.13 -48.97 20.01
C LEU A 205 -56.16 -49.54 19.03
N GLY A 206 -57.09 -50.36 19.49
CA GLY A 206 -58.14 -50.85 18.62
C GLY A 206 -59.24 -49.84 18.37
N THR A 207 -59.69 -49.17 19.45
CA THR A 207 -60.75 -48.17 19.36
C THR A 207 -60.46 -47.12 18.30
N GLN A 208 -59.22 -46.62 18.28
CA GLN A 208 -58.83 -45.58 17.35
C GLN A 208 -58.37 -46.21 16.05
N THR A 209 -58.91 -45.73 14.94
CA THR A 209 -58.49 -46.19 13.64
C THR A 209 -57.30 -45.38 13.16
N TYR A 210 -56.50 -46.00 12.29
CA TYR A 210 -55.26 -45.38 11.82
C TYR A 210 -55.20 -45.62 10.33
N ILE A 211 -55.46 -44.58 9.55
CA ILE A 211 -55.43 -44.68 8.09
C ILE A 211 -54.35 -43.71 7.65
N CYS A 212 -53.29 -44.25 7.07
CA CYS A 212 -52.24 -43.41 6.52
C CYS A 212 -52.62 -43.10 5.08
N ASN A 213 -52.75 -41.82 4.78
CA ASN A 213 -53.14 -41.36 3.46
C ASN A 213 -51.87 -41.01 2.72
N VAL A 214 -51.55 -41.78 1.69
CA VAL A 214 -50.35 -41.57 0.90
C VAL A 214 -50.81 -41.11 -0.47
N ASN A 215 -50.05 -40.19 -1.04
CA ASN A 215 -50.36 -39.69 -2.37
C ASN A 215 -49.07 -39.59 -3.16
N HIS A 216 -49.08 -40.13 -4.37
CA HIS A 216 -47.94 -40.04 -5.28
C HIS A 216 -48.49 -39.33 -6.51
N LYS A 217 -48.57 -38.01 -6.42
CA LYS A 217 -49.00 -37.20 -7.56
C LYS A 217 -48.27 -37.53 -8.85
N PRO A 218 -46.92 -37.73 -8.86
CA PRO A 218 -46.22 -38.11 -10.10
C PRO A 218 -46.93 -39.18 -10.92
N SER A 219 -47.42 -40.24 -10.27
CA SER A 219 -48.16 -41.29 -10.96
C SER A 219 -49.62 -41.33 -10.55
N ASN A 220 -50.13 -40.21 -10.02
CA ASN A 220 -51.52 -40.05 -9.60
C ASN A 220 -52.01 -41.28 -8.81
N THR A 221 -51.23 -41.64 -7.80
CA THR A 221 -51.56 -42.78 -6.95
C THR A 221 -52.03 -42.22 -5.62
N LYS A 222 -53.12 -42.76 -5.10
CA LYS A 222 -53.71 -42.27 -3.85
C LYS A 222 -54.05 -43.52 -3.03
N VAL A 223 -53.21 -43.79 -2.03
CA VAL A 223 -53.38 -44.98 -1.20
C VAL A 223 -53.91 -44.55 0.16
N ASP A 224 -55.00 -45.18 0.60
CA ASP A 224 -55.66 -44.86 1.86
C ASP A 224 -55.82 -46.11 2.72
N LYS A 225 -54.71 -46.73 3.10
CA LYS A 225 -54.75 -48.00 3.84
C LYS A 225 -54.71 -47.76 5.35
N LYS A 226 -55.40 -48.64 6.08
CA LYS A 226 -55.49 -48.58 7.54
C LYS A 226 -54.54 -49.57 8.21
N VAL A 227 -53.94 -49.15 9.32
CA VAL A 227 -53.00 -49.97 10.10
C VAL A 227 -53.70 -50.52 11.34
N GLU A 228 -53.96 -51.83 11.35
CA GLU A 228 -54.54 -52.69 12.38
C GLU A 228 -53.46 -53.33 13.26
N PRO A 229 -53.70 -53.46 14.57
CA PRO A 229 -52.77 -54.20 15.42
C PRO A 229 -52.72 -55.68 15.06
N LYS A 230 -51.52 -56.25 15.12
CA LYS A 230 -51.33 -57.65 14.76
C LYS A 230 -51.11 -58.55 15.96
N THR B 5 -15.33 -24.60 1.37
CA THR B 5 -14.88 -25.43 2.49
C THR B 5 -14.99 -24.69 3.82
N GLN B 6 -15.67 -25.29 4.78
CA GLN B 6 -15.83 -24.71 6.11
C GLN B 6 -15.24 -25.66 7.14
N SER B 7 -14.61 -25.09 8.18
CA SER B 7 -14.04 -25.96 9.21
C SER B 7 -15.14 -26.60 10.03
N PRO B 8 -16.20 -25.90 10.44
CA PRO B 8 -17.35 -26.57 11.03
C PRO B 8 -18.31 -27.06 9.96
N SER B 9 -19.02 -28.14 10.28
CA SER B 9 -20.02 -28.66 9.36
C SER B 9 -21.37 -28.83 10.06
N SER B 10 -21.33 -29.05 11.37
CA SER B 10 -22.53 -29.24 12.16
C SER B 10 -22.21 -28.81 13.59
N LEU B 11 -23.01 -27.91 14.14
CA LEU B 11 -22.75 -27.35 15.45
C LEU B 11 -24.03 -27.31 16.27
N SER B 12 -23.89 -26.89 17.52
CA SER B 12 -25.01 -26.82 18.43
C SER B 12 -24.71 -25.77 19.50
N ALA B 13 -25.75 -25.04 19.89
CA ALA B 13 -25.68 -24.05 20.94
C ALA B 13 -27.11 -23.81 21.45
N SER B 14 -27.29 -22.76 22.24
CA SER B 14 -28.59 -22.47 22.82
C SER B 14 -28.96 -21.03 22.47
N VAL B 15 -30.23 -20.69 22.78
CA VAL B 15 -30.72 -19.34 22.55
C VAL B 15 -29.86 -18.35 23.33
N GLY B 16 -29.45 -17.28 22.65
CA GLY B 16 -28.62 -16.24 23.23
C GLY B 16 -27.13 -16.51 23.22
N ASP B 17 -26.72 -17.76 23.00
CA ASP B 17 -25.29 -18.10 23.01
C ASP B 17 -24.60 -17.54 21.77
N ARG B 18 -23.59 -16.71 21.98
CA ARG B 18 -22.75 -16.19 20.90
C ARG B 18 -22.01 -17.35 20.23
N VAL B 19 -22.19 -17.50 18.92
CA VAL B 19 -21.63 -18.63 18.19
C VAL B 19 -20.71 -18.12 17.09
N THR B 20 -19.77 -18.96 16.66
CA THR B 20 -18.80 -18.60 15.63
C THR B 20 -18.79 -19.68 14.54
N ILE B 21 -19.17 -19.29 13.32
CA ILE B 21 -19.13 -20.15 12.15
C ILE B 21 -17.94 -19.75 11.29
N THR B 22 -17.20 -20.75 10.81
CA THR B 22 -15.98 -20.53 10.04
C THR B 22 -16.15 -21.11 8.64
N CYS B 23 -15.26 -20.71 7.72
CA CYS B 23 -15.29 -21.27 6.37
C CYS B 23 -13.94 -21.02 5.72
N ARG B 24 -13.28 -22.09 5.28
CA ARG B 24 -11.98 -21.98 4.63
C ARG B 24 -12.09 -21.30 3.27
N ALA B 25 -11.05 -20.55 2.92
CA ALA B 25 -11.00 -19.75 1.70
C ALA B 25 -9.84 -20.21 0.82
N SER B 26 -9.79 -19.64 -0.38
CA SER B 26 -8.73 -19.87 -1.35
C SER B 26 -7.62 -18.84 -1.24
N GLN B 27 -7.76 -17.89 -0.33
CA GLN B 27 -6.78 -16.82 -0.09
C GLN B 27 -6.73 -15.91 -1.31
N SER B 28 -5.83 -16.19 -2.27
CA SER B 28 -5.66 -15.32 -3.42
C SER B 28 -5.49 -13.86 -3.00
N VAL B 29 -6.60 -13.13 -3.02
CA VAL B 29 -6.66 -11.72 -2.62
C VAL B 29 -7.88 -11.56 -1.74
N SER B 30 -7.87 -10.50 -0.91
CA SER B 30 -9.00 -10.26 -0.03
C SER B 30 -10.25 -10.13 -0.90
N SER B 31 -11.11 -11.14 -0.85
CA SER B 31 -12.20 -11.27 -1.80
C SER B 31 -13.55 -11.11 -1.12
N ALA B 32 -14.61 -11.39 -1.87
CA ALA B 32 -15.98 -11.21 -1.36
C ALA B 32 -16.34 -12.28 -0.33
N VAL B 33 -17.27 -11.91 0.55
CA VAL B 33 -17.73 -12.80 1.62
C VAL B 33 -19.24 -12.66 1.79
N ALA B 34 -20.00 -13.50 1.09
CA ALA B 34 -21.46 -13.51 1.20
C ALA B 34 -21.91 -14.84 1.79
N TRP B 35 -22.66 -14.78 2.88
CA TRP B 35 -23.24 -15.96 3.51
C TRP B 35 -24.76 -15.96 3.30
N TYR B 36 -25.33 -17.16 3.24
CA TYR B 36 -26.74 -17.34 2.96
C TYR B 36 -27.37 -18.19 4.06
N GLN B 37 -28.61 -17.84 4.41
CA GLN B 37 -29.36 -18.57 5.44
C GLN B 37 -30.38 -19.44 4.71
N GLN B 38 -30.02 -20.70 4.50
CA GLN B 38 -30.93 -21.67 3.87
C GLN B 38 -31.74 -22.33 4.98
N LYS B 39 -32.90 -21.75 5.27
CA LYS B 39 -33.80 -22.39 6.22
C LYS B 39 -34.24 -23.74 5.65
N PRO B 40 -34.11 -24.83 6.42
CA PRO B 40 -34.45 -26.16 5.88
C PRO B 40 -35.83 -26.26 5.26
N GLY B 41 -35.82 -26.58 3.97
CA GLY B 41 -37.01 -26.75 3.15
C GLY B 41 -37.45 -25.51 2.41
N LYS B 42 -36.81 -24.36 2.65
CA LYS B 42 -37.11 -23.16 1.87
C LYS B 42 -35.92 -22.96 0.91
N ALA B 43 -35.73 -21.73 0.42
CA ALA B 43 -34.71 -21.37 -0.57
C ALA B 43 -33.65 -20.48 0.07
N PRO B 44 -32.40 -20.59 -0.36
CA PRO B 44 -31.34 -19.75 0.22
C PRO B 44 -31.68 -18.27 0.18
N LYS B 45 -31.46 -17.59 1.31
CA LYS B 45 -31.72 -16.16 1.47
C LYS B 45 -30.48 -15.43 1.96
N LEU B 46 -30.14 -14.32 1.29
CA LEU B 46 -29.01 -13.51 1.70
C LEU B 46 -29.31 -12.73 2.97
N LEU B 47 -28.32 -12.62 3.86
CA LEU B 47 -28.54 -11.96 5.13
C LEU B 47 -28.84 -10.48 4.89
N ILE B 48 -27.82 -9.65 4.66
CA ILE B 48 -27.95 -8.34 4.02
C ILE B 48 -26.51 -7.81 3.96
N TYR B 49 -26.25 -6.80 3.13
CA TYR B 49 -24.95 -6.15 3.09
C TYR B 49 -25.09 -4.79 3.79
N SER B 50 -24.50 -4.68 4.99
CA SER B 50 -24.66 -3.48 5.80
C SER B 50 -23.40 -3.06 6.53
N ALA B 51 -22.21 -3.43 6.02
CA ALA B 51 -20.91 -3.13 6.61
C ALA B 51 -20.70 -4.04 7.80
N SER B 52 -21.43 -3.80 8.89
CA SER B 52 -21.34 -4.70 10.03
C SER B 52 -22.08 -6.00 9.75
N ASP B 53 -23.06 -5.94 8.85
CA ASP B 53 -23.81 -7.07 8.33
C ASP B 53 -24.83 -7.52 9.37
N LEU B 54 -26.07 -7.74 8.93
CA LEU B 54 -27.21 -8.10 9.80
C LEU B 54 -28.36 -8.55 8.90
N TYR B 55 -29.54 -8.74 9.49
CA TYR B 55 -30.75 -8.96 8.67
C TYR B 55 -31.98 -8.22 9.22
N SER B 56 -31.82 -7.01 9.74
CA SER B 56 -32.94 -6.35 10.44
C SER B 56 -32.74 -4.83 10.38
N GLY B 57 -33.40 -4.10 11.27
CA GLY B 57 -33.23 -2.66 11.29
C GLY B 57 -31.84 -2.20 11.68
N VAL B 58 -30.88 -2.55 10.84
CA VAL B 58 -29.47 -2.16 10.92
C VAL B 58 -28.88 -2.69 12.23
N PRO B 59 -29.27 -3.91 12.67
CA PRO B 59 -28.77 -4.42 13.96
C PRO B 59 -27.39 -5.03 13.80
N SER B 60 -26.93 -5.76 14.80
CA SER B 60 -25.71 -6.53 14.68
C SER B 60 -26.03 -7.97 14.29
N ARG B 61 -26.75 -8.71 15.15
CA ARG B 61 -27.20 -10.07 14.92
C ARG B 61 -26.19 -10.92 14.15
N PHE B 62 -26.37 -11.05 12.84
CA PHE B 62 -25.45 -11.83 12.02
C PHE B 62 -24.36 -10.88 11.58
N SER B 63 -23.23 -10.90 12.28
CA SER B 63 -22.12 -9.99 11.99
C SER B 63 -20.88 -10.82 11.69
N GLY B 64 -20.06 -10.31 10.78
CA GLY B 64 -18.85 -11.03 10.39
C GLY B 64 -17.70 -10.14 10.01
N SER B 65 -16.54 -10.78 9.90
CA SER B 65 -15.27 -10.16 9.52
C SER B 65 -14.45 -11.23 8.81
N ARG B 66 -13.13 -11.01 8.71
CA ARG B 66 -12.20 -11.93 8.08
C ARG B 66 -11.13 -12.32 9.09
N SER B 67 -10.79 -13.61 9.11
CA SER B 67 -9.74 -14.11 10.01
C SER B 67 -8.90 -15.12 9.25
N GLY B 68 -7.78 -14.66 8.70
CA GLY B 68 -6.86 -15.58 8.04
C GLY B 68 -7.42 -16.15 6.76
N THR B 69 -7.09 -17.42 6.52
CA THR B 69 -7.57 -18.14 5.34
C THR B 69 -9.02 -18.56 5.51
N ASP B 70 -9.71 -17.98 6.49
CA ASP B 70 -11.11 -18.26 6.74
C ASP B 70 -11.85 -16.95 6.97
N PHE B 71 -13.17 -17.04 7.06
CA PHE B 71 -14.06 -15.93 7.35
C PHE B 71 -15.04 -16.36 8.43
N THR B 72 -15.70 -15.38 9.05
CA THR B 72 -16.54 -15.66 10.21
C THR B 72 -17.87 -14.94 10.10
N LEU B 73 -18.84 -15.43 10.88
CA LEU B 73 -20.21 -14.90 10.89
C LEU B 73 -20.80 -14.83 12.30
N THR B 74 -19.95 -14.81 13.34
CA THR B 74 -20.37 -14.75 14.74
C THR B 74 -21.58 -13.87 15.05
N ILE B 75 -22.69 -14.49 15.48
CA ILE B 75 -23.87 -13.77 15.94
C ILE B 75 -23.82 -13.72 17.46
N SER B 76 -24.30 -12.61 18.03
CA SER B 76 -24.15 -12.41 19.47
C SER B 76 -25.29 -13.00 20.30
N SER B 77 -26.50 -12.50 20.11
CA SER B 77 -27.67 -12.93 20.86
C SER B 77 -28.51 -13.87 20.00
N LEU B 78 -28.27 -15.16 20.13
CA LEU B 78 -28.96 -16.16 19.30
C LEU B 78 -30.45 -16.19 19.57
N GLN B 79 -31.26 -16.08 18.51
CA GLN B 79 -32.71 -16.16 18.57
C GLN B 79 -33.22 -17.36 17.79
N PRO B 80 -34.41 -17.87 18.15
CA PRO B 80 -34.93 -19.10 17.48
C PRO B 80 -34.92 -19.11 15.95
N GLU B 81 -35.37 -18.03 15.30
CA GLU B 81 -35.45 -18.02 13.83
C GLU B 81 -34.13 -18.43 13.18
N ASP B 82 -33.01 -17.92 13.70
CA ASP B 82 -31.70 -18.09 13.08
C ASP B 82 -31.33 -19.55 12.81
N PHE B 83 -31.83 -20.48 13.63
CA PHE B 83 -31.44 -21.88 13.47
C PHE B 83 -31.72 -22.40 12.06
N ALA B 84 -30.64 -22.63 11.30
CA ALA B 84 -30.70 -23.09 9.92
C ALA B 84 -29.32 -23.56 9.50
N THR B 85 -29.08 -23.70 8.20
CA THR B 85 -27.75 -23.99 7.69
C THR B 85 -27.22 -22.75 6.97
N TYR B 86 -25.89 -22.64 6.93
CA TYR B 86 -25.23 -21.45 6.41
C TYR B 86 -24.07 -21.85 5.51
N TYR B 87 -23.92 -21.11 4.42
CA TYR B 87 -22.89 -21.38 3.42
C TYR B 87 -22.12 -20.09 3.13
N CYS B 88 -20.81 -20.20 2.96
CA CYS B 88 -19.97 -19.06 2.64
C CYS B 88 -19.67 -19.06 1.14
N GLN B 89 -19.82 -17.91 0.51
CA GLN B 89 -19.68 -17.83 -0.93
C GLN B 89 -18.64 -16.77 -1.29
N GLN B 90 -17.92 -17.01 -2.38
CA GLN B 90 -16.85 -16.13 -2.83
C GLN B 90 -16.92 -16.00 -4.35
N TYR B 91 -16.13 -15.08 -4.89
CA TYR B 91 -15.99 -14.93 -6.34
C TYR B 91 -14.50 -15.02 -6.66
N VAL B 92 -14.10 -16.11 -7.33
CA VAL B 92 -12.70 -16.26 -7.71
C VAL B 92 -12.40 -15.32 -8.88
N SER B 93 -11.14 -14.87 -8.94
CA SER B 93 -10.68 -14.01 -10.02
C SER B 93 -10.03 -14.79 -11.15
N GLY B 94 -10.46 -16.03 -11.37
CA GLY B 94 -9.96 -16.85 -12.45
C GLY B 94 -10.83 -16.80 -13.68
N GLY B 95 -11.72 -17.77 -13.83
CA GLY B 95 -12.66 -17.78 -14.93
C GLY B 95 -14.04 -17.33 -14.50
N TRP B 96 -14.08 -16.36 -13.58
CA TRP B 96 -15.33 -15.85 -13.00
C TRP B 96 -16.15 -16.96 -12.37
N LEU B 97 -15.48 -17.98 -11.84
CA LEU B 97 -16.13 -19.11 -11.23
C LEU B 97 -16.60 -18.75 -9.82
N ILE B 98 -17.41 -19.63 -9.23
CA ILE B 98 -18.02 -19.39 -7.93
C ILE B 98 -17.82 -20.64 -7.08
N THR B 99 -17.03 -20.51 -6.02
CA THR B 99 -16.85 -21.62 -5.09
C THR B 99 -17.93 -21.54 -4.00
N PHE B 100 -18.01 -22.61 -3.22
CA PHE B 100 -19.03 -22.69 -2.17
C PHE B 100 -18.44 -23.40 -0.96
N GLY B 101 -18.96 -23.06 0.21
CA GLY B 101 -18.56 -23.75 1.40
C GLY B 101 -19.25 -25.10 1.58
N GLN B 102 -18.66 -25.93 2.44
CA GLN B 102 -19.19 -27.26 2.67
C GLN B 102 -20.62 -27.19 3.20
N GLY B 103 -20.90 -26.24 4.07
CA GLY B 103 -22.22 -26.12 4.66
C GLY B 103 -22.25 -26.52 6.12
N THR B 104 -22.53 -25.55 6.99
CA THR B 104 -22.64 -25.78 8.42
C THR B 104 -24.10 -25.75 8.84
N LYS B 105 -24.42 -26.48 9.89
CA LYS B 105 -25.78 -26.59 10.40
C LYS B 105 -25.78 -26.22 11.89
N VAL B 106 -26.92 -25.73 12.37
CA VAL B 106 -27.05 -25.28 13.75
C VAL B 106 -28.15 -26.09 14.44
N GLU B 107 -27.83 -26.68 15.59
CA GLU B 107 -28.78 -27.47 16.37
C GLU B 107 -28.99 -26.86 17.75
N ILE B 108 -30.20 -27.07 18.28
CA ILE B 108 -30.59 -26.58 19.60
C ILE B 108 -30.09 -27.58 20.65
N LYS B 109 -29.12 -27.15 21.46
CA LYS B 109 -28.58 -28.00 22.51
C LYS B 109 -29.63 -28.35 23.56
N ARG B 110 -30.06 -29.60 23.57
CA ARG B 110 -31.10 -30.09 24.48
C ARG B 110 -30.50 -31.16 25.38
N THR B 111 -31.08 -31.32 26.56
CA THR B 111 -30.62 -32.32 27.52
C THR B 111 -30.55 -33.69 26.87
N VAL B 112 -29.56 -34.49 27.28
CA VAL B 112 -29.33 -35.80 26.69
C VAL B 112 -30.63 -36.60 26.73
N ALA B 113 -31.03 -37.11 25.56
CA ALA B 113 -32.33 -37.74 25.37
C ALA B 113 -32.18 -39.24 25.13
N ALA B 114 -33.21 -39.99 25.53
CA ALA B 114 -33.20 -41.45 25.48
C ALA B 114 -33.74 -41.95 24.14
N PRO B 115 -33.01 -42.86 23.47
CA PRO B 115 -33.52 -43.41 22.19
C PRO B 115 -34.57 -44.46 22.44
N SER B 116 -35.84 -44.08 22.50
CA SER B 116 -36.91 -45.07 22.57
C SER B 116 -37.01 -45.80 21.24
N VAL B 117 -36.82 -47.12 21.28
CA VAL B 117 -36.70 -47.95 20.09
C VAL B 117 -37.86 -48.95 20.06
N PHE B 118 -38.51 -49.05 18.90
CA PHE B 118 -39.56 -50.04 18.66
C PHE B 118 -39.27 -50.67 17.31
N ILE B 119 -39.09 -51.99 17.29
CA ILE B 119 -38.73 -52.70 16.06
C ILE B 119 -39.98 -53.19 15.37
N PHE B 120 -39.90 -53.28 14.04
CA PHE B 120 -41.08 -53.64 13.24
C PHE B 120 -40.76 -54.83 12.34
N PRO B 121 -41.49 -55.93 12.46
CA PRO B 121 -41.31 -57.05 11.53
C PRO B 121 -41.99 -56.79 10.19
N PRO B 122 -41.39 -57.26 9.09
CA PRO B 122 -42.03 -57.09 7.77
C PRO B 122 -43.43 -57.67 7.72
N SER B 123 -44.36 -56.88 7.20
CA SER B 123 -45.75 -57.30 7.05
C SER B 123 -45.87 -58.54 6.16
N ASP B 124 -46.84 -59.40 6.48
CA ASP B 124 -47.04 -60.61 5.70
C ASP B 124 -47.40 -60.31 4.25
N SER B 125 -48.16 -59.24 4.01
CA SER B 125 -48.47 -58.83 2.65
C SER B 125 -47.22 -58.59 1.80
N GLN B 126 -46.22 -57.92 2.39
CA GLN B 126 -44.97 -57.66 1.67
C GLN B 126 -44.24 -58.95 1.32
N LEU B 127 -44.18 -59.89 2.27
CA LEU B 127 -43.46 -61.15 2.04
C LEU B 127 -43.93 -61.86 0.79
N LYS B 128 -45.22 -61.74 0.44
CA LYS B 128 -45.73 -62.30 -0.80
C LYS B 128 -44.90 -61.83 -2.00
N SER B 129 -44.60 -60.54 -2.07
CA SER B 129 -43.81 -60.01 -3.18
C SER B 129 -42.44 -60.67 -3.27
N GLY B 130 -41.87 -61.07 -2.15
CA GLY B 130 -40.56 -61.68 -2.10
C GLY B 130 -39.49 -60.82 -1.46
N THR B 131 -39.87 -59.72 -0.84
CA THR B 131 -38.95 -58.81 -0.19
C THR B 131 -39.36 -58.67 1.27
N ALA B 132 -38.38 -58.52 2.15
CA ALA B 132 -38.63 -58.42 3.59
C ALA B 132 -37.91 -57.19 4.10
N SER B 133 -38.68 -56.23 4.63
CA SER B 133 -38.13 -55.00 5.16
C SER B 133 -38.43 -54.92 6.63
N VAL B 134 -37.40 -55.05 7.45
CA VAL B 134 -37.51 -54.85 8.90
C VAL B 134 -36.95 -53.47 9.22
N VAL B 135 -37.74 -52.66 9.91
CA VAL B 135 -37.40 -51.27 10.16
C VAL B 135 -37.24 -51.06 11.66
N CYS B 136 -36.31 -50.18 12.03
CA CYS B 136 -36.01 -49.87 13.41
C CYS B 136 -36.12 -48.37 13.61
N LEU B 137 -36.86 -47.95 14.63
CA LEU B 137 -37.16 -46.56 14.89
C LEU B 137 -36.47 -46.09 16.17
N LEU B 138 -35.75 -44.98 16.08
CA LEU B 138 -35.12 -44.32 17.22
C LEU B 138 -35.87 -43.01 17.48
N ASN B 139 -36.94 -43.10 18.27
CA ASN B 139 -37.86 -41.98 18.47
C ASN B 139 -37.33 -40.97 19.48
N ASN B 140 -37.37 -39.70 19.10
CA ASN B 140 -37.19 -38.53 19.99
C ASN B 140 -35.94 -38.64 20.87
N PHE B 141 -34.78 -38.62 20.21
CA PHE B 141 -33.51 -38.69 20.91
C PHE B 141 -32.59 -37.56 20.44
N TYR B 142 -31.59 -37.24 21.25
CA TYR B 142 -30.60 -36.21 21.00
C TYR B 142 -29.41 -36.54 21.89
N PRO B 143 -28.19 -36.63 21.35
CA PRO B 143 -27.75 -36.16 20.04
C PRO B 143 -28.09 -37.04 18.83
N ARG B 144 -28.11 -36.40 17.66
CA ARG B 144 -28.28 -37.14 16.40
C ARG B 144 -27.22 -38.24 16.28
N GLU B 145 -26.01 -37.94 16.74
CA GLU B 145 -24.91 -38.90 16.65
C GLU B 145 -25.25 -40.17 17.41
N ALA B 146 -25.30 -41.29 16.70
CA ALA B 146 -25.62 -42.57 17.28
C ALA B 146 -25.11 -43.67 16.34
N LYS B 147 -25.37 -44.91 16.71
CA LYS B 147 -24.89 -46.07 15.95
C LYS B 147 -25.90 -47.20 16.07
N VAL B 148 -26.49 -47.59 14.94
CA VAL B 148 -27.48 -48.65 14.87
C VAL B 148 -26.82 -49.89 14.28
N GLN B 149 -27.09 -51.05 14.89
CA GLN B 149 -26.51 -52.31 14.46
C GLN B 149 -27.63 -53.31 14.21
N TRP B 150 -27.55 -54.01 13.08
CA TRP B 150 -28.50 -55.08 12.73
C TRP B 150 -27.83 -56.43 12.88
N LYS B 151 -28.37 -57.27 13.75
CA LYS B 151 -27.89 -58.64 13.93
C LYS B 151 -29.03 -59.60 13.69
N VAL B 152 -28.85 -60.50 12.73
CA VAL B 152 -29.85 -61.53 12.41
C VAL B 152 -29.26 -62.85 12.87
N ASP B 153 -29.95 -63.53 13.78
CA ASP B 153 -29.42 -64.72 14.45
C ASP B 153 -28.03 -64.44 15.00
N ASN B 154 -27.90 -63.31 15.70
CA ASN B 154 -26.64 -62.85 16.29
C ASN B 154 -25.53 -62.72 15.25
N ALA B 155 -25.87 -62.38 14.01
CA ALA B 155 -24.89 -62.16 12.95
C ALA B 155 -25.04 -60.73 12.49
N LEU B 156 -24.02 -59.91 12.75
CA LEU B 156 -24.05 -58.50 12.39
C LEU B 156 -24.24 -58.35 10.89
N GLN B 157 -25.19 -57.49 10.50
CA GLN B 157 -25.50 -57.27 9.11
C GLN B 157 -24.69 -56.13 8.51
N SER B 158 -24.21 -56.34 7.29
CA SER B 158 -23.40 -55.36 6.58
C SER B 158 -23.91 -55.24 5.15
N GLY B 159 -23.97 -54.00 4.66
CA GLY B 159 -24.44 -53.71 3.31
C GLY B 159 -25.82 -54.23 3.01
N ASN B 160 -26.75 -53.98 3.92
CA ASN B 160 -28.12 -54.41 3.71
C ASN B 160 -29.16 -53.48 4.35
N SER B 161 -28.77 -52.36 4.95
CA SER B 161 -29.68 -51.49 5.67
C SER B 161 -29.56 -50.04 5.18
N GLN B 162 -30.67 -49.31 5.28
CA GLN B 162 -30.75 -47.90 4.91
C GLN B 162 -31.32 -47.08 6.06
N GLU B 163 -30.84 -45.84 6.20
CA GLU B 163 -31.17 -45.00 7.34
C GLU B 163 -31.76 -43.67 6.89
N SER B 164 -32.64 -43.12 7.74
CA SER B 164 -33.27 -41.83 7.48
C SER B 164 -33.51 -41.10 8.80
N VAL B 165 -33.24 -39.80 8.80
CA VAL B 165 -33.36 -38.95 9.98
C VAL B 165 -34.31 -37.81 9.66
N THR B 166 -35.20 -37.49 10.59
CA THR B 166 -36.08 -36.35 10.38
C THR B 166 -35.33 -35.05 10.69
N GLU B 167 -36.05 -33.95 10.55
CA GLU B 167 -35.47 -32.70 11.00
C GLU B 167 -35.92 -32.42 12.42
N GLN B 168 -35.14 -31.58 13.10
CA GLN B 168 -35.38 -31.34 14.52
C GLN B 168 -36.82 -30.90 14.79
N ASP B 169 -37.40 -31.49 15.82
CA ASP B 169 -38.76 -31.15 16.19
C ASP B 169 -38.76 -29.71 16.66
N SER B 170 -39.86 -29.00 16.39
CA SER B 170 -39.85 -27.56 16.64
C SER B 170 -39.98 -27.19 18.11
N LYS B 171 -40.52 -28.06 18.96
CA LYS B 171 -40.61 -27.74 20.38
C LYS B 171 -39.43 -28.27 21.21
N ASP B 172 -39.20 -29.58 21.19
CA ASP B 172 -38.19 -30.23 22.03
C ASP B 172 -36.84 -30.40 21.35
N SER B 173 -36.74 -30.16 20.04
CA SER B 173 -35.48 -30.24 19.30
C SER B 173 -34.85 -31.62 19.33
N THR B 174 -35.66 -32.67 19.25
CA THR B 174 -35.16 -34.02 19.17
C THR B 174 -35.10 -34.46 17.70
N TYR B 175 -34.75 -35.72 17.50
CA TYR B 175 -34.70 -36.34 16.18
C TYR B 175 -35.42 -37.67 16.22
N SER B 176 -35.90 -38.09 15.05
CA SER B 176 -36.44 -39.42 14.86
C SER B 176 -35.66 -40.07 13.72
N LEU B 177 -35.27 -41.32 13.93
CA LEU B 177 -34.42 -42.02 12.97
C LEU B 177 -35.05 -43.36 12.62
N SER B 178 -35.00 -43.71 11.35
CA SER B 178 -35.47 -45.00 10.85
C SER B 178 -34.32 -45.67 10.12
N SER B 179 -33.98 -46.88 10.55
CA SER B 179 -33.00 -47.71 9.85
C SER B 179 -33.75 -48.91 9.30
N THR B 180 -33.70 -49.09 7.98
CA THR B 180 -34.51 -50.08 7.29
C THR B 180 -33.59 -51.17 6.72
N LEU B 181 -33.79 -52.40 7.18
CA LEU B 181 -33.00 -53.54 6.73
C LEU B 181 -33.83 -54.33 5.71
N THR B 182 -33.39 -54.30 4.46
CA THR B 182 -34.09 -54.98 3.38
C THR B 182 -33.46 -56.36 3.25
N LEU B 183 -34.29 -57.39 3.34
CA LEU B 183 -33.83 -58.78 3.26
C LEU B 183 -34.66 -59.49 2.22
N SER B 184 -34.13 -60.61 1.73
CA SER B 184 -34.92 -61.42 0.82
C SER B 184 -35.86 -62.30 1.63
N LYS B 185 -37.04 -62.55 1.07
CA LYS B 185 -37.99 -63.46 1.71
C LYS B 185 -37.35 -64.79 2.05
N ALA B 186 -36.56 -65.32 1.11
CA ALA B 186 -35.85 -66.58 1.34
C ALA B 186 -34.96 -66.47 2.57
N ASP B 187 -34.02 -65.53 2.56
CA ASP B 187 -33.12 -65.34 3.70
C ASP B 187 -33.91 -65.03 4.97
N TYR B 188 -34.97 -64.26 4.86
CA TYR B 188 -35.81 -63.94 6.02
C TYR B 188 -36.41 -65.21 6.62
N GLU B 189 -36.96 -66.09 5.77
CA GLU B 189 -37.63 -67.28 6.27
C GLU B 189 -36.68 -68.29 6.89
N LYS B 190 -35.38 -68.22 6.59
CA LYS B 190 -34.40 -69.17 7.11
C LYS B 190 -33.77 -68.73 8.42
N HIS B 191 -34.22 -67.61 9.00
CA HIS B 191 -33.64 -67.10 10.24
C HIS B 191 -34.76 -66.79 11.23
N LYS B 192 -34.38 -66.72 12.50
CA LYS B 192 -35.33 -66.55 13.60
C LYS B 192 -35.11 -65.27 14.40
N VAL B 193 -33.88 -64.99 14.82
CA VAL B 193 -33.59 -63.83 15.66
C VAL B 193 -33.37 -62.61 14.78
N TYR B 194 -34.04 -61.50 15.12
CA TYR B 194 -33.90 -60.25 14.36
C TYR B 194 -33.80 -59.10 15.35
N ALA B 195 -32.61 -58.54 15.52
CA ALA B 195 -32.36 -57.50 16.50
C ALA B 195 -31.78 -56.26 15.82
N CYS B 196 -32.05 -55.10 16.42
CA CYS B 196 -31.49 -53.83 15.95
C CYS B 196 -30.81 -53.18 17.16
N GLU B 197 -29.47 -53.24 17.20
CA GLU B 197 -28.68 -52.74 18.32
C GLU B 197 -28.35 -51.26 18.12
N VAL B 198 -28.70 -50.45 19.11
CA VAL B 198 -28.42 -49.02 19.12
C VAL B 198 -27.39 -48.70 20.21
N THR B 199 -26.37 -47.93 19.84
CA THR B 199 -25.33 -47.52 20.79
C THR B 199 -25.33 -46.00 20.92
N GLN B 200 -26.06 -45.48 21.92
CA GLN B 200 -26.09 -44.05 22.22
C GLN B 200 -25.25 -43.82 23.47
N GLY B 201 -23.93 -43.69 23.26
CA GLY B 201 -22.97 -43.53 24.33
C GLY B 201 -22.56 -44.85 24.97
N THR B 202 -22.44 -44.90 26.30
CA THR B 202 -21.97 -46.11 26.96
C THR B 202 -23.10 -47.05 27.37
N THR B 203 -24.32 -46.82 26.87
CA THR B 203 -25.47 -47.68 27.16
C THR B 203 -26.05 -48.11 25.82
N SER B 204 -25.72 -49.33 25.40
CA SER B 204 -26.15 -49.86 24.12
C SER B 204 -27.39 -50.72 24.31
N VAL B 205 -28.50 -50.29 23.68
CA VAL B 205 -29.83 -50.87 23.89
C VAL B 205 -30.23 -51.67 22.66
N THR B 206 -30.83 -52.84 22.89
CA THR B 206 -31.21 -53.77 21.83
C THR B 206 -32.70 -54.09 21.90
N LYS B 207 -33.32 -54.22 20.74
CA LYS B 207 -34.72 -54.63 20.62
C LYS B 207 -34.80 -55.69 19.53
N SER B 208 -35.43 -56.82 19.82
CA SER B 208 -35.44 -57.93 18.88
C SER B 208 -36.85 -58.47 18.68
N PHE B 209 -37.00 -59.28 17.63
CA PHE B 209 -38.22 -60.04 17.41
C PHE B 209 -37.84 -61.38 16.78
N ASN B 210 -38.57 -62.41 17.18
CA ASN B 210 -38.38 -63.78 16.69
C ASN B 210 -39.43 -64.11 15.64
N ARG B 211 -39.00 -64.77 14.57
CA ARG B 211 -39.92 -65.10 13.48
C ARG B 211 -41.05 -65.94 14.07
N GLY B 212 -42.28 -65.42 14.00
CA GLY B 212 -43.46 -66.08 14.50
C GLY B 212 -43.92 -65.56 15.84
N GLU B 213 -43.06 -64.89 16.59
CA GLU B 213 -43.43 -64.34 17.89
C GLU B 213 -44.63 -63.43 17.71
N CYS B 214 -45.67 -63.69 18.49
CA CYS B 214 -46.90 -62.93 18.35
C CYS B 214 -47.70 -62.98 19.63
N GLU C 1 -12.57 20.05 35.49
CA GLU C 1 -11.76 19.40 36.51
C GLU C 1 -10.27 19.61 36.29
N VAL C 2 -9.74 18.95 35.25
CA VAL C 2 -8.31 19.06 34.98
C VAL C 2 -7.99 20.45 34.44
N GLN C 3 -6.96 21.07 34.98
CA GLN C 3 -6.59 22.42 34.58
C GLN C 3 -5.07 22.52 34.47
N LEU C 4 -4.63 23.50 33.71
CA LEU C 4 -3.22 23.77 33.44
C LEU C 4 -2.91 25.24 33.66
N VAL C 5 -3.31 25.78 34.81
CA VAL C 5 -3.11 27.20 35.10
C VAL C 5 -1.66 27.58 34.85
N GLU C 6 -1.47 28.65 34.09
CA GLU C 6 -0.15 29.12 33.76
C GLU C 6 0.27 30.20 34.75
N SER C 7 1.57 30.45 34.82
CA SER C 7 2.10 31.47 35.71
C SER C 7 3.48 31.84 35.23
N GLY C 8 3.97 32.97 35.73
CA GLY C 8 5.28 33.41 35.31
C GLY C 8 5.19 34.27 34.07
N GLY C 9 4.48 35.38 34.14
CA GLY C 9 4.40 36.29 33.01
C GLY C 9 4.37 37.70 33.51
N GLY C 10 4.67 38.64 32.62
CA GLY C 10 4.88 40.01 33.05
C GLY C 10 5.57 40.85 31.99
N LEU C 11 6.58 41.60 32.41
CA LEU C 11 7.30 42.52 31.54
C LEU C 11 8.80 42.34 31.73
N VAL C 12 9.52 42.31 30.60
CA VAL C 12 10.99 42.21 30.59
C VAL C 12 11.51 43.07 29.43
N GLN C 13 12.79 43.44 29.53
CA GLN C 13 13.51 44.26 28.56
C GLN C 13 14.25 43.39 27.54
N PRO C 14 14.58 43.93 26.37
CA PRO C 14 15.31 43.15 25.36
C PRO C 14 16.57 42.51 25.94
N GLY C 15 16.81 41.25 25.56
CA GLY C 15 17.87 40.49 26.19
C GLY C 15 17.55 40.10 27.62
N GLY C 16 16.32 39.68 27.90
CA GLY C 16 15.89 39.39 29.24
C GLY C 16 15.65 37.91 29.50
N SER C 17 15.20 37.63 30.73
CA SER C 17 15.04 36.28 31.21
C SER C 17 13.76 36.15 32.02
N LEU C 18 12.95 35.14 31.69
CA LEU C 18 11.67 34.90 32.34
C LEU C 18 11.36 33.41 32.41
N ARG C 19 11.20 32.89 33.63
CA ARG C 19 10.85 31.48 33.83
C ARG C 19 9.33 31.33 33.82
N LEU C 20 8.81 30.60 32.82
CA LEU C 20 7.38 30.34 32.72
C LEU C 20 7.04 29.04 33.47
N SER C 21 5.85 29.02 34.08
CA SER C 21 5.41 27.89 34.88
C SER C 21 3.96 27.56 34.54
N CYS C 22 3.69 26.29 34.29
CA CYS C 22 2.36 25.81 33.96
C CYS C 22 2.03 24.65 34.90
N ALA C 23 1.06 24.86 35.79
CA ALA C 23 0.68 23.81 36.74
C ALA C 23 -0.08 22.70 36.02
N ALA C 24 -0.43 21.66 36.79
CA ALA C 24 -1.16 20.53 36.24
C ALA C 24 -1.89 19.83 37.39
N SER C 25 -3.19 20.10 37.51
CA SER C 25 -4.02 19.44 38.51
C SER C 25 -4.91 18.37 37.88
N GLY C 26 -5.36 17.44 38.72
CA GLY C 26 -6.35 16.47 38.31
C GLY C 26 -5.92 15.25 37.51
N PHE C 27 -4.87 15.39 36.69
CA PHE C 27 -4.46 14.32 35.78
C PHE C 27 -3.00 13.96 36.01
N ASP C 28 -2.65 12.71 35.71
CA ASP C 28 -1.26 12.26 35.78
C ASP C 28 -0.49 12.97 34.67
N SER C 29 0.24 14.03 35.04
CA SER C 29 0.99 14.82 34.08
C SER C 29 2.13 14.05 33.43
N GLY C 30 2.50 12.89 33.96
CA GLY C 30 3.66 12.19 33.44
C GLY C 30 3.58 11.91 31.95
N ALA C 31 2.44 11.42 31.48
CA ALA C 31 2.33 11.11 30.06
C ALA C 31 1.82 12.29 29.22
N TYR C 32 0.73 12.93 29.65
CA TYR C 32 0.14 13.98 28.83
C TYR C 32 1.19 15.03 28.50
N LEU C 33 1.54 15.17 27.22
CA LEU C 33 2.61 16.07 26.82
C LEU C 33 2.24 17.51 27.12
N ARG C 34 3.24 18.33 27.45
CA ARG C 34 3.01 19.74 27.74
C ARG C 34 3.42 20.52 26.51
N HIS C 35 2.55 21.40 26.06
CA HIS C 35 2.78 22.12 24.82
C HIS C 35 2.66 23.61 25.12
N TRP C 36 3.60 24.39 24.58
CA TRP C 36 3.63 25.83 24.76
C TRP C 36 3.34 26.50 23.42
N VAL C 37 2.39 27.43 23.43
CA VAL C 37 2.01 28.17 22.22
C VAL C 37 1.84 29.63 22.60
N ARG C 38 2.40 30.51 21.78
CA ARG C 38 2.34 31.95 22.00
C ARG C 38 1.42 32.57 20.95
N GLN C 39 0.66 33.58 21.39
CA GLN C 39 -0.27 34.31 20.53
C GLN C 39 0.12 35.78 20.52
N ALA C 40 0.87 36.19 19.51
CA ALA C 40 1.14 37.61 19.34
C ALA C 40 -0.19 38.34 19.22
N PRO C 41 -0.47 39.34 20.05
CA PRO C 41 -1.79 39.99 20.02
C PRO C 41 -2.14 40.49 18.63
N GLY C 42 -3.35 40.17 18.20
CA GLY C 42 -3.86 40.54 16.88
C GLY C 42 -3.65 39.45 15.85
N LYS C 43 -2.53 38.75 15.92
CA LYS C 43 -2.22 37.67 14.99
C LYS C 43 -2.81 36.39 15.60
N GLY C 44 -2.44 35.22 15.09
CA GLY C 44 -2.99 33.96 15.52
C GLY C 44 -2.01 33.19 16.40
N LEU C 45 -2.14 31.88 16.43
CA LEU C 45 -1.35 31.06 17.35
C LEU C 45 0.03 30.77 16.78
N GLU C 46 0.99 30.55 17.68
CA GLU C 46 2.36 30.24 17.27
C GLU C 46 2.97 29.29 18.28
N TRP C 47 3.27 28.06 17.85
CA TRP C 47 3.88 27.07 18.72
C TRP C 47 5.31 27.48 19.05
N VAL C 48 5.64 27.59 20.34
CA VAL C 48 7.03 27.84 20.75
C VAL C 48 7.79 26.54 20.96
N ALA C 49 7.27 25.62 21.78
CA ALA C 49 8.00 24.43 22.15
C ALA C 49 7.06 23.43 22.82
N SER C 50 7.56 22.23 23.04
CA SER C 50 6.78 21.15 23.65
C SER C 50 7.71 20.23 24.42
N ILE C 51 7.13 19.50 25.38
CA ILE C 51 7.89 18.57 26.21
C ILE C 51 7.00 17.39 26.60
N TYR C 52 7.62 16.21 26.76
CA TYR C 52 6.97 14.98 27.21
C TYR C 52 7.35 14.74 28.67
N PRO C 53 6.50 15.09 29.64
CA PRO C 53 6.93 15.15 31.05
C PRO C 53 7.69 13.95 31.60
N SER C 54 7.16 12.73 31.44
CA SER C 54 7.79 11.57 32.07
C SER C 54 9.24 11.41 31.63
N TYR C 55 9.47 11.24 30.33
CA TYR C 55 10.83 11.06 29.85
C TYR C 55 11.56 12.38 29.66
N GLY C 56 10.82 13.46 29.42
CA GLY C 56 11.43 14.75 29.21
C GLY C 56 11.92 14.77 27.78
N TYR C 57 11.22 15.45 26.87
CA TYR C 57 11.57 15.39 25.46
C TYR C 57 11.65 16.80 24.88
N THR C 58 12.81 17.15 24.34
CA THR C 58 13.02 18.49 23.82
C THR C 58 12.32 18.63 22.47
N SER C 59 11.53 19.69 22.34
CA SER C 59 10.83 19.97 21.10
C SER C 59 10.75 21.49 20.98
N TYR C 60 11.47 22.06 20.03
CA TYR C 60 11.59 23.50 19.92
C TYR C 60 11.15 23.98 18.55
N ALA C 61 10.86 25.27 18.48
CA ALA C 61 10.54 25.96 17.24
C ALA C 61 11.78 26.69 16.76
N ASP C 62 11.91 26.83 15.43
CA ASP C 62 13.14 27.38 14.88
C ASP C 62 13.40 28.80 15.39
N SER C 63 12.36 29.60 15.60
CA SER C 63 12.55 30.92 16.17
C SER C 63 13.04 30.84 17.62
N VAL C 64 12.47 29.93 18.41
CA VAL C 64 12.79 29.82 19.82
C VAL C 64 14.15 29.17 20.05
N LYS C 65 14.75 28.67 18.97
CA LYS C 65 15.99 27.90 19.00
C LYS C 65 17.06 28.52 19.88
N GLY C 66 17.46 27.81 20.92
CA GLY C 66 18.51 28.27 21.80
C GLY C 66 18.07 29.35 22.77
N ARG C 67 17.28 30.31 22.29
CA ARG C 67 16.89 31.43 23.18
C ARG C 67 16.19 30.87 24.41
N PHE C 68 15.14 30.08 24.20
CA PHE C 68 14.35 29.53 25.29
C PHE C 68 14.75 28.08 25.54
N THR C 69 14.24 27.54 26.64
CA THR C 69 14.53 26.17 27.04
C THR C 69 13.33 25.59 27.78
N ILE C 70 12.90 24.38 27.38
CA ILE C 70 11.75 23.73 27.99
C ILE C 70 12.22 22.79 29.08
N SER C 71 11.36 22.58 30.07
CA SER C 71 11.64 21.70 31.19
C SER C 71 10.33 21.36 31.88
N ALA C 72 10.41 20.43 32.82
CA ALA C 72 9.23 20.02 33.57
C ALA C 72 9.67 19.18 34.75
N ASP C 73 8.76 19.02 35.71
CA ASP C 73 8.99 18.19 36.88
C ASP C 73 7.67 17.49 37.22
N THR C 74 7.65 16.16 37.07
CA THR C 74 6.45 15.40 37.43
C THR C 74 6.15 15.52 38.93
N SER C 75 7.19 15.56 39.76
CA SER C 75 6.98 15.68 41.21
C SER C 75 6.20 16.94 41.54
N LYS C 76 6.61 18.08 40.99
CA LYS C 76 5.83 19.31 41.16
C LYS C 76 4.54 19.28 40.37
N ASN C 77 4.38 18.29 39.49
CA ASN C 77 3.22 18.17 38.60
C ASN C 77 3.00 19.47 37.82
N THR C 78 4.09 19.98 37.23
CA THR C 78 4.17 21.28 36.58
C THR C 78 5.28 21.25 35.53
N ALA C 79 5.13 22.09 34.50
CA ALA C 79 6.10 22.22 33.41
C ALA C 79 6.82 23.56 33.49
N TYR C 80 7.93 23.67 32.77
CA TYR C 80 8.79 24.86 32.84
C TYR C 80 9.32 25.24 31.47
N LEU C 81 9.16 26.51 31.10
CA LEU C 81 9.76 27.08 29.90
C LEU C 81 10.66 28.25 30.30
N GLN C 82 11.98 28.05 30.16
CA GLN C 82 12.96 29.08 30.48
C GLN C 82 13.10 30.00 29.28
N MET C 83 12.72 31.27 29.45
CA MET C 83 12.77 32.26 28.38
C MET C 83 13.97 33.15 28.62
N ASN C 84 14.94 33.11 27.70
CA ASN C 84 16.17 33.88 27.83
C ASN C 84 16.47 34.62 26.53
N SER C 85 17.26 35.67 26.65
CA SER C 85 17.66 36.52 25.52
C SER C 85 16.44 37.01 24.75
N LEU C 86 15.44 37.49 25.49
CA LEU C 86 14.20 37.91 24.87
C LEU C 86 14.45 39.06 23.89
N ARG C 87 13.77 39.01 22.76
CA ARG C 87 13.81 40.04 21.75
C ARG C 87 12.41 40.61 21.53
N ALA C 88 12.34 41.71 20.78
CA ALA C 88 11.09 42.45 20.64
C ALA C 88 9.94 41.58 20.13
N GLU C 89 10.19 40.78 19.08
CA GLU C 89 9.12 39.98 18.49
C GLU C 89 8.48 39.01 19.50
N ASP C 90 9.22 38.58 20.53
CA ASP C 90 8.70 37.59 21.48
C ASP C 90 7.42 38.00 22.18
N THR C 91 7.02 39.27 22.09
CA THR C 91 5.77 39.72 22.70
C THR C 91 4.59 38.88 22.21
N ALA C 92 3.85 38.30 23.16
CA ALA C 92 2.69 37.47 22.87
C ALA C 92 2.00 37.13 24.18
N VAL C 93 0.79 36.60 24.07
CA VAL C 93 0.13 35.96 25.20
C VAL C 93 0.40 34.47 25.12
N TYR C 94 1.17 33.96 26.07
CA TYR C 94 1.66 32.58 26.03
C TYR C 94 0.62 31.63 26.60
N TYR C 95 0.46 30.48 25.96
CA TYR C 95 -0.58 29.52 26.30
C TYR C 95 0.02 28.15 26.59
N CYS C 96 -0.51 27.48 27.62
CA CYS C 96 -0.09 26.13 27.99
C CYS C 96 -1.25 25.16 27.75
N ALA C 97 -0.93 23.98 27.19
CA ALA C 97 -1.95 23.02 26.79
C ALA C 97 -1.50 21.59 27.00
N ARG C 98 -2.48 20.70 27.16
CA ARG C 98 -2.25 19.27 27.30
C ARG C 98 -2.41 18.67 25.91
N SER C 99 -1.50 17.77 25.52
CA SER C 99 -1.49 17.30 24.13
C SER C 99 -1.72 15.80 23.93
N ALA C 100 -0.76 14.95 24.30
CA ALA C 100 -0.75 13.57 23.81
C ALA C 100 -0.34 12.54 24.86
N ALA C 101 0.03 11.35 24.40
CA ALA C 101 0.49 10.28 25.28
C ALA C 101 1.31 9.30 24.45
N SER C 102 1.64 8.15 25.05
CA SER C 102 2.33 7.05 24.38
C SER C 102 3.79 7.36 24.05
N TYR C 103 4.73 6.63 24.66
CA TYR C 103 6.13 6.70 24.22
C TYR C 103 6.24 6.44 22.72
N TYR C 104 5.55 5.41 22.23
CA TYR C 104 5.42 5.20 20.79
C TYR C 104 4.87 6.45 20.13
N GLY C 105 3.85 7.07 20.74
CA GLY C 105 3.29 8.33 20.28
C GLY C 105 4.32 9.36 19.88
N TYR C 106 5.22 9.70 20.81
CA TYR C 106 6.25 10.71 20.51
C TYR C 106 7.09 10.28 19.31
N TRP C 107 7.56 9.03 19.32
CA TRP C 107 8.38 8.47 18.25
C TRP C 107 7.45 7.93 17.15
N HIS C 108 8.00 7.13 16.23
CA HIS C 108 7.22 6.47 15.18
C HIS C 108 6.08 7.30 14.60
N TRP C 109 4.85 7.06 15.05
CA TRP C 109 3.70 7.75 14.47
C TRP C 109 3.47 9.11 15.11
N TYR C 110 4.52 9.93 15.22
CA TYR C 110 4.32 11.26 15.81
C TYR C 110 3.32 12.08 15.00
N HIS C 111 3.38 11.97 13.67
CA HIS C 111 2.45 12.73 12.85
C HIS C 111 1.00 12.36 13.11
N PHE C 112 0.73 11.24 13.80
CA PHE C 112 -0.62 10.90 14.26
C PHE C 112 -0.86 11.29 15.71
N SER C 113 -0.06 12.21 16.26
CA SER C 113 -0.23 12.56 17.66
C SER C 113 -1.53 13.32 17.84
N PRO C 114 -2.26 13.11 18.93
CA PRO C 114 -3.51 13.83 19.14
C PRO C 114 -3.27 15.32 19.38
N GLY C 115 -4.32 16.10 19.18
CA GLY C 115 -4.23 17.53 19.34
C GLY C 115 -4.23 17.95 20.79
N MET C 116 -4.08 19.25 21.00
CA MET C 116 -4.08 19.80 22.35
C MET C 116 -5.50 19.78 22.90
N ASP C 117 -5.85 18.72 23.64
CA ASP C 117 -7.24 18.51 24.05
C ASP C 117 -7.75 19.65 24.93
N TYR C 118 -7.03 19.97 26.00
CA TYR C 118 -7.44 21.00 26.95
C TYR C 118 -6.35 22.05 27.10
N TRP C 119 -6.74 23.32 27.02
CA TRP C 119 -5.83 24.45 27.06
C TRP C 119 -5.90 25.17 28.42
N GLY C 120 -5.06 26.18 28.57
CA GLY C 120 -5.05 27.02 29.76
C GLY C 120 -5.84 28.30 29.56
N GLN C 121 -5.26 29.44 29.95
CA GLN C 121 -5.96 30.71 29.80
C GLN C 121 -5.06 31.80 29.23
N GLY C 122 -3.75 31.68 29.46
CA GLY C 122 -2.84 32.64 28.89
C GLY C 122 -2.38 33.72 29.85
N THR C 123 -1.11 34.10 29.76
CA THR C 123 -0.56 35.20 30.54
C THR C 123 0.35 36.04 29.65
N LEU C 124 0.13 37.36 29.69
CA LEU C 124 0.83 38.30 28.81
C LEU C 124 2.32 38.36 29.15
N VAL C 125 3.16 38.32 28.11
CA VAL C 125 4.60 38.45 28.22
C VAL C 125 5.01 39.60 27.32
N THR C 126 5.32 40.76 27.90
CA THR C 126 5.66 41.94 27.13
C THR C 126 7.17 42.15 27.17
N VAL C 127 7.80 42.10 26.00
CA VAL C 127 9.21 42.45 25.85
C VAL C 127 9.31 43.82 25.19
N SER C 128 9.41 44.88 26.00
CA SER C 128 9.58 46.22 25.44
C SER C 128 10.77 46.95 26.07
N SER C 129 10.89 48.24 25.76
CA SER C 129 11.98 49.08 26.25
C SER C 129 11.51 50.21 27.15
N ALA C 130 10.24 50.25 27.52
CA ALA C 130 9.72 51.27 28.43
C ALA C 130 9.56 50.66 29.82
N SER C 131 8.91 51.39 30.71
CA SER C 131 8.69 50.93 32.08
C SER C 131 7.23 51.06 32.41
N THR C 132 6.83 50.46 33.53
CA THR C 132 5.44 50.51 33.97
C THR C 132 4.95 51.94 34.02
N LYS C 133 3.97 52.27 33.18
CA LYS C 133 3.53 53.65 32.99
C LYS C 133 2.03 53.73 33.30
N GLY C 134 1.63 54.79 33.98
CA GLY C 134 0.23 55.02 34.28
C GLY C 134 -0.50 55.72 33.15
N PRO C 135 -1.74 55.31 32.89
CA PRO C 135 -2.46 55.86 31.74
C PRO C 135 -2.89 57.31 31.96
N SER C 136 -2.80 58.09 30.89
CA SER C 136 -3.29 59.47 30.87
C SER C 136 -4.71 59.49 30.32
N VAL C 137 -5.61 60.17 31.03
CA VAL C 137 -7.03 60.13 30.70
C VAL C 137 -7.46 61.52 30.23
N PHE C 138 -7.95 61.60 28.99
CA PHE C 138 -8.47 62.81 28.38
C PHE C 138 -9.88 62.59 27.88
N PRO C 139 -10.71 63.63 27.88
CA PRO C 139 -12.13 63.46 27.54
C PRO C 139 -12.41 63.52 26.05
N LEU C 140 -13.48 62.84 25.67
CA LEU C 140 -14.05 62.92 24.33
C LEU C 140 -15.45 63.46 24.55
N ALA C 141 -15.58 64.78 24.49
CA ALA C 141 -16.81 65.41 24.91
C ALA C 141 -17.79 65.47 23.74
N PRO C 142 -19.08 65.50 24.03
CA PRO C 142 -20.07 65.59 22.95
C PRO C 142 -20.14 67.03 22.45
N SER C 143 -21.03 67.24 21.49
CA SER C 143 -21.26 68.57 20.97
C SER C 143 -22.71 68.67 20.54
N SER C 144 -23.07 69.82 19.97
CA SER C 144 -24.40 70.01 19.41
C SER C 144 -24.47 69.45 17.99
N LYS C 145 -23.32 69.26 17.36
CA LYS C 145 -23.28 68.56 16.08
C LYS C 145 -23.43 67.06 16.29
N SER C 146 -22.67 66.52 17.25
CA SER C 146 -22.80 65.10 17.60
C SER C 146 -24.19 64.76 18.12
N THR C 147 -25.04 65.75 18.38
CA THR C 147 -26.40 65.50 18.87
C THR C 147 -27.32 65.02 17.77
N SER C 148 -26.83 65.03 16.52
CA SER C 148 -27.61 64.66 15.34
C SER C 148 -28.50 63.46 15.64
N GLY C 149 -29.79 63.62 15.39
CA GLY C 149 -30.80 62.63 15.72
C GLY C 149 -31.13 62.50 17.18
N GLY C 150 -30.77 63.49 18.02
CA GLY C 150 -31.14 63.51 19.43
C GLY C 150 -30.31 62.62 20.31
N THR C 151 -29.25 62.03 19.77
CA THR C 151 -28.36 61.11 20.46
C THR C 151 -26.93 61.54 20.18
N ALA C 152 -26.16 61.80 21.24
CA ALA C 152 -24.80 62.31 21.11
C ALA C 152 -23.78 61.31 21.66
N ALA C 153 -22.55 61.45 21.19
CA ALA C 153 -21.45 60.55 21.50
C ALA C 153 -20.45 61.19 22.43
N LEU C 154 -20.05 60.46 23.47
CA LEU C 154 -19.05 60.91 24.43
C LEU C 154 -18.19 59.71 24.81
N GLY C 155 -17.01 59.99 25.35
CA GLY C 155 -16.15 58.88 25.75
C GLY C 155 -14.85 59.37 26.38
N CYS C 156 -13.96 58.41 26.60
CA CYS C 156 -12.68 58.65 27.27
C CYS C 156 -11.55 58.11 26.40
N LEU C 157 -10.45 58.86 26.33
CA LEU C 157 -9.24 58.41 25.67
C LEU C 157 -8.15 58.18 26.71
N VAL C 158 -7.73 56.92 26.85
CA VAL C 158 -6.67 56.54 27.79
C VAL C 158 -5.38 56.34 27.00
N LYS C 159 -4.46 57.27 27.14
CA LYS C 159 -3.26 57.35 26.30
C LYS C 159 -2.00 57.12 27.12
N ASP C 160 -1.01 56.50 26.48
CA ASP C 160 0.35 56.39 26.98
C ASP C 160 0.40 55.64 28.32
N TYR C 161 0.06 54.35 28.24
CA TYR C 161 0.24 53.44 29.36
C TYR C 161 0.99 52.21 28.90
N PHE C 162 1.55 51.49 29.86
CA PHE C 162 2.31 50.28 29.62
C PHE C 162 2.50 49.52 30.92
N PRO C 163 2.38 48.19 30.94
CA PRO C 163 1.93 47.30 29.86
C PRO C 163 0.42 47.08 29.88
N GLU C 164 -0.08 46.28 28.94
CA GLU C 164 -1.49 45.91 28.97
C GLU C 164 -1.76 45.03 30.19
N PRO C 165 -3.00 45.05 30.72
CA PRO C 165 -4.25 45.64 30.22
C PRO C 165 -4.74 46.88 30.96
N VAL C 166 -5.87 47.41 30.48
CA VAL C 166 -6.69 48.37 31.21
C VAL C 166 -8.15 47.94 31.09
N THR C 167 -8.88 48.04 32.20
CA THR C 167 -10.31 47.76 32.22
C THR C 167 -11.09 49.07 32.22
N VAL C 168 -12.23 49.08 31.54
CA VAL C 168 -13.05 50.27 31.39
C VAL C 168 -14.46 49.96 31.86
N SER C 169 -14.99 50.82 32.73
CA SER C 169 -16.38 50.79 33.13
C SER C 169 -16.92 52.21 33.14
N TRP C 170 -18.24 52.33 33.10
CA TRP C 170 -18.92 53.63 33.04
C TRP C 170 -19.93 53.70 34.17
N ASN C 171 -19.84 54.76 34.99
CA ASN C 171 -20.65 54.95 36.18
C ASN C 171 -20.60 53.73 37.10
N SER C 172 -19.37 53.30 37.41
CA SER C 172 -19.15 52.14 38.27
C SER C 172 -19.88 50.91 37.75
N GLY C 173 -19.87 50.74 36.44
CA GLY C 173 -20.51 49.62 35.79
C GLY C 173 -21.98 49.83 35.44
N ALA C 174 -22.69 50.65 36.21
CA ALA C 174 -24.11 50.92 35.96
C ALA C 174 -24.36 51.21 34.48
N LEU C 175 -23.70 52.24 33.95
CA LEU C 175 -23.75 52.53 32.52
C LEU C 175 -22.95 51.49 31.74
N THR C 176 -23.63 50.60 31.05
CA THR C 176 -22.94 49.58 30.27
C THR C 176 -23.41 49.51 28.82
N SER C 177 -24.71 49.69 28.57
CA SER C 177 -25.24 49.62 27.22
C SER C 177 -24.55 50.63 26.31
N GLY C 178 -23.96 50.15 25.21
CA GLY C 178 -23.32 51.00 24.23
C GLY C 178 -21.81 51.14 24.36
N VAL C 179 -21.23 50.72 25.48
CA VAL C 179 -19.79 50.92 25.69
C VAL C 179 -19.01 50.19 24.60
N HIS C 180 -18.17 50.94 23.90
CA HIS C 180 -17.36 50.41 22.81
C HIS C 180 -15.89 50.62 23.13
N THR C 181 -15.43 50.06 24.24
CA THR C 181 -14.02 50.15 24.58
C THR C 181 -13.20 49.48 23.49
N PHE C 182 -12.47 50.28 22.73
CA PHE C 182 -11.74 49.76 21.60
C PHE C 182 -10.52 48.99 22.09
N PRO C 183 -10.09 47.96 21.37
CA PRO C 183 -8.84 47.28 21.73
C PRO C 183 -7.66 48.24 21.68
N ALA C 184 -6.66 47.95 22.49
CA ALA C 184 -5.52 48.84 22.59
C ALA C 184 -4.68 48.79 21.32
N VAL C 185 -4.03 49.91 21.01
CA VAL C 185 -3.09 50.00 19.90
C VAL C 185 -1.77 50.55 20.44
N LEU C 186 -0.79 50.63 19.54
CA LEU C 186 0.56 51.03 19.91
C LEU C 186 1.17 51.87 18.80
N GLN C 187 2.06 52.79 19.20
CA GLN C 187 2.74 53.72 18.31
C GLN C 187 4.24 53.60 18.55
N SER C 188 5.02 54.35 17.77
CA SER C 188 6.48 54.36 17.90
C SER C 188 6.94 54.61 19.34
N SER C 189 6.24 55.51 20.06
CA SER C 189 6.53 55.75 21.46
C SER C 189 6.43 54.47 22.29
N GLY C 190 5.70 53.47 21.81
CA GLY C 190 5.57 52.21 22.49
C GLY C 190 4.86 52.36 23.81
N LEU C 191 3.70 53.00 23.75
CA LEU C 191 2.87 53.20 24.92
C LEU C 191 1.45 52.97 24.46
N TYR C 192 0.71 52.16 25.20
CA TYR C 192 -0.61 51.79 24.73
C TYR C 192 -1.56 52.97 24.89
N SER C 193 -2.46 53.11 23.92
CA SER C 193 -3.42 54.21 23.94
C SER C 193 -4.65 53.73 23.18
N LEU C 194 -5.80 53.76 23.84
CA LEU C 194 -7.05 53.37 23.24
C LEU C 194 -8.13 54.38 23.63
N SER C 195 -9.34 54.12 23.16
CA SER C 195 -10.48 54.98 23.44
C SER C 195 -11.67 54.12 23.83
N SER C 196 -12.54 54.69 24.67
CA SER C 196 -13.78 54.04 25.08
C SER C 196 -14.92 55.04 24.91
N VAL C 197 -15.95 54.64 24.17
CA VAL C 197 -17.05 55.52 23.81
C VAL C 197 -18.36 54.84 24.18
N VAL C 198 -19.41 55.64 24.33
CA VAL C 198 -20.77 55.15 24.52
C VAL C 198 -21.72 56.26 24.06
N THR C 199 -22.82 55.85 23.44
CA THR C 199 -23.80 56.81 22.92
C THR C 199 -24.96 57.00 23.89
N VAL C 200 -25.38 58.26 24.05
CA VAL C 200 -26.51 58.62 24.91
C VAL C 200 -27.37 59.63 24.18
N PRO C 201 -28.65 59.69 24.54
CA PRO C 201 -29.53 60.71 23.96
C PRO C 201 -29.11 62.11 24.38
N SER C 202 -29.27 63.07 23.46
CA SER C 202 -28.85 64.45 23.73
C SER C 202 -29.64 65.09 24.86
N SER C 203 -30.75 64.47 25.28
CA SER C 203 -31.48 64.96 26.44
C SER C 203 -30.78 64.54 27.72
N SER C 204 -30.31 63.28 27.76
CA SER C 204 -29.63 62.76 28.95
C SER C 204 -28.24 63.36 29.12
N LEU C 205 -27.69 64.00 28.08
CA LEU C 205 -26.36 64.60 28.14
C LEU C 205 -26.14 65.34 29.46
N GLY C 206 -26.98 66.33 29.72
CA GLY C 206 -26.98 67.05 30.97
C GLY C 206 -27.65 66.28 32.09
N THR C 207 -28.80 65.67 31.77
CA THR C 207 -29.60 64.96 32.76
C THR C 207 -28.77 63.95 33.56
N GLN C 208 -28.09 63.05 32.87
CA GLN C 208 -27.29 62.01 33.51
C GLN C 208 -25.81 62.38 33.47
N THR C 209 -25.12 62.18 34.60
CA THR C 209 -23.68 62.37 34.64
C THR C 209 -22.97 61.10 34.18
N TYR C 210 -21.75 61.27 33.67
CA TYR C 210 -21.01 60.18 33.03
C TYR C 210 -19.55 60.18 33.49
N ILE C 211 -19.16 59.16 34.24
CA ILE C 211 -17.79 58.99 34.72
C ILE C 211 -17.27 57.64 34.24
N CYS C 212 -16.18 57.66 33.46
CA CYS C 212 -15.52 56.44 33.01
C CYS C 212 -14.49 55.99 34.04
N ASN C 213 -14.62 54.74 34.49
CA ASN C 213 -13.72 54.17 35.49
C ASN C 213 -12.66 53.33 34.79
N VAL C 214 -11.41 53.75 34.89
CA VAL C 214 -10.28 53.05 34.29
C VAL C 214 -9.40 52.53 35.43
N ASN C 215 -8.83 51.34 35.24
CA ASN C 215 -7.88 50.80 36.25
C ASN C 215 -6.68 50.19 35.51
N HIS C 216 -5.48 50.30 36.09
CA HIS C 216 -4.26 49.79 35.41
C HIS C 216 -3.41 49.08 36.46
N LYS C 217 -3.90 47.94 36.93
CA LYS C 217 -3.15 47.15 37.95
C LYS C 217 -1.65 47.25 37.69
N PRO C 218 -1.12 47.01 36.47
CA PRO C 218 0.32 47.19 36.22
C PRO C 218 0.94 48.27 37.11
N SER C 219 0.40 49.49 37.06
CA SER C 219 0.95 50.61 37.88
C SER C 219 -0.05 51.03 38.95
N ASN C 220 -0.77 50.07 39.53
CA ASN C 220 -1.77 50.37 40.58
C ASN C 220 -2.40 51.74 40.30
N THR C 221 -2.88 51.96 39.09
CA THR C 221 -3.51 53.24 38.76
C THR C 221 -5.00 53.04 38.52
N LYS C 222 -5.81 53.91 39.11
CA LYS C 222 -7.27 53.87 38.94
C LYS C 222 -7.79 55.29 38.85
N VAL C 223 -8.25 55.67 37.66
CA VAL C 223 -8.83 56.99 37.42
C VAL C 223 -10.32 56.83 37.14
N ASP C 224 -11.14 57.61 37.85
CA ASP C 224 -12.59 57.63 37.53
C ASP C 224 -12.87 59.02 36.98
N LYS C 225 -12.52 59.28 35.71
CA LYS C 225 -12.65 60.66 35.16
C LYS C 225 -14.05 60.92 34.62
N LYS C 226 -14.52 62.16 34.72
CA LYS C 226 -15.85 62.54 34.18
C LYS C 226 -15.65 63.34 32.90
N VAL C 227 -16.56 63.21 31.94
CA VAL C 227 -16.43 63.90 30.66
C VAL C 227 -17.39 65.09 30.66
N GLU C 228 -16.82 66.31 30.59
CA GLU C 228 -17.61 67.52 30.68
C GLU C 228 -18.25 67.87 29.34
N PRO C 229 -19.47 68.39 29.37
CA PRO C 229 -20.15 68.81 28.13
C PRO C 229 -19.48 70.02 27.49
N LYS C 230 -19.86 70.26 26.23
CA LYS C 230 -19.37 71.37 25.44
C LYS C 230 -20.44 72.41 25.20
N SER C 231 -21.38 72.55 26.14
CA SER C 231 -22.51 73.46 25.95
C SER C 231 -22.04 74.89 25.78
N CYS C 232 -22.66 75.60 24.83
CA CYS C 232 -22.31 76.98 24.54
C CYS C 232 -23.53 77.89 24.61
N THR D 5 -1.76 25.97 5.99
CA THR D 5 -1.96 27.33 5.50
C THR D 5 -3.45 27.61 5.27
N GLN D 6 -4.11 28.20 6.27
CA GLN D 6 -5.53 28.50 6.15
C GLN D 6 -5.71 29.38 4.92
N SER D 7 -6.42 28.88 3.91
CA SER D 7 -6.63 29.72 2.72
C SER D 7 -7.51 30.94 3.03
N PRO D 8 -8.61 30.83 3.77
CA PRO D 8 -9.31 32.03 4.21
C PRO D 8 -8.79 32.56 5.54
N SER D 9 -9.07 33.85 5.76
CA SER D 9 -8.82 34.48 7.06
C SER D 9 -10.08 35.12 7.62
N SER D 10 -11.04 35.49 6.78
CA SER D 10 -12.30 36.08 7.21
C SER D 10 -13.35 35.68 6.19
N LEU D 11 -14.57 35.41 6.68
CA LEU D 11 -15.66 34.98 5.82
C LEU D 11 -16.95 35.58 6.36
N SER D 12 -18.06 35.26 5.69
CA SER D 12 -19.36 35.74 6.13
C SER D 12 -20.44 34.78 5.67
N ALA D 13 -21.41 34.54 6.55
CA ALA D 13 -22.58 33.72 6.27
C ALA D 13 -23.63 34.05 7.31
N SER D 14 -24.72 33.28 7.33
CA SER D 14 -25.81 33.51 8.26
C SER D 14 -26.14 32.21 8.98
N VAL D 15 -27.02 32.33 9.98
CA VAL D 15 -27.49 31.15 10.70
C VAL D 15 -28.14 30.19 9.70
N GLY D 16 -27.75 28.92 9.77
CA GLY D 16 -28.31 27.93 8.87
C GLY D 16 -27.63 27.99 7.52
N ASP D 17 -26.34 27.69 7.50
CA ASP D 17 -25.56 27.80 6.27
C ASP D 17 -24.41 26.81 6.30
N ARG D 18 -24.38 25.89 5.35
CA ARG D 18 -23.23 25.00 5.20
C ARG D 18 -22.03 25.81 4.75
N VAL D 19 -20.98 25.84 5.57
CA VAL D 19 -19.77 26.60 5.30
C VAL D 19 -18.60 25.63 5.33
N THR D 20 -17.58 25.90 4.51
CA THR D 20 -16.41 25.03 4.40
C THR D 20 -15.18 25.89 4.58
N ILE D 21 -14.45 25.66 5.66
CA ILE D 21 -13.22 26.38 5.96
C ILE D 21 -12.05 25.49 5.60
N THR D 22 -11.03 26.08 4.97
CA THR D 22 -9.91 25.32 4.42
C THR D 22 -8.60 25.72 5.08
N CYS D 23 -7.59 24.86 4.91
CA CYS D 23 -6.24 25.12 5.38
C CYS D 23 -5.30 24.18 4.64
N ARG D 24 -4.29 24.75 3.98
CA ARG D 24 -3.30 23.99 3.23
C ARG D 24 -2.43 23.13 4.14
N ALA D 25 -1.89 22.07 3.55
CA ALA D 25 -1.13 21.05 4.28
C ALA D 25 0.36 21.36 4.18
N SER D 26 0.89 22.00 5.23
CA SER D 26 2.31 22.33 5.34
C SER D 26 3.22 21.27 4.72
N GLN D 27 2.96 20.00 5.04
CA GLN D 27 3.67 18.90 4.40
C GLN D 27 2.60 17.86 4.05
N SER D 28 2.43 17.62 2.75
CA SER D 28 1.34 16.83 2.18
C SER D 28 1.19 15.39 2.68
N VAL D 29 2.13 14.91 3.48
CA VAL D 29 2.04 13.54 3.99
C VAL D 29 0.79 13.40 4.84
N SER D 30 0.14 12.23 4.78
CA SER D 30 -1.07 11.97 5.55
C SER D 30 -0.83 12.28 7.02
N SER D 31 -1.47 13.34 7.51
CA SER D 31 -1.13 13.91 8.82
C SER D 31 -2.39 14.20 9.63
N ALA D 32 -2.20 14.97 10.70
CA ALA D 32 -3.24 15.33 11.66
C ALA D 32 -4.22 16.34 11.06
N VAL D 33 -5.41 16.40 11.66
CA VAL D 33 -6.50 17.25 11.22
C VAL D 33 -7.13 17.99 12.39
N ALA D 34 -6.34 18.31 13.42
CA ALA D 34 -6.86 19.01 14.59
C ALA D 34 -7.28 20.43 14.26
N TRP D 35 -8.53 20.76 14.55
CA TRP D 35 -9.08 22.11 14.42
C TRP D 35 -9.41 22.68 15.79
N TYR D 36 -9.19 23.97 15.98
CA TYR D 36 -9.41 24.61 17.28
C TYR D 36 -10.34 25.80 17.13
N GLN D 37 -11.24 25.97 18.11
CA GLN D 37 -12.23 27.05 18.12
C GLN D 37 -11.82 28.12 19.14
N GLN D 38 -11.19 29.18 18.66
CA GLN D 38 -10.84 30.33 19.51
C GLN D 38 -11.97 31.34 19.49
N LYS D 39 -12.89 31.22 20.44
CA LYS D 39 -13.87 32.28 20.61
C LYS D 39 -13.13 33.54 21.07
N PRO D 40 -13.34 34.69 20.42
CA PRO D 40 -12.58 35.90 20.77
C PRO D 40 -12.65 36.26 22.25
N GLY D 41 -11.50 36.21 22.94
CA GLY D 41 -11.39 36.57 24.34
C GLY D 41 -11.01 35.42 25.25
N LYS D 42 -11.40 34.20 24.89
CA LYS D 42 -11.10 33.02 25.71
C LYS D 42 -9.91 32.30 25.08
N ALA D 43 -9.74 31.01 25.39
CA ALA D 43 -8.61 30.21 24.98
C ALA D 43 -9.05 29.17 23.95
N PRO D 44 -8.21 28.85 22.97
CA PRO D 44 -8.59 27.88 21.94
C PRO D 44 -9.09 26.57 22.53
N LYS D 45 -10.21 26.08 22.00
CA LYS D 45 -10.78 24.82 22.43
C LYS D 45 -10.91 23.88 21.23
N LEU D 46 -10.35 22.68 21.36
CA LEU D 46 -10.40 21.69 20.30
C LEU D 46 -11.76 21.00 20.28
N LEU D 47 -12.35 20.90 19.09
CA LEU D 47 -13.61 20.19 18.96
C LEU D 47 -13.38 18.70 19.15
N ILE D 48 -14.45 17.96 19.42
CA ILE D 48 -14.30 16.53 19.62
C ILE D 48 -14.09 15.83 18.29
N TYR D 49 -13.49 14.63 18.36
CA TYR D 49 -13.23 13.78 17.21
C TYR D 49 -14.10 12.54 17.22
N SER D 50 -15.26 12.62 17.87
CA SER D 50 -16.14 11.48 18.07
C SER D 50 -17.16 11.48 16.92
N ALA D 51 -18.26 10.74 17.08
CA ALA D 51 -19.30 10.67 16.06
C ALA D 51 -19.53 12.03 15.40
N SER D 52 -19.41 12.05 14.07
CA SER D 52 -19.56 13.20 13.16
C SER D 52 -18.32 14.09 13.17
N ASP D 53 -17.25 13.70 13.83
CA ASP D 53 -15.97 14.43 13.81
C ASP D 53 -16.16 15.90 14.18
N LEU D 54 -17.08 16.16 15.12
CA LEU D 54 -17.40 17.51 15.53
C LEU D 54 -17.39 17.60 17.05
N TYR D 55 -17.64 18.80 17.57
CA TYR D 55 -17.92 18.96 18.98
C TYR D 55 -19.21 18.20 19.26
N SER D 56 -19.17 17.29 20.22
CA SER D 56 -20.12 16.18 20.25
C SER D 56 -21.18 16.28 21.33
N GLY D 57 -21.77 17.46 21.55
CA GLY D 57 -22.93 17.51 22.41
C GLY D 57 -24.04 16.63 21.88
N VAL D 58 -24.27 16.70 20.57
CA VAL D 58 -25.13 15.80 19.79
C VAL D 58 -24.39 15.67 18.45
N PRO D 59 -24.11 14.46 17.97
CA PRO D 59 -23.23 14.36 16.80
C PRO D 59 -23.86 14.98 15.55
N SER D 60 -23.35 16.14 15.18
CA SER D 60 -23.77 16.88 13.99
C SER D 60 -22.80 18.05 13.81
N ARG D 61 -23.15 18.95 12.89
CA ARG D 61 -22.49 20.24 12.64
C ARG D 61 -21.20 20.19 11.83
N PHE D 62 -20.11 19.73 12.41
CA PHE D 62 -18.83 19.72 11.69
C PHE D 62 -18.54 18.36 11.07
N SER D 63 -17.50 18.33 10.25
CA SER D 63 -17.13 17.16 9.47
C SER D 63 -15.65 16.79 9.65
N GLY D 64 -15.34 15.53 9.38
CA GLY D 64 -13.98 15.04 9.36
C GLY D 64 -13.38 15.26 7.98
N SER D 65 -13.80 16.35 7.36
CA SER D 65 -13.37 16.78 6.02
C SER D 65 -11.87 16.71 5.84
N ARG D 66 -11.43 16.00 4.79
CA ARG D 66 -10.01 15.85 4.49
C ARG D 66 -9.85 15.50 3.00
N SER D 67 -9.58 16.51 2.18
CA SER D 67 -9.39 16.31 0.75
C SER D 67 -8.31 17.24 0.22
N GLY D 68 -7.55 16.73 -0.74
CA GLY D 68 -6.52 17.47 -1.47
C GLY D 68 -5.30 17.81 -0.64
N THR D 69 -4.49 18.73 -1.18
CA THR D 69 -3.27 19.19 -0.52
C THR D 69 -3.56 20.17 0.60
N ASP D 70 -4.82 20.24 1.00
CA ASP D 70 -5.28 21.06 2.10
C ASP D 70 -6.23 20.24 2.95
N PHE D 71 -6.71 20.82 4.05
CA PHE D 71 -7.71 20.17 4.87
C PHE D 71 -8.85 21.16 5.13
N THR D 72 -10.02 20.60 5.46
CA THR D 72 -11.23 21.40 5.59
C THR D 72 -12.08 20.90 6.77
N LEU D 73 -12.99 21.76 7.20
CA LEU D 73 -13.88 21.48 8.33
C LEU D 73 -15.31 21.99 8.03
N THR D 74 -15.87 21.62 6.87
CA THR D 74 -17.22 22.04 6.50
C THR D 74 -18.23 21.84 7.63
N ILE D 75 -18.83 22.95 8.07
CA ILE D 75 -19.84 23.00 9.13
C ILE D 75 -21.23 22.95 8.51
N SER D 76 -22.18 22.39 9.26
CA SER D 76 -23.56 22.26 8.81
C SER D 76 -24.26 23.59 9.13
N SER D 77 -25.60 23.56 9.27
CA SER D 77 -26.37 24.75 9.63
C SER D 77 -25.62 25.55 10.68
N LEU D 78 -25.06 26.69 10.29
CA LEU D 78 -24.18 27.44 11.17
C LEU D 78 -24.97 27.97 12.37
N GLN D 79 -24.45 27.70 13.56
CA GLN D 79 -25.17 28.18 14.73
C GLN D 79 -24.39 29.33 15.39
N PRO D 80 -25.09 30.22 16.10
CA PRO D 80 -24.42 31.37 16.72
C PRO D 80 -23.16 30.99 17.47
N GLU D 81 -23.21 29.92 18.27
CA GLU D 81 -22.04 29.48 19.02
C GLU D 81 -20.84 29.32 18.10
N ASP D 82 -21.03 28.64 16.96
CA ASP D 82 -19.92 28.36 16.06
C ASP D 82 -19.23 29.64 15.56
N PHE D 83 -19.97 30.75 15.43
CA PHE D 83 -19.37 31.97 14.91
C PHE D 83 -18.18 32.34 15.79
N ALA D 84 -16.97 32.16 15.25
CA ALA D 84 -15.73 32.34 15.99
C ALA D 84 -14.56 32.38 15.03
N THR D 85 -13.35 32.16 15.55
CA THR D 85 -12.16 32.01 14.73
C THR D 85 -11.75 30.53 14.75
N TYR D 86 -11.10 30.08 13.68
CA TYR D 86 -10.75 28.66 13.54
C TYR D 86 -9.35 28.50 13.01
N TYR D 87 -8.63 27.51 13.55
CA TYR D 87 -7.23 27.24 13.20
C TYR D 87 -7.03 25.76 12.86
N CYS D 88 -6.21 25.50 11.85
CA CYS D 88 -5.85 24.12 11.49
C CYS D 88 -4.44 23.84 12.03
N GLN D 89 -4.26 22.67 12.63
CA GLN D 89 -3.01 22.30 13.26
C GLN D 89 -2.52 20.97 12.72
N GLN D 90 -1.19 20.84 12.66
CA GLN D 90 -0.57 19.61 12.20
C GLN D 90 0.63 19.32 13.10
N TYR D 91 1.09 18.08 13.07
CA TYR D 91 2.30 17.64 13.77
C TYR D 91 3.22 16.98 12.75
N VAL D 92 4.29 17.66 12.38
CA VAL D 92 5.27 17.07 11.47
C VAL D 92 6.16 16.13 12.26
N SER D 93 6.66 15.09 11.57
CA SER D 93 7.57 14.10 12.14
C SER D 93 9.03 14.41 11.83
N GLY D 94 9.40 15.68 11.82
CA GLY D 94 10.79 16.04 11.59
C GLY D 94 11.49 16.09 12.94
N GLY D 95 11.60 17.27 13.53
CA GLY D 95 12.17 17.36 14.86
C GLY D 95 11.08 17.47 15.90
N TRP D 96 9.97 16.76 15.65
CA TRP D 96 8.80 16.83 16.55
C TRP D 96 8.31 18.27 16.63
N LEU D 97 8.55 19.04 15.56
CA LEU D 97 8.13 20.47 15.52
C LEU D 97 6.63 20.55 15.27
N ILE D 98 6.01 21.67 15.62
CA ILE D 98 4.54 21.84 15.43
C ILE D 98 4.23 23.10 14.61
N THR D 99 3.68 22.95 13.42
CA THR D 99 3.31 24.06 12.56
C THR D 99 1.88 24.53 12.90
N PHE D 100 1.51 25.68 12.35
CA PHE D 100 0.20 26.24 12.61
C PHE D 100 -0.33 26.95 11.37
N GLY D 101 -1.66 26.98 11.26
CA GLY D 101 -2.30 27.75 10.22
C GLY D 101 -2.43 29.22 10.58
N GLN D 102 -2.69 30.03 9.55
CA GLN D 102 -2.81 31.48 9.75
C GLN D 102 -3.92 31.83 10.73
N GLY D 103 -5.07 31.18 10.61
CA GLY D 103 -6.22 31.45 11.44
C GLY D 103 -7.32 32.20 10.71
N THR D 104 -8.46 31.55 10.47
CA THR D 104 -9.60 32.17 9.83
C THR D 104 -10.74 32.37 10.81
N LYS D 105 -11.56 33.39 10.54
CA LYS D 105 -12.70 33.72 11.39
C LYS D 105 -13.96 33.83 10.53
N VAL D 106 -15.12 33.62 11.16
CA VAL D 106 -16.41 33.64 10.48
C VAL D 106 -17.25 34.74 11.09
N GLU D 107 -17.86 35.56 10.23
CA GLU D 107 -18.64 36.71 10.64
C GLU D 107 -20.10 36.53 10.23
N ILE D 108 -20.99 37.14 11.00
CA ILE D 108 -22.43 37.03 10.76
C ILE D 108 -22.78 38.00 9.63
N LYS D 109 -23.15 37.46 8.46
CA LYS D 109 -23.52 38.29 7.33
C LYS D 109 -24.77 39.11 7.64
N ARG D 110 -24.61 40.41 7.81
CA ARG D 110 -25.70 41.31 8.15
C ARG D 110 -25.85 42.34 7.04
N THR D 111 -27.08 42.78 6.80
CA THR D 111 -27.38 43.75 5.75
C THR D 111 -26.55 45.03 5.91
N VAL D 112 -26.18 45.63 4.77
CA VAL D 112 -25.32 46.80 4.72
C VAL D 112 -25.85 47.92 5.61
N ALA D 113 -25.06 48.35 6.59
CA ALA D 113 -25.43 49.42 7.49
C ALA D 113 -24.44 50.57 7.34
N ALA D 114 -24.96 51.80 7.42
CA ALA D 114 -24.18 53.02 7.29
C ALA D 114 -23.72 53.51 8.65
N PRO D 115 -22.45 53.88 8.80
CA PRO D 115 -21.95 54.27 10.13
C PRO D 115 -22.42 55.65 10.58
N SER D 116 -22.87 55.70 11.82
CA SER D 116 -23.01 56.98 12.52
C SER D 116 -21.61 57.48 12.84
N VAL D 117 -21.25 58.66 12.34
CA VAL D 117 -19.88 59.15 12.41
C VAL D 117 -19.83 60.35 13.34
N PHE D 118 -18.90 60.33 14.29
CA PHE D 118 -18.71 61.40 15.26
C PHE D 118 -17.23 61.72 15.35
N ILE D 119 -16.86 62.97 15.12
CA ILE D 119 -15.48 63.41 15.28
C ILE D 119 -15.39 64.24 16.55
N PHE D 120 -14.25 64.15 17.23
CA PHE D 120 -14.01 64.81 18.51
C PHE D 120 -12.76 65.68 18.43
N PRO D 121 -12.82 66.93 18.86
CA PRO D 121 -11.61 67.76 18.89
C PRO D 121 -10.70 67.32 20.01
N PRO D 122 -9.38 67.35 19.79
CA PRO D 122 -8.44 66.97 20.85
C PRO D 122 -8.71 67.75 22.13
N SER D 123 -8.78 67.03 23.24
CA SER D 123 -9.06 67.66 24.52
C SER D 123 -8.00 68.71 24.81
N ASP D 124 -8.45 69.85 25.35
CA ASP D 124 -7.50 70.92 25.69
C ASP D 124 -6.53 70.46 26.77
N SER D 125 -7.00 69.62 27.69
CA SER D 125 -6.09 69.01 28.68
C SER D 125 -4.97 68.26 27.99
N GLN D 126 -5.29 67.50 26.93
CA GLN D 126 -4.26 66.82 26.17
C GLN D 126 -3.33 67.82 25.49
N LEU D 127 -3.91 68.87 24.88
CA LEU D 127 -3.11 69.89 24.21
C LEU D 127 -2.13 70.56 25.18
N LYS D 128 -2.54 70.72 26.45
CA LYS D 128 -1.69 71.32 27.46
C LYS D 128 -0.32 70.64 27.54
N SER D 129 -0.32 69.30 27.58
CA SER D 129 0.93 68.55 27.62
C SER D 129 1.77 68.79 26.37
N GLY D 130 1.13 69.09 25.24
CA GLY D 130 1.81 69.27 23.98
C GLY D 130 1.48 68.22 22.93
N THR D 131 0.44 67.43 23.14
CA THR D 131 0.05 66.37 22.22
C THR D 131 -1.37 66.60 21.73
N ALA D 132 -1.63 66.25 20.47
CA ALA D 132 -2.94 66.43 19.85
C ALA D 132 -3.38 65.16 19.13
N SER D 133 -4.45 64.55 19.60
CA SER D 133 -5.02 63.34 19.00
C SER D 133 -6.46 63.60 18.58
N VAL D 134 -6.73 63.54 17.27
CA VAL D 134 -8.08 63.68 16.73
C VAL D 134 -8.64 62.29 16.44
N VAL D 135 -9.84 62.02 16.94
CA VAL D 135 -10.43 60.69 16.82
C VAL D 135 -11.72 60.77 16.01
N CYS D 136 -12.00 59.69 15.27
CA CYS D 136 -13.21 59.55 14.47
C CYS D 136 -13.87 58.23 14.82
N LEU D 137 -15.17 58.26 15.09
CA LEU D 137 -15.89 57.06 15.53
C LEU D 137 -16.83 56.61 14.41
N LEU D 138 -16.71 55.35 14.03
CA LEU D 138 -17.62 54.73 13.07
C LEU D 138 -18.59 53.81 13.80
N ASN D 139 -19.58 54.40 14.47
CA ASN D 139 -20.43 53.61 15.35
C ASN D 139 -21.39 52.77 14.53
N ASN D 140 -21.50 51.50 14.88
CA ASN D 140 -22.47 50.59 14.28
C ASN D 140 -22.36 50.63 12.75
N PHE D 141 -21.22 50.16 12.26
CA PHE D 141 -20.96 50.19 10.83
C PHE D 141 -20.72 48.78 10.32
N TYR D 142 -21.09 48.57 9.06
CA TYR D 142 -21.04 47.27 8.41
C TYR D 142 -21.18 47.44 6.90
N PRO D 143 -20.28 46.86 6.09
CA PRO D 143 -19.30 45.84 6.48
C PRO D 143 -18.07 46.42 7.13
N ARG D 144 -17.33 45.58 7.85
CA ARG D 144 -16.06 46.00 8.42
C ARG D 144 -15.18 46.61 7.34
N GLU D 145 -15.20 46.03 6.15
CA GLU D 145 -14.39 46.53 5.05
C GLU D 145 -14.84 47.95 4.70
N ALA D 146 -13.93 48.91 4.85
CA ALA D 146 -14.25 50.31 4.58
C ALA D 146 -12.94 51.07 4.38
N LYS D 147 -13.06 52.40 4.25
CA LYS D 147 -11.90 53.24 4.02
C LYS D 147 -12.13 54.59 4.67
N VAL D 148 -11.30 54.92 5.67
CA VAL D 148 -11.38 56.17 6.41
C VAL D 148 -10.24 57.08 5.98
N GLN D 149 -10.53 58.38 5.81
CA GLN D 149 -9.56 59.37 5.34
C GLN D 149 -9.46 60.53 6.32
N TRP D 150 -8.23 60.96 6.58
CA TRP D 150 -7.94 62.12 7.44
C TRP D 150 -7.45 63.28 6.59
N LYS D 151 -8.20 64.38 6.58
CA LYS D 151 -7.78 65.62 5.90
C LYS D 151 -7.78 66.78 6.89
N VAL D 152 -6.65 67.45 7.01
CA VAL D 152 -6.50 68.61 7.89
C VAL D 152 -6.36 69.83 7.00
N ASP D 153 -7.28 70.79 7.15
CA ASP D 153 -7.37 71.94 6.24
C ASP D 153 -7.34 71.49 4.79
N ASN D 154 -8.15 70.46 4.49
CA ASN D 154 -8.21 69.84 3.16
C ASN D 154 -6.83 69.38 2.68
N ALA D 155 -5.99 68.96 3.61
CA ALA D 155 -4.66 68.44 3.32
C ALA D 155 -4.55 67.00 3.81
N LEU D 156 -4.31 66.08 2.89
CA LEU D 156 -4.23 64.66 3.20
C LEU D 156 -3.21 64.38 4.29
N GLN D 157 -3.61 63.60 5.28
CA GLN D 157 -2.73 63.22 6.37
C GLN D 157 -2.03 61.89 6.08
N SER D 158 -0.73 61.84 6.37
CA SER D 158 0.08 60.65 6.14
C SER D 158 0.93 60.36 7.37
N GLY D 159 1.02 59.08 7.72
CA GLY D 159 1.80 58.62 8.86
C GLY D 159 1.43 59.31 10.15
N ASN D 160 0.13 59.41 10.40
CA ASN D 160 -0.33 60.05 11.63
C ASN D 160 -1.64 59.46 12.16
N SER D 161 -2.18 58.41 11.55
CA SER D 161 -3.47 57.87 11.97
C SER D 161 -3.33 56.39 12.33
N GLN D 162 -4.04 56.00 13.38
CA GLN D 162 -4.08 54.63 13.88
C GLN D 162 -5.53 54.21 14.09
N GLU D 163 -5.82 52.95 13.83
CA GLU D 163 -7.19 52.44 13.82
C GLU D 163 -7.35 51.26 14.78
N SER D 164 -8.57 51.09 15.27
CA SER D 164 -8.92 50.03 16.22
C SER D 164 -10.32 49.53 15.90
N VAL D 165 -10.52 48.21 15.99
CA VAL D 165 -11.76 47.57 15.59
C VAL D 165 -12.35 46.80 16.77
N THR D 166 -13.66 46.94 16.98
CA THR D 166 -14.40 46.16 17.97
C THR D 166 -14.80 44.82 17.35
N GLU D 167 -15.53 44.01 18.12
CA GLU D 167 -16.09 42.78 17.61
C GLU D 167 -17.55 42.98 17.20
N GLN D 168 -18.06 42.06 16.38
CA GLN D 168 -19.44 42.14 15.91
C GLN D 168 -20.37 42.27 17.10
N ASP D 169 -21.33 43.19 17.00
CA ASP D 169 -22.23 43.45 18.12
C ASP D 169 -23.06 42.22 18.41
N SER D 170 -23.32 42.01 19.70
CA SER D 170 -24.06 40.84 20.17
C SER D 170 -25.29 40.58 19.31
N LYS D 171 -26.25 41.51 19.36
CA LYS D 171 -27.45 41.46 18.53
C LYS D 171 -27.27 42.10 17.15
N ASP D 172 -26.77 43.35 17.11
CA ASP D 172 -26.75 44.10 15.87
C ASP D 172 -25.73 43.59 14.85
N SER D 173 -24.73 42.83 15.28
CA SER D 173 -23.71 42.30 14.36
C SER D 173 -23.08 43.42 13.53
N THR D 174 -22.98 44.59 14.15
CA THR D 174 -22.37 45.76 13.53
C THR D 174 -20.93 45.87 14.00
N TYR D 175 -20.25 46.94 13.63
CA TYR D 175 -18.89 47.17 14.09
C TYR D 175 -18.75 48.62 14.52
N SER D 176 -17.81 48.86 15.41
CA SER D 176 -17.44 50.21 15.81
C SER D 176 -15.95 50.39 15.59
N LEU D 177 -15.57 51.51 14.99
CA LEU D 177 -14.19 51.76 14.60
C LEU D 177 -13.76 53.12 15.11
N SER D 178 -12.52 53.19 15.58
CA SER D 178 -11.91 54.43 16.04
C SER D 178 -10.63 54.66 15.25
N SER D 179 -10.54 55.82 14.60
CA SER D 179 -9.33 56.26 13.92
C SER D 179 -8.77 57.46 14.66
N THR D 180 -7.53 57.34 15.12
CA THR D 180 -6.91 58.35 15.97
C THR D 180 -5.81 59.04 15.20
N LEU D 181 -5.94 60.34 15.00
CA LEU D 181 -4.97 61.14 14.26
C LEU D 181 -4.13 61.91 15.27
N THR D 182 -2.86 61.51 15.42
CA THR D 182 -1.97 62.10 16.42
C THR D 182 -1.12 63.21 15.79
N LEU D 183 -1.18 64.39 16.39
CA LEU D 183 -0.40 65.55 15.98
C LEU D 183 0.25 66.15 17.22
N SER D 184 1.31 66.92 16.99
CA SER D 184 1.89 67.70 18.06
C SER D 184 1.07 68.98 18.23
N LYS D 185 1.15 69.55 19.43
CA LYS D 185 0.48 70.82 19.69
C LYS D 185 0.85 71.82 18.61
N ALA D 186 2.12 71.82 18.19
CA ALA D 186 2.59 72.73 17.16
C ALA D 186 1.81 72.59 15.86
N ASP D 187 1.88 71.42 15.18
CA ASP D 187 1.14 71.26 13.92
C ASP D 187 -0.35 71.41 14.14
N TYR D 188 -0.86 70.99 15.31
CA TYR D 188 -2.26 71.22 15.61
C TYR D 188 -2.57 72.72 15.55
N GLU D 189 -1.68 73.53 16.15
CA GLU D 189 -1.89 74.98 16.18
C GLU D 189 -1.72 75.65 14.81
N LYS D 190 -1.09 74.99 13.84
CA LYS D 190 -0.91 75.65 12.54
C LYS D 190 -2.09 75.43 11.60
N HIS D 191 -3.10 74.68 12.01
CA HIS D 191 -4.25 74.44 11.15
C HIS D 191 -5.52 74.50 11.97
N LYS D 192 -6.64 74.69 11.28
CA LYS D 192 -7.95 74.86 11.89
C LYS D 192 -8.94 73.77 11.52
N VAL D 193 -9.03 73.42 10.24
CA VAL D 193 -9.99 72.43 9.75
C VAL D 193 -9.40 71.02 9.89
N TYR D 194 -10.19 70.10 10.43
CA TYR D 194 -9.76 68.72 10.63
C TYR D 194 -10.91 67.80 10.22
N ALA D 195 -10.75 67.09 9.11
CA ALA D 195 -11.85 66.33 8.51
C ALA D 195 -11.58 64.83 8.52
N CYS D 196 -12.65 64.05 8.63
CA CYS D 196 -12.59 62.58 8.63
C CYS D 196 -13.63 62.08 7.64
N GLU D 197 -13.16 61.69 6.44
CA GLU D 197 -14.01 61.16 5.38
C GLU D 197 -14.05 59.64 5.46
N VAL D 198 -15.25 59.07 5.46
CA VAL D 198 -15.44 57.62 5.40
C VAL D 198 -16.12 57.32 4.08
N THR D 199 -15.55 56.40 3.32
CA THR D 199 -16.06 56.02 2.00
C THR D 199 -16.53 54.57 2.05
N GLN D 200 -17.84 54.38 2.11
CA GLN D 200 -18.43 53.05 2.20
C GLN D 200 -18.82 52.59 0.80
N GLY D 201 -17.82 52.16 0.04
CA GLY D 201 -18.01 51.67 -1.31
C GLY D 201 -18.27 52.77 -2.31
N THR D 202 -19.48 53.33 -2.28
CA THR D 202 -19.87 54.42 -3.17
C THR D 202 -20.44 55.59 -2.39
N THR D 203 -20.19 55.66 -1.08
CA THR D 203 -20.72 56.71 -0.22
C THR D 203 -19.59 57.25 0.64
N SER D 204 -19.05 58.41 0.25
CA SER D 204 -17.95 59.04 0.97
C SER D 204 -18.50 60.09 1.93
N VAL D 205 -18.37 59.84 3.23
CA VAL D 205 -18.93 60.69 4.27
C VAL D 205 -17.77 61.35 5.01
N THR D 206 -17.68 62.69 4.95
CA THR D 206 -16.61 63.44 5.58
C THR D 206 -17.16 64.27 6.73
N LYS D 207 -16.37 64.35 7.80
CA LYS D 207 -16.73 65.11 8.99
C LYS D 207 -15.53 65.92 9.42
N SER D 208 -15.74 67.22 9.67
CA SER D 208 -14.66 68.14 9.98
C SER D 208 -14.98 68.93 11.24
N PHE D 209 -13.96 69.59 11.81
CA PHE D 209 -14.13 70.47 12.94
C PHE D 209 -13.15 71.63 12.85
N ASN D 210 -13.59 72.80 13.34
CA ASN D 210 -12.79 74.01 13.37
C ASN D 210 -12.19 74.21 14.76
N ARG D 211 -10.90 74.54 14.81
CA ARG D 211 -10.20 74.71 16.08
C ARG D 211 -10.83 75.81 16.92
N GLY D 212 -11.41 75.46 18.06
CA GLY D 212 -11.93 76.42 19.00
C GLY D 212 -13.39 76.79 18.82
N GLU D 213 -14.03 76.40 17.72
CA GLU D 213 -15.41 76.79 17.48
C GLU D 213 -16.29 75.76 18.18
N CYS D 214 -16.69 76.09 19.41
CA CYS D 214 -17.43 75.17 20.26
C CYS D 214 -18.89 75.56 20.42
N GLU E 1 17.92 9.39 -38.20
CA GLU E 1 17.51 10.32 -37.16
C GLU E 1 16.15 10.92 -37.46
N VAL E 2 15.54 11.52 -36.43
CA VAL E 2 14.23 12.14 -36.53
C VAL E 2 14.30 13.52 -35.90
N GLN E 3 13.69 14.51 -36.55
CA GLN E 3 13.70 15.88 -36.06
C GLN E 3 12.29 16.45 -36.17
N LEU E 4 12.13 17.65 -35.63
CA LEU E 4 10.85 18.35 -35.55
C LEU E 4 10.99 19.80 -35.98
N VAL E 5 11.57 20.04 -37.17
CA VAL E 5 11.82 21.38 -37.66
C VAL E 5 10.57 22.23 -37.56
N GLU E 6 10.67 23.37 -36.89
CA GLU E 6 9.57 24.30 -36.70
C GLU E 6 9.64 25.45 -37.68
N SER E 7 8.52 26.17 -37.80
CA SER E 7 8.43 27.31 -38.70
C SER E 7 7.23 28.15 -38.28
N GLY E 8 7.15 29.35 -38.85
CA GLY E 8 6.08 30.27 -38.56
C GLY E 8 6.44 31.39 -37.60
N GLY E 9 7.57 31.27 -36.89
CA GLY E 9 8.00 32.32 -35.99
C GLY E 9 8.23 33.62 -36.74
N GLY E 10 8.54 34.66 -35.98
CA GLY E 10 8.60 35.98 -36.59
C GLY E 10 8.04 37.11 -35.77
N LEU E 11 7.28 38.00 -36.40
CA LEU E 11 6.85 39.23 -35.75
C LEU E 11 5.39 39.57 -36.00
N VAL E 12 4.68 39.92 -34.92
CA VAL E 12 3.35 40.51 -34.98
C VAL E 12 3.25 41.43 -33.75
N GLN E 13 2.31 42.41 -33.79
CA GLN E 13 2.07 43.33 -32.69
C GLN E 13 0.96 42.78 -31.79
N PRO E 14 0.85 43.25 -30.54
CA PRO E 14 -0.16 42.72 -29.62
C PRO E 14 -1.55 42.67 -30.24
N GLY E 15 -2.29 41.62 -29.93
CA GLY E 15 -3.53 41.33 -30.62
C GLY E 15 -3.30 40.77 -32.01
N GLY E 16 -2.34 39.86 -32.15
CA GLY E 16 -1.95 39.32 -33.44
C GLY E 16 -2.29 37.85 -33.63
N SER E 17 -1.85 37.35 -34.78
CA SER E 17 -2.14 35.99 -35.21
C SER E 17 -0.89 35.41 -35.85
N LEU E 18 -0.48 34.23 -35.39
CA LEU E 18 0.72 33.57 -35.90
C LEU E 18 0.48 32.07 -35.91
N ARG E 19 0.49 31.47 -37.10
CA ARG E 19 0.27 30.04 -37.25
C ARG E 19 1.61 29.33 -37.10
N LEU E 20 1.78 28.59 -36.02
CA LEU E 20 3.02 27.85 -35.77
C LEU E 20 2.91 26.45 -36.37
N SER E 21 4.03 25.96 -36.90
CA SER E 21 4.06 24.68 -37.60
C SER E 21 5.27 23.88 -37.17
N CYS E 22 5.06 22.59 -36.87
CA CYS E 22 6.12 21.68 -36.44
C CYS E 22 6.07 20.45 -37.34
N ALA E 23 7.10 20.27 -38.16
CA ALA E 23 7.18 19.14 -39.07
C ALA E 23 7.42 17.85 -38.28
N ALA E 24 7.50 16.74 -39.02
CA ALA E 24 7.65 15.40 -38.43
C ALA E 24 8.30 14.46 -39.43
N SER E 25 9.49 13.98 -39.09
CA SER E 25 10.25 13.03 -39.89
C SER E 25 9.85 11.61 -39.53
N GLY E 26 10.73 10.63 -39.72
CA GLY E 26 10.38 9.24 -39.47
C GLY E 26 9.96 9.00 -38.04
N PHE E 27 8.75 9.49 -37.77
CA PHE E 27 8.06 9.43 -36.50
C PHE E 27 6.54 9.36 -36.72
N ASP E 28 5.92 8.32 -36.19
CA ASP E 28 4.47 8.18 -36.25
C ASP E 28 3.89 9.22 -35.30
N SER E 29 3.39 10.32 -35.88
CA SER E 29 2.90 11.44 -35.06
C SER E 29 1.75 10.99 -34.16
N GLY E 30 0.81 10.23 -34.71
CA GLY E 30 -0.34 9.79 -33.95
C GLY E 30 0.00 9.13 -32.63
N ALA E 31 1.13 8.41 -32.59
CA ALA E 31 1.50 7.65 -31.39
C ALA E 31 2.13 8.54 -30.31
N TYR E 32 3.06 9.40 -30.67
CA TYR E 32 3.77 10.26 -29.72
C TYR E 32 3.16 11.65 -29.67
N LEU E 33 2.81 12.10 -28.46
CA LEU E 33 2.18 13.41 -28.28
C LEU E 33 3.12 14.52 -28.73
N ARG E 34 2.52 15.60 -29.26
CA ARG E 34 3.32 16.78 -29.67
C ARG E 34 3.22 17.81 -28.55
N HIS E 35 4.34 18.41 -28.16
CA HIS E 35 4.39 19.30 -27.01
C HIS E 35 5.05 20.61 -27.42
N TRP E 36 4.46 21.72 -26.96
CA TRP E 36 4.97 23.06 -27.24
C TRP E 36 5.49 23.68 -25.95
N VAL E 37 6.72 24.19 -26.01
CA VAL E 37 7.34 24.82 -24.85
C VAL E 37 8.07 26.08 -25.31
N ARG E 38 7.83 27.19 -24.62
CA ARG E 38 8.45 28.47 -24.94
C ARG E 38 9.40 28.91 -23.84
N GLN E 39 10.51 29.54 -24.23
CA GLN E 39 11.50 30.08 -23.30
C GLN E 39 11.64 31.58 -23.57
N ALA E 40 11.03 32.41 -22.73
CA ALA E 40 11.29 33.84 -22.83
C ALA E 40 12.79 34.06 -22.75
N PRO E 41 13.41 34.75 -23.71
CA PRO E 41 14.88 34.80 -23.77
C PRO E 41 15.50 35.18 -22.44
N GLY E 42 16.47 34.39 -22.02
CA GLY E 42 17.17 34.60 -20.75
C GLY E 42 16.56 33.85 -19.58
N LYS E 43 15.24 33.74 -19.54
CA LYS E 43 14.55 33.07 -18.44
C LYS E 43 14.51 31.57 -18.71
N GLY E 44 13.64 30.82 -18.03
CA GLY E 44 13.60 29.38 -18.15
C GLY E 44 12.47 28.89 -19.03
N LEU E 45 12.16 27.61 -18.89
CA LEU E 45 11.20 26.99 -19.80
C LEU E 45 9.78 27.26 -19.32
N GLU E 46 8.85 27.28 -20.27
CA GLU E 46 7.43 27.48 -19.98
C GLU E 46 6.64 26.64 -20.97
N TRP E 47 5.96 25.62 -20.45
CA TRP E 47 5.17 24.74 -21.29
C TRP E 47 3.99 25.49 -21.85
N VAL E 48 3.81 25.43 -23.17
CA VAL E 48 2.69 26.11 -23.79
C VAL E 48 1.45 25.22 -23.77
N ALA E 49 1.54 24.06 -24.40
CA ALA E 49 0.41 23.16 -24.55
C ALA E 49 0.90 21.84 -25.12
N SER E 50 0.03 20.84 -25.13
CA SER E 50 0.37 19.54 -25.69
C SER E 50 -0.90 18.89 -26.22
N ILE E 51 -0.72 18.00 -27.20
CA ILE E 51 -1.85 17.30 -27.82
C ILE E 51 -1.38 15.92 -28.26
N TYR E 52 -2.31 14.98 -28.27
CA TYR E 52 -2.09 13.60 -28.70
C TYR E 52 -2.57 13.50 -30.14
N PRO E 53 -1.68 13.55 -31.14
CA PRO E 53 -2.13 13.73 -32.53
C PRO E 53 -3.26 12.82 -32.99
N SER E 54 -3.12 11.50 -32.80
CA SER E 54 -4.15 10.58 -33.28
C SER E 54 -5.51 10.85 -32.65
N TYR E 55 -5.58 10.80 -31.32
CA TYR E 55 -6.86 11.00 -30.65
C TYR E 55 -7.24 12.47 -30.55
N GLY E 56 -6.27 13.37 -30.57
CA GLY E 56 -6.53 14.78 -30.59
C GLY E 56 -7.19 15.36 -29.36
N TYR E 57 -6.52 15.35 -28.23
CA TYR E 57 -7.09 15.88 -26.99
C TYR E 57 -6.40 17.20 -26.64
N THR E 58 -7.20 18.24 -26.49
CA THR E 58 -6.70 19.58 -26.21
C THR E 58 -6.25 19.69 -24.76
N SER E 59 -5.05 20.24 -24.56
CA SER E 59 -4.49 20.45 -23.23
C SER E 59 -3.63 21.71 -23.28
N TYR E 60 -4.05 22.75 -22.55
CA TYR E 60 -3.40 24.05 -22.57
C TYR E 60 -2.92 24.39 -21.16
N ALA E 61 -2.08 25.42 -21.09
CA ALA E 61 -1.63 25.95 -19.81
C ALA E 61 -2.54 27.12 -19.43
N ASP E 62 -2.76 27.28 -18.13
CA ASP E 62 -3.75 28.23 -17.63
C ASP E 62 -3.44 29.67 -18.03
N SER E 63 -2.17 30.03 -18.16
CA SER E 63 -1.83 31.41 -18.52
C SER E 63 -2.38 31.79 -19.89
N VAL E 64 -2.27 30.87 -20.86
CA VAL E 64 -2.66 31.16 -22.23
C VAL E 64 -4.08 30.71 -22.56
N LYS E 65 -4.81 30.17 -21.58
CA LYS E 65 -6.10 29.54 -21.76
C LYS E 65 -7.00 30.32 -22.72
N GLY E 66 -7.45 29.64 -23.78
CA GLY E 66 -8.33 30.23 -24.77
C GLY E 66 -7.59 31.06 -25.80
N ARG E 67 -6.55 31.77 -25.36
CA ARG E 67 -5.80 32.63 -26.30
C ARG E 67 -5.24 31.77 -27.43
N PHE E 68 -4.58 30.66 -27.09
CA PHE E 68 -3.98 29.81 -28.11
C PHE E 68 -4.90 28.64 -28.44
N THR E 69 -4.55 27.93 -29.51
CA THR E 69 -5.31 26.77 -29.97
C THR E 69 -4.35 25.77 -30.60
N ILE E 70 -4.39 24.52 -30.12
CA ILE E 70 -3.50 23.47 -30.59
C ILE E 70 -4.23 22.59 -31.58
N SER E 71 -3.48 22.04 -32.53
CA SER E 71 -4.03 21.13 -33.53
C SER E 71 -2.85 20.43 -34.21
N ALA E 72 -3.19 19.44 -35.03
CA ALA E 72 -2.20 18.67 -35.78
C ALA E 72 -2.96 17.82 -36.78
N ASP E 73 -2.23 17.25 -37.73
CA ASP E 73 -2.81 16.36 -38.73
C ASP E 73 -1.86 15.18 -38.91
N THR E 74 -2.33 13.99 -38.52
CA THR E 74 -1.52 12.79 -38.69
C THR E 74 -1.19 12.56 -40.16
N SER E 75 -2.16 12.80 -41.05
CA SER E 75 -1.92 12.66 -42.48
C SER E 75 -0.79 13.58 -42.93
N LYS E 76 -0.86 14.86 -42.56
CA LYS E 76 0.22 15.77 -42.91
C LYS E 76 1.49 15.55 -42.09
N ASN E 77 1.42 14.80 -40.99
CA ASN E 77 2.56 14.61 -40.09
C ASN E 77 3.18 15.94 -39.66
N THR E 78 2.33 16.84 -39.15
CA THR E 78 2.73 18.18 -38.74
C THR E 78 1.77 18.65 -37.66
N ALA E 79 2.27 19.54 -36.81
CA ALA E 79 1.46 20.11 -35.74
C ALA E 79 1.14 21.56 -36.08
N TYR E 80 0.11 22.08 -35.40
CA TYR E 80 -0.37 23.43 -35.65
C TYR E 80 -0.74 24.04 -34.31
N LEU E 81 -0.15 25.18 -34.01
CA LEU E 81 -0.46 25.95 -32.81
C LEU E 81 -0.95 27.32 -33.27
N GLN E 82 -2.25 27.57 -33.11
CA GLN E 82 -2.82 28.85 -33.51
C GLN E 82 -2.58 29.85 -32.39
N MET E 83 -1.78 30.87 -32.68
CA MET E 83 -1.45 31.90 -31.71
C MET E 83 -2.31 33.10 -32.06
N ASN E 84 -3.26 33.43 -31.20
CA ASN E 84 -4.19 34.54 -31.43
C ASN E 84 -4.27 35.38 -30.17
N SER E 85 -4.71 36.62 -30.34
CA SER E 85 -4.77 37.56 -29.18
C SER E 85 -3.41 37.51 -28.49
N LEU E 86 -2.36 37.77 -29.26
CA LEU E 86 -1.00 37.78 -28.69
C LEU E 86 -0.79 38.95 -27.74
N ARG E 87 0.01 38.71 -26.70
CA ARG E 87 0.41 39.74 -25.76
C ARG E 87 1.92 39.90 -25.89
N ALA E 88 2.44 41.02 -25.37
CA ALA E 88 3.86 41.32 -25.50
C ALA E 88 4.73 40.24 -24.86
N GLU E 89 4.37 39.82 -23.64
CA GLU E 89 5.16 38.85 -22.90
C GLU E 89 5.32 37.53 -23.66
N ASP E 90 4.35 37.17 -24.50
CA ASP E 90 4.39 35.90 -25.22
C ASP E 90 5.64 35.74 -26.07
N THR E 91 6.38 36.83 -26.31
CA THR E 91 7.63 36.74 -27.03
C THR E 91 8.57 35.72 -26.39
N ALA E 92 9.02 34.78 -27.19
CA ALA E 92 9.90 33.70 -26.76
C ALA E 92 10.34 32.95 -28.00
N VAL E 93 11.33 32.07 -27.83
CA VAL E 93 11.68 31.11 -28.86
C VAL E 93 10.90 29.83 -28.59
N TYR E 94 9.98 29.51 -29.50
CA TYR E 94 9.08 28.38 -29.30
C TYR E 94 9.76 27.10 -29.76
N TYR E 95 9.57 26.02 -28.99
CA TYR E 95 10.27 24.75 -29.20
C TYR E 95 9.23 23.64 -29.37
N CYS E 96 9.51 22.71 -30.28
CA CYS E 96 8.63 21.56 -30.52
C CYS E 96 9.32 20.29 -30.07
N ALA E 97 8.59 19.41 -29.37
CA ALA E 97 9.17 18.22 -28.77
C ALA E 97 8.17 17.06 -28.80
N ARG E 98 8.71 15.83 -28.87
CA ARG E 98 7.95 14.59 -28.88
C ARG E 98 7.99 13.91 -27.51
N SER E 99 6.87 13.29 -27.10
CA SER E 99 6.78 12.78 -25.74
C SER E 99 6.60 11.27 -25.56
N ALA E 100 5.48 10.69 -26.02
CA ALA E 100 5.10 9.37 -25.47
C ALA E 100 4.24 8.47 -26.37
N ALA E 101 3.41 7.63 -25.75
CA ALA E 101 2.53 6.69 -26.45
C ALA E 101 1.43 6.26 -25.47
N SER E 102 0.70 5.20 -25.81
CA SER E 102 -0.22 4.57 -24.87
C SER E 102 -1.43 5.39 -24.45
N TYR E 103 -2.53 5.34 -25.21
CA TYR E 103 -3.81 5.92 -24.80
C TYR E 103 -4.06 5.74 -23.30
N TYR E 104 -3.75 4.56 -22.77
CA TYR E 104 -3.79 4.37 -21.32
C TYR E 104 -2.96 5.42 -20.59
N GLY E 105 -1.73 5.64 -21.02
CA GLY E 105 -0.87 6.64 -20.43
C GLY E 105 -1.52 7.99 -20.21
N TYR E 106 -1.95 8.64 -21.30
CA TYR E 106 -2.57 9.96 -21.18
C TYR E 106 -3.82 9.92 -20.33
N TRP E 107 -4.72 8.97 -20.58
CA TRP E 107 -5.98 8.97 -19.86
C TRP E 107 -5.87 8.33 -18.48
N HIS E 108 -5.03 7.31 -18.29
CA HIS E 108 -4.99 6.75 -16.94
C HIS E 108 -3.80 7.23 -16.11
N TRP E 109 -2.59 6.73 -16.38
CA TRP E 109 -1.43 7.12 -15.57
C TRP E 109 -0.55 8.15 -16.28
N TYR E 110 -1.14 9.32 -16.54
CA TYR E 110 -0.36 10.42 -17.12
C TYR E 110 0.81 10.79 -16.21
N HIS E 111 0.64 10.60 -14.89
CA HIS E 111 1.66 10.95 -13.91
C HIS E 111 3.01 10.29 -14.19
N PHE E 112 3.02 9.20 -14.96
CA PHE E 112 4.25 8.52 -15.34
C PHE E 112 4.67 8.81 -16.76
N SER E 113 4.18 9.87 -17.39
CA SER E 113 4.42 10.04 -18.81
C SER E 113 5.91 10.26 -19.05
N PRO E 114 6.47 9.70 -20.13
CA PRO E 114 7.89 9.93 -20.42
C PRO E 114 8.12 11.37 -20.83
N GLY E 115 9.39 11.77 -20.73
CA GLY E 115 9.79 13.11 -21.00
C GLY E 115 9.81 13.42 -22.49
N MET E 116 10.13 14.67 -22.79
CA MET E 116 10.25 15.13 -24.18
C MET E 116 11.50 14.48 -24.74
N ASP E 117 11.33 13.35 -25.42
CA ASP E 117 12.47 12.50 -25.75
C ASP E 117 13.48 13.26 -26.60
N TYR E 118 13.02 13.80 -27.74
CA TYR E 118 13.82 14.63 -28.64
C TYR E 118 13.09 15.94 -28.91
N TRP E 119 13.84 17.04 -28.88
CA TRP E 119 13.29 18.38 -29.08
C TRP E 119 13.57 18.82 -30.50
N GLY E 120 13.08 20.01 -30.84
CA GLY E 120 13.29 20.56 -32.16
C GLY E 120 14.50 21.48 -32.21
N GLN E 121 14.31 22.67 -32.75
CA GLN E 121 15.39 23.64 -32.89
C GLN E 121 15.02 25.04 -32.42
N GLY E 122 13.74 25.40 -32.41
CA GLY E 122 13.33 26.70 -31.91
C GLY E 122 13.01 27.69 -33.01
N THR E 123 11.98 28.49 -32.81
CA THR E 123 11.64 29.55 -33.75
C THR E 123 11.30 30.80 -32.96
N LEU E 124 11.99 31.89 -33.29
CA LEU E 124 11.79 33.14 -32.58
C LEU E 124 10.41 33.70 -32.89
N VAL E 125 9.66 34.04 -31.86
CA VAL E 125 8.34 34.66 -32.01
C VAL E 125 8.37 35.95 -31.20
N THR E 126 8.51 37.08 -31.88
CA THR E 126 8.59 38.38 -31.23
C THR E 126 7.25 39.09 -31.36
N VAL E 127 6.68 39.46 -30.22
CA VAL E 127 5.46 40.25 -30.20
C VAL E 127 5.93 41.68 -30.00
N SER E 128 6.03 42.41 -31.11
CA SER E 128 6.48 43.79 -31.13
C SER E 128 5.46 44.73 -30.51
N SER E 129 5.68 46.01 -30.74
CA SER E 129 4.67 47.06 -30.83
C SER E 129 5.12 48.08 -31.86
N ALA E 130 6.27 47.86 -32.49
CA ALA E 130 6.87 48.66 -33.55
C ALA E 130 7.10 47.79 -34.78
N SER E 131 7.95 48.27 -35.70
CA SER E 131 8.26 47.56 -36.93
C SER E 131 9.77 47.42 -37.06
N THR E 132 10.17 46.59 -38.01
CA THR E 132 11.58 46.32 -38.27
C THR E 132 12.38 47.61 -38.45
N LYS E 133 13.45 47.73 -37.69
CA LYS E 133 14.27 48.92 -37.59
C LYS E 133 15.69 48.61 -38.05
N GLY E 134 16.37 49.64 -38.56
CA GLY E 134 17.73 49.45 -39.01
C GLY E 134 18.73 49.50 -37.89
N PRO E 135 19.69 48.58 -37.91
CA PRO E 135 20.70 48.55 -36.86
C PRO E 135 21.62 49.74 -37.03
N SER E 136 21.76 50.55 -35.98
CA SER E 136 22.67 51.68 -36.01
C SER E 136 23.99 51.22 -35.39
N VAL E 137 25.07 51.36 -36.17
CA VAL E 137 26.36 50.81 -35.80
C VAL E 137 27.33 51.97 -35.66
N PHE E 138 27.93 52.11 -34.48
CA PHE E 138 28.89 53.15 -34.16
C PHE E 138 30.20 52.56 -33.67
N PRO E 139 31.33 53.23 -33.91
CA PRO E 139 32.62 52.66 -33.52
C PRO E 139 32.99 52.94 -32.07
N LEU E 140 33.81 52.04 -31.53
CA LEU E 140 34.34 52.12 -30.17
C LEU E 140 35.86 52.17 -30.27
N ALA E 141 36.43 53.39 -30.31
CA ALA E 141 37.85 53.49 -30.63
C ALA E 141 38.72 53.41 -29.37
N PRO E 142 39.94 52.88 -29.50
CA PRO E 142 40.87 52.81 -28.36
C PRO E 142 41.66 54.08 -28.10
N SER E 143 42.64 53.98 -27.19
CA SER E 143 43.53 55.10 -26.88
C SER E 143 44.94 54.52 -26.69
N SER E 144 45.88 55.38 -26.30
CA SER E 144 47.25 54.97 -26.06
C SER E 144 47.58 54.63 -24.61
N LYS E 145 46.83 55.13 -23.62
CA LYS E 145 47.10 54.81 -22.22
C LYS E 145 46.14 53.80 -21.61
N SER E 146 44.83 54.04 -21.73
CA SER E 146 43.84 53.10 -21.17
C SER E 146 43.89 51.73 -21.85
N THR E 147 44.61 51.61 -22.97
CA THR E 147 44.67 50.33 -23.66
C THR E 147 45.60 49.36 -22.94
N SER E 148 46.39 49.86 -22.00
CA SER E 148 47.30 49.10 -21.16
C SER E 148 48.38 48.37 -21.95
N GLY E 149 48.49 48.62 -23.25
CA GLY E 149 49.53 48.01 -24.06
C GLY E 149 49.21 46.57 -24.40
N GLY E 150 49.11 46.27 -25.69
CA GLY E 150 48.84 44.92 -26.13
C GLY E 150 47.41 44.49 -25.89
N THR E 151 46.58 45.42 -25.44
CA THR E 151 45.17 45.07 -25.10
C THR E 151 44.23 46.16 -25.63
N ALA E 152 44.55 46.78 -26.77
CA ALA E 152 43.72 47.85 -27.28
C ALA E 152 42.29 47.34 -27.44
N ALA E 153 41.33 48.14 -27.00
CA ALA E 153 39.93 47.74 -27.01
C ALA E 153 39.21 48.53 -28.10
N LEU E 154 38.53 47.81 -28.98
CA LEU E 154 37.77 48.40 -30.05
C LEU E 154 36.55 47.54 -30.32
N GLY E 155 35.53 48.14 -30.91
CA GLY E 155 34.34 47.39 -31.22
C GLY E 155 33.29 48.26 -31.87
N CYS E 156 32.11 47.66 -32.01
CA CYS E 156 30.97 48.31 -32.64
C CYS E 156 29.77 48.20 -31.71
N LEU E 157 28.96 49.25 -31.68
CA LEU E 157 27.71 49.25 -30.94
C LEU E 157 26.56 49.23 -31.95
N VAL E 158 25.79 48.15 -31.95
CA VAL E 158 24.64 48.02 -32.85
C VAL E 158 23.41 48.37 -32.00
N LYS E 159 22.90 49.57 -32.19
CA LYS E 159 21.91 50.17 -31.31
C LYS E 159 20.61 50.40 -32.08
N ASP E 160 19.49 50.18 -31.42
CA ASP E 160 18.15 50.47 -31.96
C ASP E 160 17.88 49.69 -33.25
N TYR E 161 17.79 48.37 -33.09
CA TYR E 161 17.38 47.47 -34.16
C TYR E 161 16.25 46.57 -33.67
N PHE E 162 15.52 45.99 -34.62
CA PHE E 162 14.40 45.10 -34.31
C PHE E 162 13.96 44.33 -35.55
N PRO E 163 13.55 43.03 -35.41
CA PRO E 163 13.75 42.23 -34.17
C PRO E 163 15.20 41.87 -33.81
N GLU E 164 15.43 40.74 -33.12
CA GLU E 164 16.82 40.45 -32.64
C GLU E 164 17.38 39.11 -33.12
N PRO E 165 17.64 38.89 -34.42
CA PRO E 165 18.34 37.71 -34.89
C PRO E 165 19.62 38.26 -35.50
N VAL E 166 20.50 38.83 -34.68
CA VAL E 166 21.70 39.52 -35.26
C VAL E 166 22.97 38.67 -35.20
N THR E 167 23.76 38.71 -36.27
CA THR E 167 25.05 38.02 -36.33
C THR E 167 26.17 39.06 -36.38
N VAL E 168 27.31 38.72 -35.79
CA VAL E 168 28.46 39.61 -35.72
C VAL E 168 29.66 38.92 -36.34
N SER E 169 30.34 39.62 -37.24
CA SER E 169 31.59 39.16 -37.82
C SER E 169 32.60 40.31 -37.80
N TRP E 170 33.88 39.95 -37.85
CA TRP E 170 34.96 40.92 -37.79
C TRP E 170 35.92 40.65 -38.95
N ASN E 171 36.10 41.63 -39.82
CA ASN E 171 36.95 41.48 -41.00
C ASN E 171 36.59 40.20 -41.76
N SER E 172 35.30 40.09 -42.10
CA SER E 172 34.73 38.90 -42.73
C SER E 172 34.96 37.67 -41.86
N GLY E 173 34.84 37.84 -40.54
CA GLY E 173 34.98 36.74 -39.61
C GLY E 173 36.42 36.44 -39.20
N ALA E 174 37.38 36.72 -40.09
CA ALA E 174 38.80 36.42 -39.87
C ALA E 174 39.28 36.73 -38.45
N LEU E 175 39.05 37.95 -37.98
CA LEU E 175 39.36 38.30 -36.60
C LEU E 175 38.41 37.57 -35.67
N THR E 176 38.92 36.58 -34.93
CA THR E 176 38.06 35.80 -34.05
C THR E 176 38.51 35.80 -32.60
N SER E 177 39.79 35.60 -32.33
CA SER E 177 40.25 35.52 -30.94
C SER E 177 39.93 36.82 -30.22
N GLY E 178 39.19 36.73 -29.12
CA GLY E 178 38.84 37.88 -28.32
C GLY E 178 37.46 38.44 -28.61
N VAL E 179 36.83 38.04 -29.72
CA VAL E 179 35.51 38.60 -30.04
C VAL E 179 34.55 38.22 -28.94
N HIS E 180 33.95 39.23 -28.32
CA HIS E 180 33.03 39.06 -27.20
C HIS E 180 31.69 39.69 -27.56
N THR E 181 31.05 39.20 -28.61
CA THR E 181 29.76 39.74 -29.00
C THR E 181 28.76 39.58 -27.85
N PHE E 182 28.37 40.69 -27.27
CA PHE E 182 27.53 40.69 -26.09
C PHE E 182 26.09 40.37 -26.46
N PRO E 183 25.36 39.70 -25.57
CA PRO E 183 23.92 39.52 -25.81
C PRO E 183 23.21 40.86 -25.83
N ALA E 184 22.10 40.90 -26.55
CA ALA E 184 21.36 42.14 -26.68
C ALA E 184 20.64 42.45 -25.36
N VAL E 185 20.44 43.73 -25.11
CA VAL E 185 19.67 44.19 -23.95
C VAL E 185 18.58 45.08 -24.56
N LEU E 186 17.40 44.49 -24.80
CA LEU E 186 16.31 45.23 -25.40
C LEU E 186 16.11 46.52 -24.61
N GLN E 187 16.03 47.64 -25.31
CA GLN E 187 15.96 48.90 -24.60
C GLN E 187 14.50 49.23 -24.31
N SER E 188 14.26 49.72 -23.09
CA SER E 188 12.91 50.05 -22.65
C SER E 188 12.22 50.94 -23.68
N SER E 189 12.99 51.78 -24.39
CA SER E 189 12.46 52.56 -25.50
C SER E 189 11.74 51.68 -26.52
N GLY E 190 12.12 50.40 -26.59
CA GLY E 190 11.51 49.42 -27.47
C GLY E 190 12.30 49.13 -28.72
N LEU E 191 13.63 49.05 -28.56
CA LEU E 191 14.57 48.71 -29.62
C LEU E 191 15.72 47.93 -29.02
N TYR E 192 16.20 46.94 -29.78
CA TYR E 192 17.32 46.11 -29.34
C TYR E 192 18.65 46.83 -29.55
N SER E 193 19.61 46.58 -28.65
CA SER E 193 20.92 47.21 -28.71
C SER E 193 21.96 46.36 -27.99
N LEU E 194 23.06 46.01 -28.67
CA LEU E 194 24.16 45.29 -28.05
C LEU E 194 25.49 45.89 -28.48
N SER E 195 26.58 45.29 -27.98
CA SER E 195 27.95 45.69 -28.30
C SER E 195 28.80 44.45 -28.57
N SER E 196 29.81 44.63 -29.42
CA SER E 196 30.78 43.57 -29.73
C SER E 196 32.19 44.16 -29.63
N VAL E 197 33.05 43.50 -28.85
CA VAL E 197 34.37 44.01 -28.55
C VAL E 197 35.40 42.94 -28.93
N VAL E 198 36.65 43.37 -29.09
CA VAL E 198 37.77 42.47 -29.31
C VAL E 198 39.04 43.16 -28.82
N THR E 199 39.94 42.37 -28.22
CA THR E 199 41.19 42.89 -27.69
C THR E 199 42.31 42.64 -28.70
N VAL E 200 43.15 43.66 -28.90
CA VAL E 200 44.23 43.53 -29.88
C VAL E 200 45.49 44.19 -29.33
N PRO E 201 46.65 43.71 -29.76
CA PRO E 201 47.89 44.40 -29.35
C PRO E 201 47.98 45.78 -29.98
N SER E 202 48.47 46.74 -29.20
CA SER E 202 48.62 48.12 -29.66
C SER E 202 49.62 48.27 -30.81
N SER E 203 50.35 47.20 -31.16
CA SER E 203 51.25 47.27 -32.30
C SER E 203 50.47 47.17 -33.60
N SER E 204 49.50 46.25 -33.66
CA SER E 204 48.68 46.05 -34.84
C SER E 204 47.62 47.15 -35.00
N LEU E 205 47.39 47.96 -33.97
CA LEU E 205 46.35 48.99 -33.98
C LEU E 205 46.26 49.70 -35.33
N GLY E 206 47.36 50.34 -35.72
CA GLY E 206 47.46 50.94 -37.04
C GLY E 206 47.76 49.89 -38.08
N THR E 207 48.70 48.99 -37.75
CA THR E 207 49.14 47.95 -38.68
C THR E 207 47.97 47.16 -39.25
N GLN E 208 47.09 46.65 -38.39
CA GLN E 208 45.95 45.85 -38.79
C GLN E 208 44.70 46.71 -38.87
N THR E 209 43.93 46.54 -39.94
CA THR E 209 42.64 47.19 -40.08
C THR E 209 41.55 46.37 -39.39
N TYR E 210 40.48 47.04 -38.98
CA TYR E 210 39.45 46.40 -38.17
C TYR E 210 38.06 46.79 -38.67
N ILE E 211 37.36 45.84 -39.29
CA ILE E 211 36.01 46.03 -39.83
C ILE E 211 35.07 44.99 -39.21
N CYS E 212 34.00 45.45 -38.53
CA CYS E 212 32.97 44.56 -38.01
C CYS E 212 31.84 44.36 -39.03
N ASN E 213 31.56 43.09 -39.36
CA ASN E 213 30.55 42.71 -40.34
C ASN E 213 29.26 42.27 -39.65
N VAL E 214 28.17 42.99 -39.90
CA VAL E 214 26.86 42.73 -39.30
C VAL E 214 25.85 42.33 -40.39
N ASN E 215 24.91 41.46 -40.02
CA ASN E 215 23.79 41.07 -40.89
C ASN E 215 22.50 41.05 -40.08
N HIS E 216 21.47 41.71 -40.62
CA HIS E 216 20.13 41.78 -40.02
C HIS E 216 19.11 41.31 -41.06
N LYS E 217 18.90 39.99 -41.10
CA LYS E 217 17.94 39.41 -42.08
C LYS E 217 16.55 40.07 -41.97
N PRO E 218 15.95 40.32 -40.78
CA PRO E 218 14.68 41.00 -40.68
C PRO E 218 14.38 41.93 -41.85
N SER E 219 15.22 42.95 -42.06
CA SER E 219 15.03 43.89 -43.19
C SER E 219 16.15 43.71 -44.22
N ASN E 220 16.76 42.53 -44.24
CA ASN E 220 17.83 42.24 -45.22
C ASN E 220 18.91 43.34 -45.19
N THR E 221 19.37 43.67 -43.98
CA THR E 221 20.35 44.71 -43.75
C THR E 221 21.72 44.15 -43.32
N LYS E 222 22.77 44.71 -43.90
CA LYS E 222 24.15 44.32 -43.64
C LYS E 222 25.09 45.53 -43.60
N VAL E 223 25.72 45.77 -42.44
CA VAL E 223 26.70 46.84 -42.27
C VAL E 223 28.09 46.22 -42.08
N ASP E 224 29.07 46.72 -42.84
CA ASP E 224 30.47 46.30 -42.75
C ASP E 224 31.40 47.49 -42.49
N LYS E 225 31.20 48.11 -41.32
CA LYS E 225 31.94 49.36 -41.02
C LYS E 225 33.24 49.12 -40.26
N LYS E 226 34.21 50.00 -40.45
CA LYS E 226 35.51 49.95 -39.78
C LYS E 226 35.53 50.87 -38.56
N VAL E 227 36.26 50.42 -37.54
CA VAL E 227 36.49 51.19 -36.33
C VAL E 227 37.83 51.86 -36.53
N GLU E 228 37.83 53.18 -36.66
CA GLU E 228 39.07 53.88 -36.96
C GLU E 228 39.85 54.05 -35.65
N PRO E 229 41.17 53.82 -35.67
CA PRO E 229 41.96 54.01 -34.46
C PRO E 229 42.07 55.48 -34.05
N LYS E 230 41.04 55.98 -33.39
CA LYS E 230 41.01 57.38 -32.97
C LYS E 230 41.22 57.49 -31.47
N MET F 4 5.21 33.46 -16.22
CA MET F 4 6.02 33.61 -15.02
C MET F 4 7.36 32.88 -15.18
N THR F 5 7.92 32.95 -16.38
CA THR F 5 9.20 32.32 -16.69
C THR F 5 10.25 32.68 -15.64
N GLN F 6 10.59 31.71 -14.79
CA GLN F 6 11.54 31.93 -13.72
C GLN F 6 12.94 32.11 -14.28
N SER F 7 13.73 32.94 -13.60
CA SER F 7 15.09 33.18 -14.03
C SER F 7 15.91 31.96 -13.67
N PRO F 8 17.02 31.72 -14.36
CA PRO F 8 17.83 30.54 -14.02
C PRO F 8 18.68 30.79 -12.80
N SER F 9 18.86 29.74 -12.01
CA SER F 9 19.72 29.75 -10.85
C SER F 9 21.07 29.17 -11.24
N SER F 10 22.03 29.24 -10.32
CA SER F 10 23.36 28.77 -10.68
C SER F 10 24.14 28.35 -9.45
N LEU F 11 25.12 27.48 -9.70
CA LEU F 11 26.04 26.97 -8.71
C LEU F 11 27.40 26.94 -9.38
N SER F 12 28.42 26.46 -8.66
CA SER F 12 29.76 26.42 -9.24
C SER F 12 30.55 25.29 -8.60
N ALA F 13 31.35 24.63 -9.43
CA ALA F 13 32.24 23.55 -9.01
C ALA F 13 33.33 23.42 -10.07
N SER F 14 34.12 22.36 -9.98
CA SER F 14 35.23 22.16 -10.89
C SER F 14 35.16 20.77 -11.50
N VAL F 15 36.11 20.49 -12.39
CA VAL F 15 36.21 19.19 -13.03
C VAL F 15 36.35 18.08 -11.97
N GLY F 16 35.54 17.03 -12.12
CA GLY F 16 35.65 15.86 -11.27
C GLY F 16 35.05 15.92 -9.89
N ASP F 17 34.10 16.83 -9.64
CA ASP F 17 33.52 17.01 -8.31
C ASP F 17 32.07 16.53 -8.29
N ARG F 18 31.79 15.58 -7.39
CA ARG F 18 30.41 15.15 -7.18
C ARG F 18 29.58 16.30 -6.63
N VAL F 19 28.58 16.72 -7.41
CA VAL F 19 27.71 17.83 -7.06
C VAL F 19 26.28 17.33 -7.16
N THR F 20 25.38 18.00 -6.44
CA THR F 20 23.97 17.60 -6.38
C THR F 20 23.10 18.79 -6.78
N ILE F 21 22.32 18.61 -7.85
CA ILE F 21 21.39 19.62 -8.34
C ILE F 21 20.00 19.32 -7.82
N THR F 22 19.32 20.36 -7.35
CA THR F 22 18.03 20.22 -6.69
C THR F 22 16.95 20.96 -7.47
N CYS F 23 15.71 20.61 -7.16
CA CYS F 23 14.53 21.27 -7.74
C CYS F 23 13.32 20.92 -6.89
N ARG F 24 12.60 21.95 -6.46
CA ARG F 24 11.40 21.73 -5.67
C ARG F 24 10.35 21.02 -6.52
N ALA F 25 9.48 20.27 -5.86
CA ALA F 25 8.53 19.42 -6.55
C ALA F 25 7.24 20.19 -6.74
N SER F 26 7.09 20.81 -7.91
CA SER F 26 5.90 21.55 -8.30
C SER F 26 4.60 20.77 -8.10
N GLN F 27 4.70 19.48 -7.84
CA GLN F 27 3.59 18.61 -7.54
C GLN F 27 3.79 17.97 -6.17
N SER F 28 2.75 17.32 -5.65
CA SER F 28 2.77 16.81 -4.29
C SER F 28 3.02 15.30 -4.22
N VAL F 29 2.25 14.49 -4.93
CA VAL F 29 2.48 13.05 -4.89
C VAL F 29 3.64 12.79 -5.85
N SER F 30 4.74 12.27 -5.33
CA SER F 30 5.97 12.13 -6.09
C SER F 30 5.71 11.39 -7.40
N SER F 31 5.83 12.12 -8.50
CA SER F 31 5.43 11.69 -9.83
C SER F 31 6.69 11.50 -10.66
N ALA F 32 6.51 11.35 -11.96
CA ALA F 32 7.66 11.09 -12.81
C ALA F 32 8.57 12.32 -12.84
N VAL F 33 9.85 12.09 -13.09
CA VAL F 33 10.85 13.15 -13.08
C VAL F 33 11.80 12.97 -14.26
N ALA F 34 11.86 13.99 -15.11
CA ALA F 34 12.76 14.04 -16.26
C ALA F 34 13.64 15.28 -16.17
N TRP F 35 14.96 15.10 -16.29
CA TRP F 35 15.88 16.23 -16.33
C TRP F 35 16.40 16.42 -17.74
N TYR F 36 16.63 17.69 -18.11
CA TYR F 36 17.00 18.07 -19.46
C TYR F 36 18.27 18.91 -19.47
N GLN F 37 19.08 18.73 -20.51
CA GLN F 37 20.36 19.43 -20.68
C GLN F 37 20.20 20.51 -21.76
N GLN F 38 19.98 21.75 -21.34
CA GLN F 38 19.90 22.87 -22.28
C GLN F 38 21.28 23.50 -22.45
N LYS F 39 22.00 23.06 -23.48
CA LYS F 39 23.23 23.72 -23.86
C LYS F 39 22.93 25.15 -24.33
N PRO F 40 23.72 26.14 -23.89
CA PRO F 40 23.42 27.54 -24.20
C PRO F 40 23.18 27.84 -25.68
N GLY F 41 21.96 28.25 -26.02
CA GLY F 41 21.59 28.62 -27.36
C GLY F 41 21.14 27.46 -28.23
N LYS F 42 21.25 26.22 -27.74
CA LYS F 42 20.86 25.03 -28.48
C LYS F 42 19.50 24.60 -27.92
N ALA F 43 19.13 23.33 -28.13
CA ALA F 43 17.82 22.86 -27.71
C ALA F 43 17.95 21.89 -26.56
N PRO F 44 17.06 21.96 -25.58
CA PRO F 44 17.09 21.02 -24.46
C PRO F 44 17.10 19.57 -24.93
N LYS F 45 17.96 18.76 -24.31
CA LYS F 45 18.03 17.34 -24.62
C LYS F 45 17.76 16.55 -23.35
N LEU F 46 16.76 15.67 -23.39
CA LEU F 46 16.42 14.88 -22.23
C LEU F 46 17.35 13.68 -22.11
N LEU F 47 17.87 13.46 -20.90
CA LEU F 47 18.76 12.36 -20.62
C LEU F 47 18.01 11.01 -20.66
N ILE F 48 18.79 9.94 -20.84
CA ILE F 48 18.29 8.56 -20.90
C ILE F 48 17.91 8.08 -19.50
N TYR F 49 17.23 6.94 -19.42
CA TYR F 49 16.87 6.30 -18.15
C TYR F 49 17.61 4.98 -17.91
N SER F 50 18.79 4.79 -18.51
CA SER F 50 19.46 3.49 -18.45
C SER F 50 19.83 3.06 -17.03
N ALA F 51 20.77 3.77 -16.42
CA ALA F 51 21.18 3.53 -15.04
C ALA F 51 20.78 4.75 -14.24
N SER F 52 19.99 4.51 -13.20
CA SER F 52 19.44 5.64 -12.41
C SER F 52 18.79 6.56 -13.42
N ASP F 53 19.58 7.42 -14.06
CA ASP F 53 19.07 8.27 -15.15
C ASP F 53 20.08 8.08 -16.30
N LEU F 54 21.20 8.83 -16.31
CA LEU F 54 22.32 8.71 -17.29
C LEU F 54 21.85 9.30 -18.62
N TYR F 55 22.70 9.23 -19.64
CA TYR F 55 22.32 9.75 -20.98
C TYR F 55 23.20 9.11 -22.05
N SER F 56 24.44 8.77 -21.72
CA SER F 56 25.33 8.30 -22.77
C SER F 56 25.82 6.88 -22.50
N GLY F 57 26.75 6.41 -23.34
CA GLY F 57 27.37 5.12 -23.11
C GLY F 57 28.12 5.05 -21.80
N VAL F 58 28.47 3.84 -21.37
CA VAL F 58 29.24 3.58 -20.15
C VAL F 58 28.40 4.25 -19.05
N PRO F 59 27.36 3.60 -18.54
CA PRO F 59 26.45 4.36 -17.67
C PRO F 59 27.14 4.75 -16.37
N SER F 60 27.56 6.00 -16.31
CA SER F 60 28.18 6.59 -15.11
C SER F 60 27.93 8.09 -15.13
N ARG F 61 28.38 8.75 -14.07
CA ARG F 61 28.41 10.20 -13.85
C ARG F 61 27.05 10.80 -13.52
N PHE F 62 25.96 10.17 -13.95
CA PHE F 62 24.62 10.68 -13.69
C PHE F 62 23.84 9.77 -12.75
N SER F 63 23.14 10.42 -11.83
CA SER F 63 22.30 9.66 -10.89
C SER F 63 20.92 10.29 -10.87
N GLY F 64 19.92 9.54 -10.44
CA GLY F 64 18.58 10.07 -10.31
C GLY F 64 17.75 9.42 -9.23
N SER F 65 17.29 10.23 -8.27
CA SER F 65 16.46 9.75 -7.18
C SER F 65 15.69 10.93 -6.62
N ARG F 66 14.93 10.67 -5.55
CA ARG F 66 14.09 11.66 -4.89
C ARG F 66 14.48 11.72 -3.42
N SER F 67 14.54 12.94 -2.88
CA SER F 67 14.87 13.16 -1.47
C SER F 67 13.77 14.04 -0.92
N GLY F 68 12.76 13.39 -0.32
CA GLY F 68 11.68 14.13 0.29
C GLY F 68 10.83 14.80 -0.77
N THR F 69 10.39 16.00 -0.46
CA THR F 69 9.55 16.86 -1.29
C THR F 69 10.31 17.51 -2.44
N ASP F 70 11.52 17.03 -2.78
CA ASP F 70 12.28 17.52 -3.91
C ASP F 70 12.84 16.33 -4.68
N PHE F 71 13.53 16.64 -5.78
CA PHE F 71 14.14 15.63 -6.63
C PHE F 71 15.62 16.00 -6.81
N THR F 72 16.40 15.02 -7.26
CA THR F 72 17.85 15.14 -7.22
C THR F 72 18.46 14.69 -8.54
N LEU F 73 19.70 15.11 -8.78
CA LEU F 73 20.38 14.79 -10.03
C LEU F 73 21.81 14.28 -9.76
N THR F 74 22.46 14.76 -8.70
CA THR F 74 23.73 14.20 -8.21
C THR F 74 24.70 13.73 -9.29
N ILE F 75 25.30 14.63 -10.05
CA ILE F 75 26.24 14.21 -11.07
C ILE F 75 27.62 14.03 -10.46
N SER F 76 28.16 12.82 -10.60
CA SER F 76 29.45 12.45 -10.05
C SER F 76 30.57 12.73 -11.05
N SER F 77 31.74 13.06 -10.51
CA SER F 77 32.94 13.36 -11.28
C SER F 77 32.58 14.18 -12.50
N LEU F 78 32.26 15.44 -12.23
CA LEU F 78 31.67 16.28 -13.24
C LEU F 78 32.69 16.47 -14.37
N GLN F 79 32.28 16.19 -15.58
CA GLN F 79 33.25 16.31 -16.64
C GLN F 79 32.88 17.50 -17.51
N PRO F 80 33.86 18.11 -18.20
CA PRO F 80 33.61 19.34 -18.95
C PRO F 80 32.34 19.34 -19.79
N GLU F 81 32.10 18.23 -20.49
CA GLU F 81 30.92 18.12 -21.35
C GLU F 81 29.64 18.46 -20.59
N ASP F 82 29.47 17.87 -19.41
CA ASP F 82 28.24 18.07 -18.65
C ASP F 82 27.98 19.54 -18.32
N PHE F 83 29.04 20.36 -18.21
CA PHE F 83 28.87 21.76 -17.83
C PHE F 83 27.85 22.44 -18.74
N ALA F 84 26.69 22.75 -18.17
CA ALA F 84 25.56 23.33 -18.90
C ALA F 84 24.53 23.85 -17.91
N THR F 85 23.31 24.10 -18.40
CA THR F 85 22.19 24.42 -17.53
C THR F 85 21.25 23.22 -17.51
N TYR F 86 20.51 23.07 -16.41
CA TYR F 86 19.68 21.89 -16.20
C TYR F 86 18.32 22.29 -15.65
N TYR F 87 17.28 21.60 -16.12
CA TYR F 87 15.89 21.89 -15.76
C TYR F 87 15.20 20.62 -15.29
N CYS F 88 14.38 20.76 -14.24
CA CYS F 88 13.60 19.66 -13.69
C CYS F 88 12.15 19.78 -14.16
N GLN F 89 11.59 18.67 -14.64
CA GLN F 89 10.26 18.66 -15.22
C GLN F 89 9.39 17.56 -14.62
N GLN F 90 8.08 17.82 -14.59
CA GLN F 90 7.09 16.88 -14.09
C GLN F 90 5.87 16.89 -15.00
N TYR F 91 4.98 15.93 -14.77
CA TYR F 91 3.67 15.87 -15.42
C TYR F 91 2.61 15.77 -14.32
N VAL F 92 1.91 16.86 -14.04
CA VAL F 92 0.79 16.77 -13.11
C VAL F 92 -0.40 16.19 -13.85
N SER F 93 -1.21 15.40 -13.15
CA SER F 93 -2.40 14.79 -13.74
C SER F 93 -3.67 15.57 -13.45
N GLY F 94 -3.57 16.89 -13.30
CA GLY F 94 -4.79 17.66 -13.09
C GLY F 94 -5.51 17.90 -14.41
N GLY F 95 -5.05 18.87 -15.19
CA GLY F 95 -5.58 19.07 -16.52
C GLY F 95 -4.60 18.59 -17.56
N TRP F 96 -3.88 17.51 -17.26
CA TRP F 96 -2.81 17.01 -18.12
C TRP F 96 -1.78 18.08 -18.39
N LEU F 97 -1.60 18.96 -17.41
CA LEU F 97 -0.68 20.09 -17.50
C LEU F 97 0.76 19.62 -17.29
N ILE F 98 1.69 20.51 -17.62
CA ILE F 98 3.12 20.22 -17.55
C ILE F 98 3.77 21.43 -16.88
N THR F 99 4.26 21.23 -15.66
CA THR F 99 5.01 22.28 -14.98
C THR F 99 6.49 22.14 -15.29
N PHE F 100 7.28 23.14 -14.87
CA PHE F 100 8.69 23.13 -15.15
C PHE F 100 9.46 23.67 -13.95
N GLY F 101 10.70 23.20 -13.79
CA GLY F 101 11.57 23.73 -12.77
C GLY F 101 12.22 25.03 -13.18
N GLN F 102 12.72 25.75 -12.16
CA GLN F 102 13.32 27.05 -12.42
C GLN F 102 14.52 26.94 -13.35
N GLY F 103 15.39 25.97 -13.13
CA GLY F 103 16.56 25.81 -13.96
C GLY F 103 17.82 26.32 -13.30
N THR F 104 18.74 25.44 -12.96
CA THR F 104 20.00 25.82 -12.37
C THR F 104 21.14 25.59 -13.36
N LYS F 105 22.23 26.35 -13.16
CA LYS F 105 23.39 26.29 -14.02
C LYS F 105 24.63 25.96 -13.20
N VAL F 106 25.63 25.42 -13.88
CA VAL F 106 26.88 24.98 -13.26
C VAL F 106 28.02 25.79 -13.85
N GLU F 107 28.89 26.30 -12.98
CA GLU F 107 30.00 27.15 -13.37
C GLU F 107 31.32 26.45 -13.13
N ILE F 108 32.28 26.75 -14.00
CA ILE F 108 33.65 26.25 -13.83
C ILE F 108 34.35 27.23 -12.90
N LYS F 109 34.66 26.79 -11.69
CA LYS F 109 35.33 27.64 -10.72
C LYS F 109 36.68 28.07 -11.26
N ARG F 110 36.85 29.37 -11.47
CA ARG F 110 38.04 29.96 -12.07
C ARG F 110 38.81 30.73 -11.02
N THR F 111 40.14 30.69 -11.11
CA THR F 111 40.97 31.47 -10.21
C THR F 111 40.57 32.93 -10.32
N VAL F 112 40.61 33.65 -9.19
CA VAL F 112 40.15 35.03 -9.15
C VAL F 112 40.82 35.79 -10.28
N ALA F 113 40.01 36.41 -11.12
CA ALA F 113 40.47 37.00 -12.37
C ALA F 113 40.46 38.52 -12.30
N ALA F 114 41.36 39.14 -13.07
CA ALA F 114 41.53 40.58 -12.99
C ALA F 114 40.55 41.25 -13.93
N PRO F 115 39.74 42.19 -13.44
CA PRO F 115 38.79 42.90 -14.31
C PRO F 115 39.49 43.96 -15.13
N SER F 116 39.98 43.61 -16.32
CA SER F 116 40.47 44.63 -17.24
C SER F 116 39.31 45.47 -17.75
N VAL F 117 39.37 46.77 -17.50
CA VAL F 117 38.27 47.70 -17.72
C VAL F 117 38.66 48.72 -18.79
N PHE F 118 37.76 48.93 -19.76
CA PHE F 118 37.94 49.89 -20.83
C PHE F 118 36.67 50.71 -21.01
N ILE F 119 36.80 52.04 -20.98
CA ILE F 119 35.66 52.94 -21.18
C ILE F 119 35.75 53.54 -22.58
N PHE F 120 34.57 53.77 -23.18
CA PHE F 120 34.45 54.28 -24.54
C PHE F 120 33.54 55.51 -24.57
N PRO F 121 33.98 56.64 -25.12
CA PRO F 121 33.08 57.79 -25.26
C PRO F 121 32.10 57.54 -26.40
N PRO F 122 30.84 57.98 -26.24
CA PRO F 122 29.86 57.82 -27.32
C PRO F 122 30.37 58.45 -28.61
N SER F 123 30.28 57.68 -29.69
CA SER F 123 30.76 58.17 -30.98
C SER F 123 30.05 59.45 -31.38
N ASP F 124 30.81 60.39 -31.96
CA ASP F 124 30.21 61.62 -32.44
C ASP F 124 29.20 61.36 -33.55
N SER F 125 29.43 60.33 -34.36
CA SER F 125 28.43 59.91 -35.33
C SER F 125 27.10 59.65 -34.64
N GLN F 126 27.15 59.02 -33.48
CA GLN F 126 25.94 58.83 -32.68
C GLN F 126 25.40 60.18 -32.21
N LEU F 127 26.29 61.04 -31.70
CA LEU F 127 25.88 62.37 -31.25
C LEU F 127 25.23 63.16 -32.37
N LYS F 128 25.70 63.00 -33.61
CA LYS F 128 25.10 63.67 -34.76
C LYS F 128 23.60 63.42 -34.81
N SER F 129 23.19 62.15 -34.67
CA SER F 129 21.77 61.82 -34.64
C SER F 129 21.08 62.44 -33.43
N GLY F 130 21.82 62.64 -32.34
CA GLY F 130 21.26 63.19 -31.13
C GLY F 130 21.22 62.26 -29.93
N THR F 131 21.90 61.12 -29.99
CA THR F 131 21.92 60.17 -28.89
C THR F 131 23.35 59.97 -28.42
N ALA F 132 23.52 59.77 -27.13
CA ALA F 132 24.83 59.55 -26.53
C ALA F 132 24.76 58.32 -25.63
N SER F 133 25.41 57.24 -26.03
CA SER F 133 25.45 56.02 -25.23
C SER F 133 26.92 55.73 -24.94
N VAL F 134 27.31 55.86 -23.68
CA VAL F 134 28.66 55.55 -23.23
C VAL F 134 28.66 54.18 -22.56
N VAL F 135 29.59 53.34 -22.98
CA VAL F 135 29.66 51.95 -22.57
C VAL F 135 30.94 51.71 -21.79
N CYS F 136 30.87 50.79 -20.83
CA CYS F 136 32.00 50.41 -19.99
C CYS F 136 32.17 48.90 -20.08
N LEU F 137 33.41 48.45 -20.32
CA LEU F 137 33.71 47.05 -20.58
C LEU F 137 34.52 46.46 -19.43
N LEU F 138 34.05 45.33 -18.90
CA LEU F 138 34.75 44.54 -17.87
C LEU F 138 35.20 43.22 -18.49
N ASN F 139 36.39 43.21 -19.07
CA ASN F 139 36.89 42.07 -19.82
C ASN F 139 37.49 40.98 -18.92
N ASN F 140 37.10 39.73 -19.19
CA ASN F 140 37.71 38.50 -18.67
C ASN F 140 37.89 38.50 -17.14
N PHE F 141 36.75 38.48 -16.45
CA PHE F 141 36.74 38.47 -14.99
C PHE F 141 35.83 37.35 -14.47
N TYR F 142 36.08 36.96 -13.21
CA TYR F 142 35.33 35.91 -12.51
C TYR F 142 35.61 36.10 -11.02
N PRO F 143 34.58 36.21 -10.16
CA PRO F 143 33.17 35.86 -10.40
C PRO F 143 32.35 36.91 -11.13
N ARG F 144 31.26 36.43 -11.74
CA ARG F 144 30.32 37.32 -12.39
C ARG F 144 29.80 38.37 -11.42
N GLU F 145 29.58 37.98 -10.17
CA GLU F 145 29.04 38.90 -9.17
C GLU F 145 29.99 40.08 -8.98
N ALA F 146 29.51 41.27 -9.25
CA ALA F 146 30.31 42.48 -9.14
C ALA F 146 29.35 43.67 -9.05
N LYS F 147 29.91 44.87 -9.07
CA LYS F 147 29.11 46.09 -9.02
C LYS F 147 29.83 47.14 -9.86
N VAL F 148 29.24 47.46 -11.00
CA VAL F 148 29.77 48.46 -11.91
C VAL F 148 28.86 49.68 -11.80
N GLN F 149 29.46 50.87 -11.69
CA GLN F 149 28.72 52.08 -11.42
C GLN F 149 29.00 53.15 -12.48
N TRP F 150 27.96 53.86 -12.89
CA TRP F 150 28.08 54.95 -13.85
C TRP F 150 27.98 56.26 -13.07
N LYS F 151 29.11 56.95 -12.92
CA LYS F 151 29.18 58.21 -12.20
C LYS F 151 29.73 59.28 -13.13
N VAL F 152 28.98 60.35 -13.30
CA VAL F 152 29.33 61.42 -14.22
C VAL F 152 29.64 62.68 -13.42
N ASP F 153 30.85 63.21 -13.62
CA ASP F 153 31.34 64.40 -12.89
C ASP F 153 31.13 64.26 -11.39
N ASN F 154 31.56 63.12 -10.86
CA ASN F 154 31.40 62.75 -9.44
C ASN F 154 29.93 62.76 -9.02
N ALA F 155 29.02 62.57 -9.97
CA ALA F 155 27.60 62.42 -9.67
C ALA F 155 27.12 61.14 -10.36
N LEU F 156 26.83 60.10 -9.58
CA LEU F 156 26.35 58.87 -10.17
C LEU F 156 24.99 59.10 -10.82
N GLN F 157 24.85 58.67 -12.06
CA GLN F 157 23.58 58.72 -12.75
C GLN F 157 22.85 57.39 -12.52
N SER F 158 21.55 57.46 -12.34
CA SER F 158 20.76 56.30 -11.96
C SER F 158 19.59 56.07 -12.91
N GLY F 159 19.31 54.80 -13.15
CA GLY F 159 18.26 54.36 -14.07
C GLY F 159 18.54 54.81 -15.49
N ASN F 160 19.79 54.58 -15.90
CA ASN F 160 20.20 54.94 -17.25
C ASN F 160 21.25 53.97 -17.80
N SER F 161 21.53 52.86 -17.13
CA SER F 161 22.57 51.91 -17.55
C SER F 161 21.95 50.54 -17.79
N GLN F 162 22.51 49.84 -18.76
CA GLN F 162 22.06 48.50 -19.08
C GLN F 162 23.27 47.58 -19.04
N GLU F 163 23.08 46.37 -18.54
CA GLU F 163 24.19 45.46 -18.31
C GLU F 163 23.96 44.15 -19.04
N SER F 164 25.06 43.56 -19.53
CA SER F 164 25.01 42.32 -20.27
C SER F 164 26.28 41.53 -20.03
N VAL F 165 26.14 40.21 -19.88
CA VAL F 165 27.26 39.33 -19.56
C VAL F 165 27.35 38.24 -20.62
N THR F 166 28.58 37.90 -21.00
CA THR F 166 28.84 36.79 -21.91
C THR F 166 28.77 35.48 -21.12
N GLU F 167 29.09 34.37 -21.79
CA GLU F 167 29.20 33.08 -21.15
C GLU F 167 30.64 32.81 -20.74
N GLN F 168 30.81 31.88 -19.81
CA GLN F 168 32.14 31.53 -19.33
C GLN F 168 33.04 31.20 -20.51
N ASP F 169 34.27 31.71 -20.46
CA ASP F 169 35.17 31.55 -21.60
C ASP F 169 35.48 30.08 -21.85
N SER F 170 35.80 29.78 -23.11
CA SER F 170 36.06 28.40 -23.52
C SER F 170 37.12 27.77 -22.62
N LYS F 171 38.35 28.30 -22.66
CA LYS F 171 39.41 27.81 -21.80
C LYS F 171 39.45 28.48 -20.42
N ASP F 172 39.61 29.81 -20.39
CA ASP F 172 39.79 30.49 -19.09
C ASP F 172 38.47 30.74 -18.37
N SER F 173 37.37 30.18 -18.85
CA SER F 173 36.08 30.30 -18.11
C SER F 173 36.02 31.62 -17.34
N THR F 174 36.23 32.75 -18.01
CA THR F 174 36.10 34.07 -17.34
C THR F 174 34.73 34.67 -17.68
N TYR F 175 34.61 35.99 -17.60
CA TYR F 175 33.35 36.63 -17.96
C TYR F 175 33.69 37.99 -18.56
N SER F 176 32.84 38.46 -19.47
CA SER F 176 32.92 39.81 -20.01
C SER F 176 31.59 40.49 -19.79
N LEU F 177 31.64 41.76 -19.35
CA LEU F 177 30.45 42.50 -18.98
C LEU F 177 30.44 43.84 -19.68
N SER F 178 29.26 44.26 -20.14
CA SER F 178 29.06 45.54 -20.79
C SER F 178 27.96 46.30 -20.06
N SER F 179 28.28 47.51 -19.60
CA SER F 179 27.30 48.43 -19.05
C SER F 179 27.22 49.65 -19.96
N THR F 180 26.02 49.92 -20.48
CA THR F 180 25.83 50.96 -21.48
C THR F 180 25.00 52.09 -20.88
N LEU F 181 25.57 53.29 -20.84
CA LEU F 181 24.90 54.47 -20.30
C LEU F 181 24.40 55.34 -21.46
N THR F 182 23.09 55.35 -21.68
CA THR F 182 22.48 56.04 -22.79
C THR F 182 21.99 57.42 -22.35
N LEU F 183 22.49 58.47 -23.01
CA LEU F 183 22.11 59.84 -22.72
C LEU F 183 21.82 60.57 -24.02
N SER F 184 21.15 61.71 -23.89
CA SER F 184 20.94 62.62 -25.01
C SER F 184 22.14 63.55 -25.17
N LYS F 185 22.30 64.05 -26.40
CA LYS F 185 23.33 65.02 -26.76
C LYS F 185 23.34 66.15 -25.74
N ALA F 186 22.15 66.61 -25.37
CA ALA F 186 22.01 67.69 -24.40
C ALA F 186 22.70 67.36 -23.08
N ASP F 187 22.24 66.31 -22.41
CA ASP F 187 22.85 65.91 -21.13
C ASP F 187 24.33 65.61 -21.30
N TYR F 188 24.72 65.00 -22.42
CA TYR F 188 26.13 64.71 -22.64
C TYR F 188 26.96 65.99 -22.63
N GLU F 189 26.50 67.02 -23.33
CA GLU F 189 27.22 68.29 -23.34
C GLU F 189 27.10 69.03 -22.03
N LYS F 190 26.20 68.65 -21.16
CA LYS F 190 26.11 69.36 -19.89
C LYS F 190 27.08 68.80 -18.86
N HIS F 191 27.88 67.79 -19.21
CA HIS F 191 28.83 67.21 -18.28
C HIS F 191 30.16 66.96 -19.00
N LYS F 192 31.23 66.86 -18.21
CA LYS F 192 32.56 66.67 -18.78
C LYS F 192 33.22 65.39 -18.31
N VAL F 193 33.23 65.13 -17.01
CA VAL F 193 33.85 63.94 -16.44
C VAL F 193 32.85 62.81 -16.42
N TYR F 194 33.28 61.62 -16.87
CA TYR F 194 32.42 60.45 -16.97
C TYR F 194 33.19 59.25 -16.43
N ALA F 195 32.74 58.71 -15.28
CA ALA F 195 33.48 57.67 -14.59
C ALA F 195 32.69 56.37 -14.52
N CYS F 196 33.43 55.26 -14.47
CA CYS F 196 32.88 53.91 -14.37
C CYS F 196 33.54 53.17 -13.21
N GLU F 197 32.85 53.08 -12.07
CA GLU F 197 33.37 52.41 -10.89
C GLU F 197 33.02 50.93 -10.90
N VAL F 198 34.02 50.07 -10.78
CA VAL F 198 33.83 48.62 -10.70
C VAL F 198 34.23 48.17 -9.29
N THR F 199 33.32 47.45 -8.63
CA THR F 199 33.52 46.98 -7.25
C THR F 199 33.58 45.45 -7.21
N GLN F 200 34.80 44.92 -7.09
CA GLN F 200 35.02 43.46 -6.99
C GLN F 200 35.19 43.08 -5.52
N GLY F 201 34.08 43.01 -4.80
CA GLY F 201 34.22 42.65 -3.39
C GLY F 201 34.79 43.83 -2.64
N THR F 202 36.06 43.72 -2.25
CA THR F 202 36.76 44.78 -1.55
C THR F 202 37.47 45.70 -2.53
N THR F 203 38.22 45.13 -3.48
CA THR F 203 38.97 45.95 -4.43
C THR F 203 38.03 46.60 -5.44
N SER F 204 37.70 47.87 -5.20
CA SER F 204 36.82 48.67 -6.04
C SER F 204 37.63 49.61 -6.92
N VAL F 205 37.53 49.44 -8.24
CA VAL F 205 38.28 50.23 -9.20
C VAL F 205 37.33 51.16 -9.95
N THR F 206 37.89 52.25 -10.46
CA THR F 206 37.12 53.22 -11.24
C THR F 206 37.93 53.71 -12.42
N LYS F 207 37.26 53.95 -13.55
CA LYS F 207 37.86 54.49 -14.76
C LYS F 207 36.97 55.60 -15.29
N SER F 208 37.59 56.73 -15.66
CA SER F 208 36.84 57.91 -16.04
C SER F 208 37.31 58.42 -17.40
N PHE F 209 36.50 59.30 -17.98
CA PHE F 209 36.91 60.00 -19.19
C PHE F 209 36.32 61.40 -19.17
N ASN F 210 37.09 62.36 -19.69
CA ASN F 210 36.66 63.75 -19.79
C ASN F 210 36.19 64.00 -21.21
N ARG F 211 35.06 64.69 -21.35
CA ARG F 211 34.49 64.92 -22.67
C ARG F 211 35.49 65.61 -23.58
N GLY F 212 35.86 64.95 -24.67
CA GLY F 212 36.76 65.54 -25.63
C GLY F 212 38.22 65.16 -25.44
N GLU F 213 38.76 64.42 -26.41
CA GLU F 213 40.15 63.98 -26.38
C GLU F 213 40.50 63.65 -27.84
N CYS F 214 41.47 62.76 -28.06
CA CYS F 214 41.87 62.43 -29.44
C CYS F 214 41.25 61.12 -29.89
N GLU G 1 37.21 -20.59 7.01
CA GLU G 1 36.66 -19.55 7.87
C GLU G 1 35.94 -20.15 9.08
N VAL G 2 34.64 -20.38 8.92
CA VAL G 2 33.77 -20.93 9.96
C VAL G 2 33.18 -22.25 9.50
N GLN G 3 33.11 -23.23 10.42
CA GLN G 3 32.63 -24.56 10.07
C GLN G 3 31.57 -25.12 11.02
N LEU G 4 31.35 -24.53 12.19
CA LEU G 4 30.41 -25.09 13.20
C LEU G 4 30.44 -26.63 13.21
N VAL G 5 31.55 -27.22 13.66
CA VAL G 5 31.72 -28.67 13.79
C VAL G 5 30.64 -29.26 14.68
N GLU G 6 30.04 -30.36 14.23
CA GLU G 6 28.99 -31.08 14.93
C GLU G 6 29.61 -32.15 15.83
N SER G 7 28.81 -32.67 16.76
CA SER G 7 29.29 -33.70 17.66
C SER G 7 28.11 -34.42 18.30
N GLY G 8 28.41 -35.55 18.93
CA GLY G 8 27.41 -36.34 19.60
C GLY G 8 26.87 -37.56 18.87
N GLY G 9 27.60 -38.11 17.91
CA GLY G 9 27.09 -39.27 17.21
C GLY G 9 27.22 -40.53 18.04
N GLY G 10 26.61 -41.59 17.51
CA GLY G 10 26.49 -42.89 18.14
C GLY G 10 25.09 -43.44 17.98
N LEU G 11 24.68 -44.23 18.98
CA LEU G 11 23.40 -44.92 18.98
C LEU G 11 22.82 -44.91 20.40
N VAL G 12 21.50 -44.81 20.48
CA VAL G 12 20.78 -44.82 21.76
C VAL G 12 19.55 -45.71 21.60
N GLN G 13 19.00 -46.18 22.78
CA GLN G 13 17.89 -47.11 22.80
C GLN G 13 16.57 -46.35 22.78
N PRO G 14 15.52 -46.94 22.21
CA PRO G 14 14.20 -46.31 22.26
C PRO G 14 13.83 -46.01 23.70
N GLY G 15 13.31 -44.80 23.93
CA GLY G 15 13.17 -44.29 25.27
C GLY G 15 14.51 -43.94 25.89
N GLY G 16 15.43 -43.40 25.09
CA GLY G 16 16.76 -43.05 25.51
C GLY G 16 17.02 -41.56 25.43
N SER G 17 18.25 -41.17 25.75
CA SER G 17 18.63 -39.76 25.77
C SER G 17 20.04 -39.59 25.26
N LEU G 18 20.23 -38.66 24.31
CA LEU G 18 21.54 -38.35 23.74
C LEU G 18 21.58 -36.86 23.45
N ARG G 19 22.43 -36.12 24.17
CA ARG G 19 22.53 -34.68 24.01
C ARG G 19 23.54 -34.34 22.91
N LEU G 20 23.06 -33.73 21.84
CA LEU G 20 23.90 -33.36 20.71
C LEU G 20 24.52 -31.98 20.94
N SER G 21 25.75 -31.81 20.45
CA SER G 21 26.53 -30.60 20.69
C SER G 21 27.16 -30.11 19.40
N CYS G 22 27.06 -28.81 19.14
CA CYS G 22 27.61 -28.18 17.93
C CYS G 22 28.49 -27.00 18.33
N ALA G 23 29.80 -27.16 18.15
CA ALA G 23 30.76 -26.09 18.42
C ALA G 23 30.64 -25.01 17.34
N ALA G 24 31.48 -23.98 17.45
CA ALA G 24 31.44 -22.88 16.47
C ALA G 24 32.81 -22.21 16.44
N SER G 25 33.59 -22.54 15.41
CA SER G 25 34.89 -21.93 15.14
C SER G 25 34.77 -21.00 13.94
N GLY G 26 35.47 -19.86 13.99
CA GLY G 26 35.55 -18.92 12.88
C GLY G 26 34.52 -17.80 12.85
N PHE G 27 33.32 -17.98 13.38
CA PHE G 27 32.30 -16.94 13.31
C PHE G 27 31.87 -16.55 14.72
N ASP G 28 31.56 -15.27 14.90
CA ASP G 28 31.10 -14.81 16.21
C ASP G 28 29.73 -15.40 16.51
N SER G 29 29.73 -16.53 17.24
CA SER G 29 28.49 -17.17 17.63
C SER G 29 27.75 -16.28 18.65
N GLY G 30 26.43 -16.36 18.62
CA GLY G 30 25.68 -15.44 19.43
C GLY G 30 24.98 -14.45 18.55
N ALA G 31 25.67 -14.04 17.48
CA ALA G 31 25.10 -13.11 16.51
C ALA G 31 24.26 -13.83 15.47
N TYR G 32 24.78 -14.94 14.95
CA TYR G 32 24.14 -15.75 13.92
C TYR G 32 23.39 -16.92 14.57
N LEU G 33 22.08 -17.02 14.34
CA LEU G 33 21.28 -18.06 14.98
C LEU G 33 21.72 -19.45 14.53
N ARG G 34 21.63 -20.42 15.45
CA ARG G 34 21.99 -21.81 15.18
C ARG G 34 20.75 -22.69 15.10
N HIS G 35 20.70 -23.54 14.08
CA HIS G 35 19.54 -24.36 13.77
C HIS G 35 19.93 -25.83 13.63
N TRP G 36 19.09 -26.72 14.16
CA TRP G 36 19.25 -28.15 14.02
C TRP G 36 18.13 -28.67 13.12
N VAL G 37 18.51 -29.44 12.11
CA VAL G 37 17.56 -30.07 11.19
C VAL G 37 18.06 -31.48 10.91
N ARG G 38 17.17 -32.47 11.00
CA ARG G 38 17.55 -33.86 10.83
C ARG G 38 16.99 -34.43 9.53
N GLN G 39 17.78 -35.29 8.89
CA GLN G 39 17.43 -35.95 7.63
C GLN G 39 17.41 -37.46 7.82
N ALA G 40 16.21 -38.00 8.02
CA ALA G 40 16.02 -39.45 8.06
C ALA G 40 16.52 -40.06 6.75
N PRO G 41 17.37 -41.09 6.80
CA PRO G 41 17.98 -41.63 5.58
C PRO G 41 16.94 -41.96 4.52
N GLY G 42 17.18 -41.50 3.29
CA GLY G 42 16.29 -41.74 2.17
C GLY G 42 15.24 -40.65 2.01
N LYS G 43 14.75 -40.13 3.13
CA LYS G 43 13.70 -39.13 3.17
C LYS G 43 14.31 -37.72 3.09
N GLY G 44 13.53 -36.71 3.41
CA GLY G 44 13.95 -35.32 3.28
C GLY G 44 14.24 -34.64 4.60
N LEU G 45 14.16 -33.31 4.61
CA LEU G 45 14.55 -32.50 5.74
C LEU G 45 13.41 -32.34 6.75
N GLU G 46 13.79 -32.12 8.01
CA GLU G 46 12.83 -31.95 9.10
C GLU G 46 13.41 -30.96 10.10
N TRP G 47 12.85 -29.75 10.18
CA TRP G 47 13.33 -28.78 11.15
C TRP G 47 12.88 -29.21 12.55
N VAL G 48 13.85 -29.38 13.46
CA VAL G 48 13.53 -29.71 14.84
C VAL G 48 13.36 -28.45 15.70
N ALA G 49 14.36 -27.58 15.73
CA ALA G 49 14.36 -26.42 16.62
C ALA G 49 15.45 -25.46 16.18
N SER G 50 15.42 -24.26 16.78
CA SER G 50 16.39 -23.22 16.51
C SER G 50 16.56 -22.38 17.77
N ILE G 51 17.73 -21.72 17.88
CA ILE G 51 18.04 -20.90 19.03
C ILE G 51 18.89 -19.72 18.58
N TYR G 52 18.70 -18.58 19.24
CA TYR G 52 19.53 -17.40 19.01
C TYR G 52 20.46 -17.25 20.21
N PRO G 53 21.71 -17.72 20.12
CA PRO G 53 22.57 -17.83 21.32
C PRO G 53 22.62 -16.62 22.22
N SER G 54 22.73 -15.41 21.66
CA SER G 54 22.94 -14.22 22.48
C SER G 54 21.92 -14.12 23.59
N TYR G 55 20.65 -13.99 23.24
CA TYR G 55 19.56 -14.01 24.21
C TYR G 55 19.08 -15.41 24.51
N GLY G 56 19.41 -16.39 23.66
CA GLY G 56 18.96 -17.74 23.88
C GLY G 56 17.49 -17.84 23.57
N TYR G 57 17.14 -17.77 22.28
CA TYR G 57 15.74 -17.72 21.87
C TYR G 57 15.31 -19.11 21.45
N THR G 58 14.47 -19.72 22.29
CA THR G 58 14.04 -21.09 22.05
C THR G 58 12.92 -21.13 21.03
N SER G 59 13.06 -21.99 20.03
CA SER G 59 12.06 -22.13 18.99
C SER G 59 12.07 -23.60 18.58
N TYR G 60 10.98 -24.31 18.87
CA TYR G 60 10.89 -25.75 18.66
C TYR G 60 9.78 -26.06 17.66
N ALA G 61 9.83 -27.27 17.11
CA ALA G 61 8.79 -27.76 16.22
C ALA G 61 7.85 -28.69 16.99
N ASP G 62 6.58 -28.68 16.56
CA ASP G 62 5.57 -29.48 17.25
C ASP G 62 5.88 -30.97 17.17
N SER G 63 6.57 -31.39 16.11
CA SER G 63 6.91 -32.80 15.94
C SER G 63 7.70 -33.30 17.14
N VAL G 64 8.64 -32.48 17.62
CA VAL G 64 9.51 -32.84 18.72
C VAL G 64 9.05 -32.22 20.05
N LYS G 65 7.95 -31.47 20.04
CA LYS G 65 7.57 -30.60 21.15
C LYS G 65 7.81 -31.25 22.50
N GLY G 66 8.65 -30.62 23.31
CA GLY G 66 8.99 -31.11 24.63
C GLY G 66 10.04 -32.21 24.62
N ARG G 67 9.96 -33.11 23.63
CA ARG G 67 10.89 -34.24 23.55
C ARG G 67 12.35 -33.79 23.55
N PHE G 68 12.71 -32.82 22.72
CA PHE G 68 14.06 -32.30 22.71
C PHE G 68 14.08 -30.94 23.40
N THR G 69 15.29 -30.44 23.68
CA THR G 69 15.48 -29.13 24.29
C THR G 69 16.77 -28.54 23.74
N ILE G 70 16.67 -27.33 23.19
CA ILE G 70 17.79 -26.64 22.56
C ILE G 70 18.37 -25.61 23.51
N SER G 71 19.69 -25.41 23.42
CA SER G 71 20.40 -24.44 24.25
C SER G 71 21.78 -24.23 23.64
N ALA G 72 22.52 -23.26 24.19
CA ALA G 72 23.85 -22.92 23.71
C ALA G 72 24.53 -22.00 24.73
N ASP G 73 25.83 -21.81 24.54
CA ASP G 73 26.63 -20.93 25.39
C ASP G 73 27.58 -20.13 24.51
N THR G 74 27.41 -18.81 24.50
CA THR G 74 28.28 -17.94 23.71
C THR G 74 29.74 -18.05 24.12
N SER G 75 30.01 -18.11 25.43
CA SER G 75 31.40 -18.22 25.90
C SER G 75 32.08 -19.46 25.34
N LYS G 76 31.41 -20.61 25.45
CA LYS G 76 31.96 -21.84 24.87
C LYS G 76 31.91 -21.82 23.36
N ASN G 77 31.22 -20.85 22.75
CA ASN G 77 31.06 -20.78 21.30
C ASN G 77 30.54 -22.11 20.75
N THR G 78 29.47 -22.59 21.39
CA THR G 78 28.99 -23.94 21.11
C THR G 78 27.50 -24.02 21.41
N ALA G 79 26.82 -24.90 20.67
CA ALA G 79 25.40 -25.14 20.85
C ALA G 79 25.19 -26.53 21.44
N TYR G 80 24.01 -26.73 22.01
CA TYR G 80 23.69 -27.98 22.69
C TYR G 80 22.24 -28.31 22.44
N LEU G 81 21.98 -29.53 21.93
CA LEU G 81 20.62 -30.00 21.73
C LEU G 81 20.40 -31.22 22.61
N GLN G 82 19.62 -31.06 23.67
CA GLN G 82 19.35 -32.14 24.60
C GLN G 82 18.19 -33.00 24.07
N MET G 83 18.49 -34.25 23.75
CA MET G 83 17.53 -35.20 23.21
C MET G 83 17.16 -36.19 24.30
N ASN G 84 15.89 -36.19 24.71
CA ASN G 84 15.40 -37.10 25.72
C ASN G 84 14.09 -37.71 25.24
N SER G 85 13.75 -38.86 25.83
CA SER G 85 12.54 -39.61 25.47
C SER G 85 12.50 -39.89 23.97
N LEU G 86 13.65 -40.35 23.47
CA LEU G 86 13.79 -40.60 22.04
C LEU G 86 12.81 -41.67 21.56
N ARG G 87 12.33 -41.49 20.34
CA ARG G 87 11.49 -42.49 19.70
C ARG G 87 12.23 -43.00 18.48
N ALA G 88 11.78 -44.15 17.96
CA ALA G 88 12.50 -44.80 16.86
C ALA G 88 12.60 -43.89 15.63
N GLU G 89 11.48 -43.27 15.24
CA GLU G 89 11.43 -42.44 14.04
C GLU G 89 12.45 -41.32 14.07
N ASP G 90 12.80 -40.82 15.26
CA ASP G 90 13.74 -39.70 15.37
C ASP G 90 15.10 -40.00 14.77
N THR G 91 15.42 -41.27 14.49
CA THR G 91 16.69 -41.62 13.87
C THR G 91 16.87 -40.84 12.57
N ALA G 92 18.00 -40.17 12.45
CA ALA G 92 18.31 -39.36 11.29
C ALA G 92 19.77 -38.95 11.35
N VAL G 93 20.23 -38.34 10.27
CA VAL G 93 21.52 -37.68 10.26
C VAL G 93 21.22 -36.24 10.67
N TYR G 94 21.63 -35.87 11.88
CA TYR G 94 21.31 -34.55 12.41
C TYR G 94 22.31 -33.53 11.89
N TYR G 95 21.81 -32.36 11.52
CA TYR G 95 22.60 -31.34 10.84
C TYR G 95 22.55 -30.04 11.65
N CYS G 96 23.69 -29.34 11.69
CA CYS G 96 23.81 -28.07 12.38
C CYS G 96 23.97 -26.97 11.33
N ALA G 97 23.26 -25.86 11.51
CA ALA G 97 23.22 -24.81 10.49
C ALA G 97 23.15 -23.44 11.15
N ARG G 98 23.72 -22.45 10.44
CA ARG G 98 23.82 -21.08 10.88
C ARG G 98 22.85 -20.15 10.15
N SER G 99 22.37 -19.15 10.89
CA SER G 99 21.44 -18.13 10.40
C SER G 99 22.20 -16.82 10.52
N ALA G 100 21.56 -15.65 10.43
CA ALA G 100 22.36 -14.45 10.22
C ALA G 100 22.32 -13.40 11.33
N ALA G 101 21.21 -12.68 11.53
CA ALA G 101 21.30 -11.54 12.45
C ALA G 101 19.97 -10.92 12.89
N SER G 102 20.05 -9.68 13.37
CA SER G 102 18.89 -8.84 13.64
C SER G 102 17.99 -9.22 14.81
N TYR G 103 18.36 -8.80 16.03
CA TYR G 103 17.44 -8.84 17.17
C TYR G 103 16.07 -8.36 16.69
N TYR G 104 16.06 -7.32 15.87
CA TYR G 104 14.84 -6.90 15.21
C TYR G 104 14.18 -8.06 14.48
N GLY G 105 14.95 -8.77 13.65
CA GLY G 105 14.45 -9.90 12.89
C GLY G 105 13.58 -10.87 13.67
N TYR G 106 14.16 -11.49 14.70
CA TYR G 106 13.41 -12.44 15.50
C TYR G 106 12.20 -11.77 16.15
N TRP G 107 12.40 -10.63 16.80
CA TRP G 107 11.33 -9.95 17.53
C TRP G 107 10.49 -9.04 16.63
N HIS G 108 10.71 -9.06 15.33
CA HIS G 108 9.95 -8.25 14.37
C HIS G 108 9.86 -9.08 13.11
N TRP G 109 9.99 -8.45 11.93
CA TRP G 109 9.72 -9.22 10.71
C TRP G 109 10.71 -10.36 10.52
N TYR G 110 10.43 -11.47 11.21
CA TYR G 110 11.19 -12.72 11.11
C TYR G 110 11.02 -13.40 9.76
N HIS G 111 9.81 -13.33 9.18
CA HIS G 111 9.49 -14.03 7.94
C HIS G 111 10.42 -13.61 6.80
N PHE G 112 11.23 -12.58 7.02
CA PHE G 112 12.25 -12.17 6.07
C PHE G 112 13.64 -12.66 6.45
N SER G 113 13.74 -13.68 7.29
CA SER G 113 15.05 -14.09 7.79
C SER G 113 15.89 -14.70 6.67
N PRO G 114 17.20 -14.46 6.67
CA PRO G 114 18.05 -15.06 5.64
C PRO G 114 18.14 -16.57 5.82
N GLY G 115 18.59 -17.24 4.77
CA GLY G 115 18.65 -18.68 4.81
C GLY G 115 19.76 -19.18 5.70
N MET G 116 19.79 -20.48 5.88
CA MET G 116 20.81 -21.13 6.70
C MET G 116 22.14 -21.10 5.97
N ASP G 117 22.95 -20.09 6.29
CA ASP G 117 24.14 -19.78 5.51
C ASP G 117 25.12 -20.94 5.47
N TYR G 118 25.60 -21.39 6.63
CA TYR G 118 26.63 -22.42 6.70
C TYR G 118 26.16 -23.58 7.55
N TRP G 119 26.33 -24.79 7.02
CA TRP G 119 25.89 -26.02 7.66
C TRP G 119 27.08 -26.79 8.23
N GLY G 120 26.76 -27.92 8.88
CA GLY G 120 27.78 -28.79 9.43
C GLY G 120 28.13 -29.93 8.50
N GLN G 121 28.16 -31.16 9.02
CA GLN G 121 28.52 -32.31 8.19
C GLN G 121 27.55 -33.48 8.38
N GLY G 122 26.97 -33.58 9.57
CA GLY G 122 26.01 -34.63 9.84
C GLY G 122 26.61 -35.77 10.64
N THR G 123 25.87 -36.29 11.61
CA THR G 123 26.29 -37.43 12.41
C THR G 123 25.13 -38.39 12.63
N LEU G 124 25.39 -39.68 12.39
CA LEU G 124 24.37 -40.70 12.51
C LEU G 124 23.87 -40.87 13.94
N VAL G 125 22.55 -40.81 14.11
CA VAL G 125 21.87 -41.04 15.38
C VAL G 125 20.75 -42.05 15.13
N THR G 126 20.96 -43.31 15.51
CA THR G 126 19.97 -44.37 15.31
C THR G 126 19.31 -44.74 16.63
N VAL G 127 17.98 -44.65 16.69
CA VAL G 127 17.27 -45.15 17.86
C VAL G 127 16.64 -46.50 17.54
N SER G 128 17.39 -47.58 17.71
CA SER G 128 16.79 -48.91 17.63
C SER G 128 17.33 -49.79 18.76
N SER G 129 18.63 -49.67 18.98
CA SER G 129 19.41 -50.43 19.96
C SER G 129 19.07 -51.92 19.95
N ALA G 130 19.57 -52.59 18.91
CA ALA G 130 19.50 -54.03 18.81
C ALA G 130 20.85 -54.65 19.06
N SER G 131 21.73 -53.90 19.75
CA SER G 131 23.09 -54.27 20.09
C SER G 131 23.93 -54.29 18.82
N THR G 132 25.11 -53.69 18.87
CA THR G 132 25.99 -53.66 17.70
C THR G 132 26.15 -55.08 17.18
N LYS G 133 25.75 -55.31 15.94
CA LYS G 133 25.69 -56.65 15.38
C LYS G 133 26.67 -56.75 14.23
N GLY G 134 27.30 -57.90 14.11
CA GLY G 134 28.27 -58.14 13.07
C GLY G 134 27.60 -58.54 11.77
N PRO G 135 28.13 -58.06 10.66
CA PRO G 135 27.50 -58.36 9.38
C PRO G 135 27.72 -59.82 9.03
N SER G 136 26.64 -60.50 8.65
CA SER G 136 26.74 -61.85 8.14
C SER G 136 26.77 -61.76 6.63
N VAL G 137 27.77 -62.37 6.02
CA VAL G 137 28.05 -62.20 4.61
C VAL G 137 27.86 -63.55 3.92
N PHE G 138 26.94 -63.57 2.95
CA PHE G 138 26.71 -64.76 2.15
C PHE G 138 26.90 -64.41 0.68
N PRO G 139 27.42 -65.33 -0.12
CA PRO G 139 27.72 -65.03 -1.52
C PRO G 139 26.55 -65.27 -2.46
N LEU G 140 26.58 -64.55 -3.58
CA LEU G 140 25.63 -64.70 -4.68
C LEU G 140 26.44 -65.08 -5.92
N ALA G 141 26.60 -66.43 -6.14
CA ALA G 141 27.51 -66.90 -7.18
C ALA G 141 26.81 -67.11 -8.52
N PRO G 142 27.53 -66.87 -9.62
CA PRO G 142 27.00 -67.15 -10.95
C PRO G 142 27.26 -68.58 -11.38
N SER G 143 26.92 -68.90 -12.63
CA SER G 143 27.29 -70.18 -13.23
C SER G 143 27.58 -69.95 -14.71
N SER G 144 27.86 -71.03 -15.43
CA SER G 144 28.06 -70.93 -16.87
C SER G 144 26.73 -70.97 -17.60
N LYS G 145 25.70 -71.49 -16.94
CA LYS G 145 24.35 -71.39 -17.49
C LYS G 145 23.80 -69.99 -17.26
N SER G 146 23.92 -69.49 -16.02
CA SER G 146 23.52 -68.14 -15.66
C SER G 146 24.33 -67.06 -16.36
N THR G 147 25.29 -67.42 -17.22
CA THR G 147 26.11 -66.41 -17.87
C THR G 147 25.29 -65.76 -18.98
N SER G 148 25.31 -64.43 -19.03
CA SER G 148 24.44 -63.68 -19.93
C SER G 148 25.25 -62.90 -20.96
N GLY G 149 25.24 -63.39 -22.20
CA GLY G 149 25.85 -62.72 -23.35
C GLY G 149 27.33 -62.46 -23.19
N GLY G 150 28.10 -63.51 -22.87
CA GLY G 150 29.52 -63.35 -22.73
C GLY G 150 29.94 -62.66 -21.45
N THR G 151 29.00 -62.38 -20.55
CA THR G 151 29.24 -61.69 -19.30
C THR G 151 28.59 -62.47 -18.15
N ALA G 152 28.80 -62.01 -16.92
CA ALA G 152 28.29 -62.74 -15.77
C ALA G 152 28.20 -61.81 -14.56
N ALA G 153 27.13 -61.96 -13.79
CA ALA G 153 26.87 -61.13 -12.61
C ALA G 153 27.01 -61.96 -11.35
N LEU G 154 27.79 -61.46 -10.39
CA LEU G 154 27.96 -62.08 -9.09
C LEU G 154 28.13 -60.96 -8.05
N GLY G 155 27.98 -61.33 -6.79
CA GLY G 155 28.13 -60.33 -5.74
C GLY G 155 28.05 -60.96 -4.36
N CYS G 156 27.97 -60.08 -3.37
CA CYS G 156 27.97 -60.46 -1.96
C CYS G 156 26.73 -59.90 -1.27
N LEU G 157 26.15 -60.69 -0.38
CA LEU G 157 25.02 -60.27 0.43
C LEU G 157 25.47 -60.07 1.87
N VAL G 158 25.40 -58.83 2.34
CA VAL G 158 25.76 -58.47 3.70
C VAL G 158 24.46 -58.33 4.49
N LYS G 159 24.16 -59.33 5.31
CA LYS G 159 22.86 -59.45 5.96
C LYS G 159 22.98 -59.33 7.47
N ASP G 160 21.96 -58.71 8.07
CA ASP G 160 21.76 -58.73 9.52
C ASP G 160 22.95 -58.12 10.26
N TYR G 161 23.15 -56.83 10.05
CA TYR G 161 24.13 -56.05 10.79
C TYR G 161 23.49 -54.80 11.34
N PHE G 162 24.16 -54.20 12.32
CA PHE G 162 23.73 -52.96 12.94
C PHE G 162 24.87 -52.38 13.74
N PRO G 163 25.06 -51.05 13.75
CA PRO G 163 24.39 -50.03 12.92
C PRO G 163 25.10 -49.74 11.61
N GLU G 164 24.51 -48.86 10.81
CA GLU G 164 25.17 -48.37 9.61
C GLU G 164 26.37 -47.50 10.00
N PRO G 165 27.46 -47.52 9.20
CA PRO G 165 27.56 -48.09 7.86
C PRO G 165 28.38 -49.38 7.72
N VAL G 166 28.40 -49.90 6.50
CA VAL G 166 29.39 -50.88 6.07
C VAL G 166 29.90 -50.48 4.69
N THR G 167 31.21 -50.55 4.50
CA THR G 167 31.82 -50.35 3.20
C THR G 167 32.28 -51.68 2.62
N VAL G 168 32.10 -51.84 1.31
CA VAL G 168 32.49 -53.06 0.61
C VAL G 168 33.34 -52.69 -0.60
N SER G 169 34.42 -53.44 -0.80
CA SER G 169 35.27 -53.32 -1.97
C SER G 169 35.43 -54.69 -2.59
N TRP G 170 35.88 -54.72 -3.84
CA TRP G 170 35.94 -55.95 -4.61
C TRP G 170 37.37 -56.19 -5.08
N ASN G 171 37.91 -57.36 -4.75
CA ASN G 171 39.30 -57.71 -5.01
C ASN G 171 40.24 -56.64 -4.48
N SER G 172 40.06 -56.32 -3.19
CA SER G 172 40.83 -55.27 -2.50
C SER G 172 40.72 -53.93 -3.22
N GLY G 173 39.52 -53.64 -3.74
CA GLY G 173 39.25 -52.40 -4.41
C GLY G 173 39.61 -52.40 -5.88
N ALA G 174 40.64 -53.17 -6.27
CA ALA G 174 41.08 -53.26 -7.67
C ALA G 174 39.91 -53.43 -8.62
N LEU G 175 39.08 -54.44 -8.39
CA LEU G 175 37.84 -54.57 -9.14
C LEU G 175 36.90 -53.46 -8.69
N THR G 176 36.75 -52.42 -9.52
CA THR G 176 35.88 -51.28 -9.16
C THR G 176 34.93 -50.96 -10.31
N SER G 177 35.41 -51.02 -11.56
CA SER G 177 34.56 -50.66 -12.67
C SER G 177 33.27 -51.48 -12.65
N GLY G 178 32.13 -50.79 -12.53
CA GLY G 178 30.85 -51.45 -12.54
C GLY G 178 30.26 -51.78 -11.17
N VAL G 179 31.07 -51.73 -10.11
CA VAL G 179 30.59 -52.16 -8.79
C VAL G 179 29.42 -51.28 -8.37
N HIS G 180 28.28 -51.91 -8.08
CA HIS G 180 27.05 -51.22 -7.69
C HIS G 180 26.67 -51.62 -6.26
N THR G 181 27.35 -51.04 -5.29
CA THR G 181 27.01 -51.24 -3.88
C THR G 181 25.67 -50.59 -3.58
N PHE G 182 24.64 -51.40 -3.31
CA PHE G 182 23.29 -50.91 -3.07
C PHE G 182 23.13 -50.29 -1.69
N PRO G 183 22.22 -49.32 -1.54
CA PRO G 183 21.92 -48.80 -0.21
C PRO G 183 21.33 -49.85 0.72
N ALA G 184 21.52 -49.64 2.01
CA ALA G 184 21.10 -50.59 3.02
C ALA G 184 19.59 -50.57 3.24
N VAL G 185 19.05 -51.73 3.63
CA VAL G 185 17.66 -51.91 3.99
C VAL G 185 17.61 -52.60 5.36
N LEU G 186 16.53 -52.35 6.09
CA LEU G 186 16.33 -52.87 7.44
C LEU G 186 15.45 -54.11 7.44
N GLN G 187 15.72 -55.01 8.38
CA GLN G 187 14.97 -56.25 8.50
C GLN G 187 13.63 -55.98 9.16
N SER G 188 12.65 -56.84 8.89
CA SER G 188 11.33 -56.67 9.50
C SER G 188 11.45 -56.53 11.01
N SER G 189 12.24 -57.40 11.65
CA SER G 189 12.55 -57.23 13.07
C SER G 189 13.42 -55.98 13.29
N GLY G 190 14.23 -55.64 12.30
CA GLY G 190 15.13 -54.50 12.31
C GLY G 190 16.60 -54.87 12.47
N LEU G 191 17.25 -55.03 11.32
CA LEU G 191 18.68 -55.27 11.18
C LEU G 191 19.05 -54.79 9.78
N TYR G 192 20.20 -54.13 9.64
CA TYR G 192 20.56 -53.58 8.34
C TYR G 192 21.01 -54.70 7.39
N SER G 193 20.66 -54.57 6.11
CA SER G 193 20.98 -55.59 5.13
C SER G 193 21.07 -54.99 3.73
N LEU G 194 22.20 -55.19 3.06
CA LEU G 194 22.38 -54.72 1.68
C LEU G 194 23.09 -55.79 0.85
N SER G 195 23.25 -55.49 -0.44
CA SER G 195 23.99 -56.33 -1.38
C SER G 195 24.85 -55.44 -2.28
N SER G 196 25.97 -56.01 -2.76
CA SER G 196 26.86 -55.31 -3.69
C SER G 196 27.23 -56.24 -4.84
N VAL G 197 27.05 -55.78 -6.08
CA VAL G 197 27.22 -56.60 -7.28
C VAL G 197 28.20 -55.91 -8.22
N VAL G 198 28.76 -56.69 -9.16
CA VAL G 198 29.63 -56.16 -10.21
C VAL G 198 29.56 -57.13 -11.40
N THR G 199 29.68 -56.58 -12.61
CA THR G 199 29.57 -57.34 -13.85
C THR G 199 30.95 -57.75 -14.37
N VAL G 200 31.06 -59.00 -14.82
CA VAL G 200 32.32 -59.53 -15.37
C VAL G 200 32.01 -60.40 -16.58
N PRO G 201 32.96 -60.47 -17.51
CA PRO G 201 32.84 -61.42 -18.63
C PRO G 201 32.92 -62.87 -18.18
N SER G 202 32.19 -63.74 -18.89
CA SER G 202 32.14 -65.15 -18.55
C SER G 202 33.52 -65.81 -18.60
N SER G 203 34.40 -65.31 -19.47
CA SER G 203 35.74 -65.88 -19.56
C SER G 203 36.52 -65.68 -18.26
N SER G 204 36.42 -64.47 -17.69
CA SER G 204 37.17 -64.16 -16.48
C SER G 204 36.64 -64.87 -15.24
N LEU G 205 35.42 -65.42 -15.29
CA LEU G 205 34.81 -66.08 -14.14
C LEU G 205 35.79 -66.98 -13.37
N GLY G 206 36.35 -67.98 -14.06
CA GLY G 206 37.34 -68.84 -13.44
C GLY G 206 38.72 -68.23 -13.34
N THR G 207 39.19 -67.62 -14.42
CA THR G 207 40.52 -67.01 -14.44
C THR G 207 40.68 -66.01 -13.30
N GLN G 208 39.74 -65.07 -13.18
CA GLN G 208 39.82 -64.03 -12.17
C GLN G 208 39.03 -64.45 -10.94
N THR G 209 39.65 -64.34 -9.78
CA THR G 209 38.98 -64.58 -8.51
C THR G 209 38.32 -63.29 -8.03
N TYR G 210 37.29 -63.45 -7.21
CA TYR G 210 36.45 -62.33 -6.78
C TYR G 210 36.24 -62.43 -5.28
N ILE G 211 36.85 -61.51 -4.54
CA ILE G 211 36.73 -61.43 -3.09
C ILE G 211 36.17 -60.07 -2.75
N CYS G 212 35.00 -60.06 -2.11
CA CYS G 212 34.43 -58.80 -1.63
C CYS G 212 35.00 -58.53 -0.25
N ASN G 213 35.64 -57.38 -0.09
CA ASN G 213 36.23 -56.98 1.17
C ASN G 213 35.20 -56.11 1.88
N VAL G 214 34.71 -56.59 3.01
CA VAL G 214 33.65 -55.92 3.74
C VAL G 214 34.24 -55.37 5.03
N ASN G 215 33.76 -54.20 5.43
CA ASN G 215 34.21 -53.56 6.66
C ASN G 215 33.03 -52.99 7.42
N HIS G 216 32.93 -53.35 8.70
CA HIS G 216 31.93 -52.81 9.62
C HIS G 216 32.69 -52.28 10.82
N LYS G 217 33.18 -51.05 10.70
CA LYS G 217 33.89 -50.39 11.79
C LYS G 217 33.15 -50.41 13.13
N PRO G 218 31.84 -50.13 13.21
CA PRO G 218 31.15 -50.23 14.51
C PRO G 218 31.43 -51.48 15.34
N SER G 219 31.49 -52.66 14.73
CA SER G 219 31.71 -53.89 15.48
C SER G 219 33.08 -54.52 15.24
N ASN G 220 34.06 -53.71 14.81
CA ASN G 220 35.43 -54.12 14.52
C ASN G 220 35.50 -55.43 13.73
N THR G 221 34.61 -55.61 12.76
CA THR G 221 34.57 -56.82 11.96
C THR G 221 34.91 -56.56 10.50
N LYS G 222 35.72 -57.44 9.92
CA LYS G 222 36.05 -57.39 8.50
C LYS G 222 36.01 -58.80 7.96
N VAL G 223 35.05 -59.09 7.10
CA VAL G 223 34.91 -60.39 6.46
C VAL G 223 35.33 -60.27 5.01
N ASP G 224 36.17 -61.19 4.57
CA ASP G 224 36.68 -61.22 3.20
C ASP G 224 36.21 -62.53 2.56
N LYS G 225 35.10 -62.45 1.84
CA LYS G 225 34.47 -63.62 1.24
C LYS G 225 34.98 -63.79 -0.19
N LYS G 226 35.28 -65.03 -0.57
CA LYS G 226 35.67 -65.35 -1.93
C LYS G 226 34.43 -65.93 -2.61
N VAL G 227 34.07 -65.38 -3.77
CA VAL G 227 32.89 -65.83 -4.48
C VAL G 227 33.34 -66.68 -5.67
N GLU G 228 33.16 -68.00 -5.55
CA GLU G 228 33.43 -69.07 -6.50
C GLU G 228 32.20 -69.36 -7.35
N PRO G 229 32.38 -69.65 -8.64
CA PRO G 229 31.25 -70.07 -9.47
C PRO G 229 30.69 -71.40 -8.98
N LYS G 230 29.36 -71.51 -9.00
CA LYS G 230 28.68 -72.71 -8.51
C LYS G 230 28.14 -73.55 -9.66
N THR H 5 10.37 -36.63 8.49
CA THR H 5 8.96 -36.73 8.13
C THR H 5 8.72 -36.14 6.74
N GLN H 6 9.61 -36.45 5.81
CA GLN H 6 9.52 -35.97 4.44
C GLN H 6 9.68 -37.14 3.48
N SER H 7 9.37 -36.87 2.21
CA SER H 7 9.47 -37.88 1.16
C SER H 7 10.02 -37.21 -0.09
N PRO H 8 10.95 -37.85 -0.79
CA PRO H 8 11.42 -37.28 -2.07
C PRO H 8 10.45 -37.60 -3.19
N SER H 9 10.37 -36.66 -4.14
CA SER H 9 9.52 -36.83 -5.32
C SER H 9 9.90 -35.80 -6.38
N SER H 10 10.19 -36.23 -7.60
CA SER H 10 10.67 -35.24 -8.57
C SER H 10 10.40 -35.68 -10.01
N LEU H 11 11.11 -35.05 -10.94
CA LEU H 11 11.01 -35.24 -12.40
C LEU H 11 12.44 -35.24 -12.95
N SER H 12 12.57 -35.14 -14.27
CA SER H 12 13.86 -35.25 -14.93
C SER H 12 13.93 -34.36 -16.16
N ALA H 13 15.16 -34.01 -16.53
CA ALA H 13 15.44 -33.20 -17.72
C ALA H 13 16.85 -33.54 -18.21
N SER H 14 17.34 -32.77 -19.18
CA SER H 14 18.62 -33.05 -19.82
C SER H 14 19.51 -31.82 -19.82
N VAL H 15 20.75 -32.01 -20.26
CA VAL H 15 21.73 -30.92 -20.35
C VAL H 15 21.20 -29.81 -21.25
N GLY H 16 21.28 -28.58 -20.75
CA GLY H 16 20.87 -27.45 -21.55
C GLY H 16 19.37 -27.23 -21.59
N ASP H 17 18.63 -27.79 -20.65
CA ASP H 17 17.18 -27.68 -20.64
C ASP H 17 16.82 -26.71 -19.52
N ARG H 18 16.27 -25.56 -19.88
CA ARG H 18 15.77 -24.63 -18.87
C ARG H 18 14.54 -25.26 -18.23
N VAL H 19 14.63 -25.53 -16.93
CA VAL H 19 13.62 -26.32 -16.22
C VAL H 19 13.08 -25.50 -15.05
N THR H 20 11.92 -25.95 -14.53
CA THR H 20 11.17 -25.26 -13.49
C THR H 20 10.97 -26.17 -12.29
N ILE H 21 11.49 -25.76 -11.14
CA ILE H 21 11.30 -26.44 -9.87
C ILE H 21 10.27 -25.66 -9.06
N THR H 22 9.31 -26.37 -8.48
CA THR H 22 8.23 -25.76 -7.73
C THR H 22 8.24 -26.29 -6.30
N CYS H 23 7.50 -25.60 -5.45
CA CYS H 23 7.36 -25.98 -4.05
C CYS H 23 6.15 -25.26 -3.51
N ARG H 24 5.29 -25.97 -2.80
CA ARG H 24 4.12 -25.29 -2.26
C ARG H 24 4.60 -24.19 -1.34
N ALA H 25 3.89 -23.06 -1.35
CA ALA H 25 4.37 -21.87 -0.68
C ALA H 25 3.78 -21.68 0.70
N SER H 26 3.01 -22.66 1.19
CA SER H 26 2.39 -22.60 2.51
C SER H 26 1.53 -21.35 2.65
N GLN H 27 1.08 -20.82 1.50
CA GLN H 27 0.21 -19.64 1.40
C GLN H 27 0.82 -18.52 2.26
N SER H 28 0.04 -17.84 3.09
CA SER H 28 0.51 -16.71 3.88
C SER H 28 1.02 -15.57 3.00
N VAL H 29 1.60 -14.54 3.62
CA VAL H 29 2.16 -13.46 2.82
C VAL H 29 3.50 -13.95 2.27
N SER H 30 3.74 -13.71 0.98
CA SER H 30 4.94 -14.26 0.37
C SER H 30 6.16 -13.81 1.17
N SER H 31 6.76 -14.77 1.86
CA SER H 31 7.77 -14.60 2.88
C SER H 31 9.13 -14.97 2.29
N ALA H 32 10.12 -15.22 3.14
CA ALA H 32 11.46 -15.48 2.65
C ALA H 32 11.48 -16.77 1.82
N VAL H 33 12.45 -16.83 0.91
CA VAL H 33 12.55 -17.94 -0.02
C VAL H 33 13.99 -18.39 -0.23
N ALA H 34 14.44 -19.36 0.57
CA ALA H 34 15.78 -19.93 0.44
C ALA H 34 15.67 -21.39 0.02
N TRP H 35 16.33 -21.74 -1.08
CA TRP H 35 16.46 -23.12 -1.55
C TRP H 35 17.88 -23.60 -1.37
N TYR H 36 18.04 -24.90 -1.17
CA TYR H 36 19.34 -25.51 -0.92
C TYR H 36 19.58 -26.63 -1.91
N GLN H 37 20.85 -26.77 -2.34
CA GLN H 37 21.26 -27.79 -3.29
C GLN H 37 21.94 -28.90 -2.51
N GLN H 38 21.19 -29.98 -2.25
CA GLN H 38 21.72 -31.14 -1.52
C GLN H 38 22.40 -32.06 -2.52
N LYS H 39 23.72 -31.93 -2.63
CA LYS H 39 24.52 -32.85 -3.41
C LYS H 39 24.36 -34.27 -2.85
N PRO H 40 24.38 -35.30 -3.72
CA PRO H 40 24.00 -36.66 -3.28
C PRO H 40 24.68 -37.10 -1.99
N GLY H 41 23.89 -37.28 -0.94
CA GLY H 41 24.41 -37.71 0.35
C GLY H 41 25.54 -36.86 0.88
N LYS H 42 25.42 -35.54 0.80
CA LYS H 42 26.45 -34.58 1.21
C LYS H 42 25.82 -33.52 2.09
N ALA H 43 26.43 -32.33 2.18
CA ALA H 43 25.90 -31.35 3.11
C ALA H 43 25.19 -30.23 2.37
N PRO H 44 24.02 -29.82 2.85
CA PRO H 44 23.27 -28.74 2.22
C PRO H 44 24.06 -27.45 2.06
N LYS H 45 23.92 -26.84 0.90
CA LYS H 45 24.53 -25.56 0.59
C LYS H 45 23.43 -24.58 0.21
N LEU H 46 23.47 -23.40 0.81
CA LEU H 46 22.48 -22.38 0.55
C LEU H 46 22.68 -21.80 -0.85
N LEU H 47 21.58 -21.65 -1.59
CA LEU H 47 21.65 -21.31 -3.01
C LEU H 47 22.24 -19.95 -3.29
N ILE H 48 22.43 -19.10 -2.27
CA ILE H 48 23.07 -17.80 -2.40
C ILE H 48 22.11 -16.90 -3.18
N TYR H 49 22.12 -15.60 -2.94
CA TYR H 49 21.22 -14.70 -3.66
C TYR H 49 21.94 -13.76 -4.63
N SER H 50 22.78 -12.86 -4.11
CA SER H 50 23.42 -11.80 -4.89
C SER H 50 22.43 -11.18 -5.88
N ALA H 51 22.22 -11.87 -7.01
CA ALA H 51 21.28 -11.44 -8.04
C ALA H 51 20.54 -12.67 -8.57
N SER H 52 19.21 -12.62 -8.51
CA SER H 52 18.33 -13.71 -8.96
C SER H 52 18.86 -15.06 -8.46
N ASP H 53 19.19 -15.09 -7.18
CA ASP H 53 19.67 -16.27 -6.44
C ASP H 53 20.68 -17.08 -7.25
N LEU H 54 21.77 -16.42 -7.65
CA LEU H 54 22.80 -17.11 -8.41
C LEU H 54 23.66 -17.95 -7.47
N TYR H 55 24.55 -18.77 -8.05
CA TYR H 55 25.55 -19.47 -7.26
C TYR H 55 26.99 -19.29 -7.73
N SER H 56 27.20 -19.01 -9.01
CA SER H 56 28.51 -19.18 -9.65
C SER H 56 28.96 -17.86 -10.27
N GLY H 57 30.00 -17.94 -11.11
CA GLY H 57 30.49 -16.78 -11.82
C GLY H 57 29.47 -16.10 -12.70
N VAL H 58 28.86 -16.84 -13.62
CA VAL H 58 27.73 -16.31 -14.40
C VAL H 58 26.66 -15.92 -13.39
N PRO H 59 26.36 -14.63 -13.22
CA PRO H 59 25.47 -14.23 -12.13
C PRO H 59 24.02 -14.61 -12.37
N SER H 60 23.80 -15.49 -13.35
CA SER H 60 22.44 -15.98 -13.61
C SER H 60 22.42 -17.46 -13.98
N ARG H 61 23.55 -18.18 -13.81
CA ARG H 61 23.57 -19.63 -14.01
C ARG H 61 22.34 -20.25 -13.36
N PHE H 62 22.12 -19.92 -12.09
CA PHE H 62 20.90 -20.29 -11.39
C PHE H 62 19.96 -19.09 -11.36
N SER H 63 18.69 -19.34 -11.66
CA SER H 63 17.66 -18.31 -11.68
C SER H 63 16.45 -18.78 -10.87
N GLY H 64 15.66 -17.83 -10.40
CA GLY H 64 14.47 -18.15 -9.64
C GLY H 64 13.83 -16.94 -9.00
N SER H 65 12.52 -17.04 -8.78
CA SER H 65 11.73 -15.99 -8.12
C SER H 65 10.44 -16.59 -7.57
N ARG H 66 9.49 -15.71 -7.23
CA ARG H 66 8.19 -15.99 -6.65
C ARG H 66 7.10 -16.06 -7.72
N SER H 67 6.16 -17.00 -7.54
CA SER H 67 5.04 -17.18 -8.47
C SER H 67 3.71 -17.39 -7.75
N GLY H 68 3.37 -16.49 -6.82
CA GLY H 68 2.06 -16.58 -6.17
C GLY H 68 1.98 -17.67 -5.13
N THR H 69 0.93 -18.50 -5.21
CA THR H 69 0.71 -19.51 -4.16
C THR H 69 1.75 -20.64 -4.20
N ASP H 70 2.78 -20.48 -5.01
CA ASP H 70 3.94 -21.34 -5.00
C ASP H 70 5.16 -20.46 -5.23
N PHE H 71 6.34 -21.06 -5.15
CA PHE H 71 7.57 -20.36 -5.45
C PHE H 71 8.37 -21.21 -6.45
N THR H 72 9.29 -20.56 -7.14
CA THR H 72 9.94 -21.18 -8.28
C THR H 72 11.44 -20.96 -8.25
N LEU H 73 12.13 -21.80 -9.02
CA LEU H 73 13.58 -21.78 -9.12
C LEU H 73 14.02 -21.97 -10.58
N THR H 74 13.15 -21.69 -11.55
CA THR H 74 13.47 -21.84 -12.97
C THR H 74 14.91 -21.51 -13.28
N ILE H 75 15.71 -22.52 -13.60
CA ILE H 75 17.11 -22.38 -13.94
C ILE H 75 17.32 -22.32 -15.44
N SER H 76 18.39 -21.66 -15.86
CA SER H 76 18.72 -21.47 -17.26
C SER H 76 19.42 -22.70 -17.80
N SER H 77 20.19 -22.56 -18.89
CA SER H 77 20.90 -23.69 -19.48
C SER H 77 21.52 -24.58 -18.41
N LEU H 78 20.92 -25.75 -18.20
CA LEU H 78 21.32 -26.63 -17.11
C LEU H 78 22.67 -27.27 -17.40
N GLN H 79 23.56 -27.25 -16.41
CA GLN H 79 24.90 -27.81 -16.50
C GLN H 79 25.07 -29.04 -15.61
N PRO H 80 26.03 -29.93 -15.95
CA PRO H 80 26.21 -31.18 -15.19
C PRO H 80 26.29 -31.03 -13.68
N GLU H 81 27.09 -30.07 -13.19
CA GLU H 81 27.26 -29.89 -11.74
C GLU H 81 25.92 -29.78 -11.03
N ASP H 82 25.02 -28.97 -11.58
CA ASP H 82 23.75 -28.65 -10.92
C ASP H 82 22.94 -29.90 -10.58
N PHE H 83 23.09 -30.98 -11.35
CA PHE H 83 22.26 -32.16 -11.14
C PHE H 83 22.37 -32.66 -9.70
N ALA H 84 21.29 -32.44 -8.94
CA ALA H 84 21.18 -32.77 -7.53
C ALA H 84 19.71 -32.70 -7.12
N THR H 85 19.45 -32.63 -5.82
CA THR H 85 18.11 -32.39 -5.32
C THR H 85 18.03 -31.01 -4.68
N TYR H 86 16.83 -30.45 -4.65
CA TYR H 86 16.61 -29.08 -4.19
C TYR H 86 15.39 -29.04 -3.28
N TYR H 87 15.49 -28.25 -2.21
CA TYR H 87 14.43 -28.12 -1.21
C TYR H 87 14.13 -26.64 -1.00
N CYS H 88 12.85 -26.31 -0.84
CA CYS H 88 12.42 -24.93 -0.60
C CYS H 88 12.12 -24.74 0.88
N GLN H 89 12.62 -23.64 1.44
CA GLN H 89 12.49 -23.38 2.87
C GLN H 89 11.89 -21.99 3.07
N GLN H 90 11.14 -21.83 4.16
CA GLN H 90 10.47 -20.58 4.50
C GLN H 90 10.65 -20.31 5.99
N TYR H 91 10.26 -19.10 6.39
CA TYR H 91 10.24 -18.71 7.80
C TYR H 91 8.81 -18.26 8.12
N VAL H 92 8.10 -19.05 8.92
CA VAL H 92 6.74 -18.66 9.29
C VAL H 92 6.80 -17.52 10.30
N SER H 93 5.78 -16.67 10.27
CA SER H 93 5.66 -15.56 11.21
C SER H 93 4.81 -15.93 12.42
N GLY H 94 4.80 -17.20 12.79
CA GLY H 94 4.07 -17.67 13.96
C GLY H 94 4.95 -17.79 15.19
N GLY H 95 5.46 -18.99 15.43
CA GLY H 95 6.37 -19.20 16.54
C GLY H 95 7.82 -19.30 16.10
N TRP H 96 8.19 -18.50 15.10
CA TRP H 96 9.54 -18.51 14.55
C TRP H 96 9.94 -19.90 14.05
N LEU H 97 8.95 -20.66 13.62
CA LEU H 97 9.13 -22.02 13.14
C LEU H 97 9.66 -21.99 11.71
N ILE H 98 10.11 -23.15 11.24
CA ILE H 98 10.74 -23.27 9.94
C ILE H 98 10.15 -24.48 9.23
N THR H 99 9.42 -24.24 8.15
CA THR H 99 8.88 -25.32 7.34
C THR H 99 9.87 -25.72 6.25
N PHE H 100 9.56 -26.82 5.57
CA PHE H 100 10.43 -27.34 4.54
C PHE H 100 9.59 -27.88 3.39
N GLY H 101 10.14 -27.83 2.19
CA GLY H 101 9.51 -28.43 1.04
C GLY H 101 9.74 -29.93 0.99
N GLN H 102 8.93 -30.60 0.17
CA GLN H 102 9.04 -32.05 0.06
C GLN H 102 10.44 -32.44 -0.42
N GLY H 103 10.97 -31.70 -1.40
CA GLY H 103 12.27 -31.97 -1.94
C GLY H 103 12.21 -32.62 -3.30
N THR H 104 12.62 -31.89 -4.34
CA THR H 104 12.69 -32.43 -5.68
C THR H 104 14.15 -32.57 -6.09
N LYS H 105 14.39 -33.55 -6.95
CA LYS H 105 15.71 -33.90 -7.47
C LYS H 105 15.67 -33.89 -8.99
N VAL H 106 16.82 -33.69 -9.61
CA VAL H 106 16.91 -33.66 -11.06
C VAL H 106 17.81 -34.80 -11.51
N GLU H 107 17.31 -35.60 -12.44
CA GLU H 107 18.00 -36.76 -12.99
C GLU H 107 18.16 -36.58 -14.49
N ILE H 108 19.16 -37.28 -15.04
CA ILE H 108 19.51 -37.13 -16.45
C ILE H 108 18.43 -37.78 -17.29
N LYS H 109 17.66 -36.97 -18.03
CA LYS H 109 16.66 -37.55 -18.93
C LYS H 109 17.42 -38.32 -19.99
N ARG H 110 17.38 -39.64 -19.88
CA ARG H 110 18.11 -40.53 -20.78
C ARG H 110 17.12 -41.45 -21.47
N THR H 111 17.45 -41.84 -22.70
CA THR H 111 16.57 -42.76 -23.43
C THR H 111 16.34 -44.04 -22.64
N VAL H 112 15.11 -44.55 -22.72
CA VAL H 112 14.69 -45.72 -21.94
C VAL H 112 15.64 -46.89 -22.19
N ALA H 113 16.20 -47.45 -21.10
CA ALA H 113 17.12 -48.56 -21.19
C ALA H 113 16.48 -49.80 -20.56
N ALA H 114 16.76 -50.97 -21.16
CA ALA H 114 16.18 -52.26 -20.77
C ALA H 114 17.07 -52.95 -19.74
N PRO H 115 16.53 -53.46 -18.64
CA PRO H 115 17.35 -54.08 -17.60
C PRO H 115 17.86 -55.48 -17.94
N SER H 116 19.17 -55.66 -17.88
CA SER H 116 19.73 -57.01 -17.82
C SER H 116 19.38 -57.60 -16.45
N VAL H 117 18.71 -58.75 -16.42
CA VAL H 117 18.12 -59.29 -15.20
C VAL H 117 18.87 -60.55 -14.81
N PHE H 118 19.29 -60.62 -13.53
CA PHE H 118 19.99 -61.75 -12.96
C PHE H 118 19.38 -62.10 -11.62
N ILE H 119 18.94 -63.34 -11.46
CA ILE H 119 18.42 -63.83 -10.19
C ILE H 119 19.46 -64.74 -9.55
N PHE H 120 19.50 -64.73 -8.21
CA PHE H 120 20.47 -65.52 -7.44
C PHE H 120 19.74 -66.38 -6.43
N PRO H 121 19.96 -67.68 -6.42
CA PRO H 121 19.36 -68.54 -5.39
C PRO H 121 20.08 -68.36 -4.06
N PRO H 122 19.34 -68.39 -2.94
CA PRO H 122 20.00 -68.28 -1.64
C PRO H 122 21.07 -69.36 -1.47
N SER H 123 22.29 -68.94 -1.18
CA SER H 123 23.38 -69.87 -0.97
C SER H 123 23.09 -70.76 0.24
N ASP H 124 23.53 -72.02 0.14
CA ASP H 124 23.36 -72.94 1.26
C ASP H 124 24.03 -72.42 2.52
N SER H 125 25.11 -71.64 2.37
CA SER H 125 25.74 -71.02 3.52
C SER H 125 24.73 -70.24 4.35
N GLN H 126 23.89 -69.44 3.70
CA GLN H 126 22.80 -68.77 4.40
C GLN H 126 21.76 -69.78 4.86
N LEU H 127 21.38 -70.70 3.97
CA LEU H 127 20.36 -71.71 4.29
C LEU H 127 20.72 -72.51 5.53
N LYS H 128 22.02 -72.73 5.76
CA LYS H 128 22.45 -73.42 6.97
C LYS H 128 21.87 -72.77 8.23
N SER H 129 21.90 -71.43 8.29
CA SER H 129 21.34 -70.73 9.42
C SER H 129 19.83 -70.94 9.54
N GLY H 130 19.14 -71.15 8.43
CA GLY H 130 17.70 -71.33 8.45
C GLY H 130 16.90 -70.24 7.77
N THR H 131 17.58 -69.38 7.01
CA THR H 131 16.95 -68.30 6.27
C THR H 131 17.23 -68.44 4.78
N ALA H 132 16.29 -67.99 3.97
CA ALA H 132 16.38 -68.09 2.52
C ALA H 132 16.14 -66.72 1.91
N SER H 133 17.16 -66.18 1.24
CA SER H 133 17.10 -64.87 0.60
C SER H 133 17.31 -65.05 -0.90
N VAL H 134 16.25 -64.80 -1.68
CA VAL H 134 16.32 -64.81 -3.13
C VAL H 134 16.40 -63.37 -3.60
N VAL H 135 17.42 -63.06 -4.41
CA VAL H 135 17.69 -61.68 -4.81
C VAL H 135 17.56 -61.56 -6.33
N CYS H 136 17.06 -60.41 -6.78
CA CYS H 136 16.88 -60.10 -8.20
C CYS H 136 17.54 -58.76 -8.51
N LEU H 137 18.32 -58.72 -9.60
CA LEU H 137 19.10 -57.54 -9.97
C LEU H 137 18.56 -56.88 -11.22
N LEU H 138 18.33 -55.57 -11.14
CA LEU H 138 17.96 -54.75 -12.31
C LEU H 138 19.12 -53.78 -12.60
N ASN H 139 20.12 -54.28 -13.32
CA ASN H 139 21.34 -53.52 -13.58
C ASN H 139 21.19 -52.59 -14.77
N ASN H 140 21.68 -51.36 -14.60
CA ASN H 140 21.79 -50.37 -15.68
C ASN H 140 20.48 -50.25 -16.44
N PHE H 141 19.47 -49.76 -15.72
CA PHE H 141 18.13 -49.64 -16.27
C PHE H 141 17.62 -48.22 -16.11
N TYR H 142 16.68 -47.86 -17.00
CA TYR H 142 16.07 -46.55 -17.13
C TYR H 142 14.77 -46.64 -17.91
N PRO H 143 13.65 -46.13 -17.36
CA PRO H 143 13.61 -45.24 -16.19
C PRO H 143 13.73 -46.00 -14.89
N ARG H 144 14.17 -45.34 -13.82
CA ARG H 144 14.22 -46.03 -12.54
C ARG H 144 12.85 -46.61 -12.17
N GLU H 145 11.79 -45.82 -12.37
CA GLU H 145 10.46 -46.24 -11.95
C GLU H 145 9.99 -47.46 -12.75
N ALA H 146 9.74 -48.55 -12.04
CA ALA H 146 9.32 -49.81 -12.62
C ALA H 146 8.69 -50.62 -11.50
N LYS H 147 8.25 -51.84 -11.79
CA LYS H 147 7.59 -52.65 -10.76
C LYS H 147 7.93 -54.12 -10.94
N VAL H 148 8.62 -54.68 -9.95
CA VAL H 148 9.04 -56.08 -9.95
C VAL H 148 8.19 -56.86 -8.95
N GLN H 149 7.76 -58.06 -9.35
CA GLN H 149 6.92 -58.95 -8.55
C GLN H 149 7.59 -60.31 -8.43
N TRP H 150 7.47 -60.92 -7.24
CA TRP H 150 8.08 -62.20 -6.93
C TRP H 150 7.02 -63.32 -7.02
N LYS H 151 7.25 -64.30 -7.90
CA LYS H 151 6.35 -65.44 -8.05
C LYS H 151 7.11 -66.75 -7.84
N VAL H 152 6.65 -67.55 -6.88
CA VAL H 152 7.22 -68.86 -6.57
C VAL H 152 6.22 -69.97 -6.90
N ASP H 153 6.67 -70.95 -7.68
CA ASP H 153 5.82 -72.05 -8.15
C ASP H 153 4.51 -71.52 -8.73
N ASN H 154 4.64 -70.52 -9.61
CA ASN H 154 3.49 -69.84 -10.20
C ASN H 154 2.55 -69.26 -9.14
N ALA H 155 3.11 -68.88 -7.99
CA ALA H 155 2.35 -68.25 -6.91
C ALA H 155 2.98 -66.91 -6.55
N LEU H 156 2.24 -65.84 -6.80
CA LEU H 156 2.71 -64.48 -6.52
C LEU H 156 3.04 -64.31 -5.04
N GLN H 157 4.20 -63.70 -4.77
CA GLN H 157 4.63 -63.44 -3.40
C GLN H 157 4.16 -62.06 -2.95
N SER H 158 3.69 -62.00 -1.70
CA SER H 158 3.21 -60.77 -1.09
C SER H 158 3.77 -60.61 0.31
N GLY H 159 4.19 -59.38 0.64
CA GLY H 159 4.72 -59.06 1.96
C GLY H 159 5.92 -59.89 2.36
N ASN H 160 6.89 -60.02 1.46
CA ASN H 160 8.07 -60.81 1.78
C ASN H 160 9.36 -60.32 1.13
N SER H 161 9.35 -59.20 0.40
CA SER H 161 10.51 -58.74 -0.34
C SER H 161 10.84 -57.29 -0.01
N GLN H 162 12.14 -56.95 -0.09
CA GLN H 162 12.64 -55.60 0.14
C GLN H 162 13.49 -55.15 -1.05
N GLU H 163 13.42 -53.85 -1.36
CA GLU H 163 14.03 -53.29 -2.56
C GLU H 163 14.98 -52.14 -2.23
N SER H 164 16.02 -52.00 -3.06
CA SER H 164 17.00 -50.92 -2.93
C SER H 164 17.51 -50.54 -4.31
N VAL H 165 17.68 -49.23 -4.55
CA VAL H 165 18.06 -48.69 -5.85
C VAL H 165 19.31 -47.84 -5.74
N THR H 166 20.21 -47.95 -6.72
CA THR H 166 21.36 -47.07 -6.80
C THR H 166 20.97 -45.73 -7.45
N GLU H 167 21.93 -44.83 -7.55
CA GLU H 167 21.74 -43.56 -8.24
C GLU H 167 22.50 -43.53 -9.57
N GLN H 168 22.11 -42.59 -10.43
CA GLN H 168 22.72 -42.46 -11.76
C GLN H 168 24.24 -42.33 -11.63
N ASP H 169 24.97 -43.16 -12.37
CA ASP H 169 26.42 -43.21 -12.24
C ASP H 169 27.16 -42.15 -13.05
N SER H 170 27.11 -42.27 -14.37
CA SER H 170 27.91 -41.49 -15.30
C SER H 170 27.19 -41.39 -16.64
N LYS H 171 27.96 -41.24 -17.72
CA LYS H 171 27.48 -41.27 -19.09
C LYS H 171 26.30 -42.24 -19.20
N ASP H 172 26.42 -43.41 -18.57
CA ASP H 172 25.34 -44.39 -18.68
C ASP H 172 24.04 -43.84 -18.10
N SER H 173 24.13 -43.02 -17.05
CA SER H 173 22.99 -42.34 -16.46
C SER H 173 21.83 -43.29 -16.18
N THR H 174 22.17 -44.54 -15.86
CA THR H 174 21.18 -45.55 -15.53
C THR H 174 21.06 -45.73 -14.03
N TYR H 175 20.29 -46.74 -13.63
CA TYR H 175 20.10 -47.10 -12.24
C TYR H 175 20.25 -48.61 -12.09
N SER H 176 20.56 -49.04 -10.88
CA SER H 176 20.58 -50.45 -10.52
C SER H 176 19.64 -50.69 -9.35
N LEU H 177 18.88 -51.78 -9.43
CA LEU H 177 17.84 -52.08 -8.44
C LEU H 177 18.07 -53.49 -7.91
N SER H 178 17.89 -53.64 -6.60
CA SER H 178 18.03 -54.93 -5.93
C SER H 178 16.72 -55.24 -5.22
N SER H 179 16.12 -56.38 -5.54
CA SER H 179 14.95 -56.89 -4.86
C SER H 179 15.31 -58.18 -4.14
N THR H 180 15.13 -58.20 -2.82
CA THR H 180 15.54 -59.31 -1.97
C THR H 180 14.30 -59.98 -1.40
N LEU H 181 14.11 -61.25 -1.70
CA LEU H 181 12.95 -62.01 -1.24
C LEU H 181 13.39 -62.88 -0.06
N THR H 182 12.92 -62.54 1.12
CA THR H 182 13.31 -63.22 2.35
C THR H 182 12.27 -64.29 2.71
N LEU H 183 12.72 -65.54 2.83
CA LEU H 183 11.89 -66.67 3.21
C LEU H 183 12.61 -67.46 4.29
N SER H 184 11.85 -68.29 4.99
CA SER H 184 12.43 -69.24 5.92
C SER H 184 12.89 -70.47 5.18
N LYS H 185 13.94 -71.12 5.71
CA LYS H 185 14.43 -72.36 5.12
C LYS H 185 13.30 -73.35 4.87
N ALA H 186 12.37 -73.47 5.82
CA ALA H 186 11.24 -74.37 5.68
C ALA H 186 10.44 -74.06 4.41
N ASP H 187 9.95 -72.83 4.29
CA ASP H 187 9.17 -72.44 3.11
C ASP H 187 9.96 -72.61 1.83
N TYR H 188 11.26 -72.29 1.86
CA TYR H 188 12.09 -72.41 0.66
C TYR H 188 12.18 -73.85 0.18
N GLU H 189 12.41 -74.79 1.11
CA GLU H 189 12.64 -76.18 0.73
C GLU H 189 11.39 -76.88 0.19
N LYS H 190 10.21 -76.34 0.43
CA LYS H 190 8.97 -76.96 -0.01
C LYS H 190 8.50 -76.50 -1.39
N HIS H 191 9.27 -75.69 -2.10
CA HIS H 191 8.88 -75.17 -3.41
C HIS H 191 10.04 -75.37 -4.38
N LYS H 192 9.73 -75.36 -5.68
CA LYS H 192 10.73 -75.67 -6.69
C LYS H 192 11.04 -74.54 -7.65
N VAL H 193 10.04 -73.93 -8.27
CA VAL H 193 10.27 -72.85 -9.23
C VAL H 193 10.29 -71.53 -8.48
N TYR H 194 11.30 -70.71 -8.75
CA TYR H 194 11.49 -69.42 -8.05
C TYR H 194 11.79 -68.35 -9.09
N ALA H 195 10.82 -67.46 -9.31
CA ALA H 195 10.87 -66.46 -10.37
C ALA H 195 10.75 -65.06 -9.80
N CYS H 196 11.35 -64.10 -10.52
CA CYS H 196 11.26 -62.68 -10.20
C CYS H 196 10.76 -62.00 -11.47
N GLU H 197 9.50 -61.60 -11.47
CA GLU H 197 8.90 -60.96 -12.63
C GLU H 197 9.16 -59.47 -12.59
N VAL H 198 9.71 -58.94 -13.68
CA VAL H 198 9.96 -57.50 -13.81
C VAL H 198 8.95 -56.98 -14.82
N THR H 199 8.21 -55.96 -14.43
CA THR H 199 7.21 -55.35 -15.30
C THR H 199 7.72 -53.95 -15.62
N GLN H 200 8.41 -53.83 -16.75
CA GLN H 200 8.95 -52.55 -17.18
C GLN H 200 8.04 -51.95 -18.26
N GLY H 201 6.90 -51.44 -17.79
CA GLY H 201 5.96 -50.84 -18.72
C GLY H 201 5.23 -51.87 -19.55
N THR H 202 5.55 -51.90 -20.85
CA THR H 202 4.91 -52.84 -21.75
C THR H 202 5.68 -54.14 -21.81
N THR H 203 6.99 -54.06 -21.60
CA THR H 203 7.84 -55.25 -21.66
C THR H 203 7.85 -55.84 -20.26
N SER H 204 6.99 -56.83 -20.04
CA SER H 204 6.92 -57.51 -18.76
C SER H 204 7.77 -58.77 -18.89
N VAL H 205 8.90 -58.77 -18.19
CA VAL H 205 9.90 -59.83 -18.30
C VAL H 205 9.95 -60.61 -16.99
N THR H 206 10.01 -61.93 -17.09
CA THR H 206 10.10 -62.79 -15.92
C THR H 206 11.29 -63.73 -16.08
N LYS H 207 12.00 -63.98 -14.98
CA LYS H 207 13.14 -64.89 -14.98
C LYS H 207 13.09 -65.77 -13.74
N SER H 208 13.31 -67.08 -13.93
CA SER H 208 13.16 -68.06 -12.86
C SER H 208 14.39 -68.95 -12.78
N PHE H 209 14.44 -69.75 -11.71
CA PHE H 209 15.47 -70.77 -11.55
C PHE H 209 14.84 -71.99 -10.87
N ASN H 210 15.38 -73.16 -11.18
CA ASN H 210 14.89 -74.40 -10.59
C ASN H 210 15.76 -74.76 -9.40
N ARG H 211 15.13 -75.08 -8.28
CA ARG H 211 15.84 -75.41 -7.05
C ARG H 211 16.77 -76.61 -7.19
N GLY H 212 18.05 -76.38 -6.94
CA GLY H 212 19.04 -77.42 -6.90
C GLY H 212 19.64 -77.74 -8.22
N GLU H 213 19.09 -77.18 -9.29
CA GLU H 213 19.51 -77.42 -10.66
C GLU H 213 20.59 -76.38 -10.94
N CYS H 214 21.83 -76.80 -10.78
CA CYS H 214 22.96 -75.90 -10.86
C CYS H 214 23.78 -76.10 -12.12
N GLU I 3 -14.97 -8.25 -24.26
CA GLU I 3 -14.02 -7.80 -25.28
C GLU I 3 -12.56 -7.63 -24.82
N PRO I 4 -12.31 -7.04 -23.65
CA PRO I 4 -10.91 -6.74 -23.26
C PRO I 4 -10.03 -7.98 -23.37
N PRO I 5 -8.74 -7.80 -23.63
CA PRO I 5 -7.86 -8.94 -23.83
C PRO I 5 -7.70 -9.78 -22.58
N LYS I 6 -7.39 -11.05 -22.79
CA LYS I 6 -7.11 -12.00 -21.71
C LYS I 6 -5.60 -12.15 -21.57
N VAL I 7 -5.00 -11.21 -20.85
CA VAL I 7 -3.56 -11.14 -20.69
C VAL I 7 -3.12 -12.18 -19.66
N ARG I 8 -2.03 -12.88 -19.97
CA ARG I 8 -1.46 -13.87 -19.06
C ARG I 8 0.03 -13.94 -19.32
N LEU I 9 0.77 -14.46 -18.34
CA LEU I 9 2.22 -14.51 -18.43
C LEU I 9 2.68 -15.95 -18.61
N GLU I 10 3.53 -16.17 -19.61
CA GLU I 10 4.16 -17.45 -19.84
C GLU I 10 5.68 -17.36 -19.93
N GLY I 11 6.24 -16.18 -20.15
CA GLY I 11 7.67 -16.06 -20.22
C GLY I 11 8.22 -15.06 -19.22
N ARG I 12 8.75 -15.59 -18.11
CA ARG I 12 9.43 -14.81 -17.10
C ARG I 12 10.90 -15.23 -17.08
N SER I 13 11.76 -14.23 -16.88
CA SER I 13 13.22 -14.48 -16.82
C SER I 13 13.86 -13.38 -15.97
N THR I 14 15.18 -13.46 -15.78
CA THR I 14 15.89 -12.42 -15.04
C THR I 14 15.71 -11.04 -15.66
N THR I 15 15.84 -10.95 -16.99
CA THR I 15 15.80 -9.66 -17.65
C THR I 15 14.62 -9.46 -18.60
N SER I 16 13.81 -10.48 -18.84
CA SER I 16 12.74 -10.41 -19.82
C SER I 16 11.42 -10.84 -19.19
N LEU I 17 10.39 -10.06 -19.45
CA LEU I 17 9.02 -10.43 -19.10
C LEU I 17 8.27 -10.52 -20.42
N SER I 18 7.84 -11.73 -20.78
CA SER I 18 7.17 -11.96 -22.05
C SER I 18 5.71 -12.24 -21.78
N VAL I 19 4.84 -11.46 -22.42
CA VAL I 19 3.42 -11.42 -22.08
C VAL I 19 2.62 -11.99 -23.25
N SER I 20 1.41 -12.45 -22.94
CA SER I 20 0.52 -13.01 -23.95
C SER I 20 -0.92 -12.68 -23.58
N TRP I 21 -1.73 -12.45 -24.61
CA TRP I 21 -3.15 -12.13 -24.46
C TRP I 21 -3.95 -13.00 -25.44
N SER I 22 -5.26 -13.17 -25.14
CA SER I 22 -6.12 -14.12 -25.84
C SER I 22 -7.46 -13.46 -26.15
N ILE I 23 -7.50 -12.71 -27.24
CA ILE I 23 -8.74 -12.11 -27.75
C ILE I 23 -9.66 -13.20 -28.31
N PRO I 24 -10.96 -13.11 -28.07
CA PRO I 24 -11.92 -14.07 -28.67
C PRO I 24 -11.86 -14.03 -30.19
N PRO I 25 -11.95 -15.19 -30.85
CA PRO I 25 -11.85 -15.23 -32.33
C PRO I 25 -12.88 -14.37 -33.06
N PRO I 26 -14.16 -14.30 -32.62
CA PRO I 26 -15.14 -13.49 -33.39
C PRO I 26 -14.73 -12.05 -33.71
N GLN I 27 -14.29 -11.29 -32.71
CA GLN I 27 -13.89 -9.90 -32.85
C GLN I 27 -12.45 -9.71 -33.34
N GLN I 28 -11.80 -10.76 -33.84
CA GLN I 28 -10.40 -10.65 -34.22
C GLN I 28 -10.20 -9.75 -35.44
N SER I 29 -10.61 -8.49 -35.32
CA SER I 29 -10.44 -7.52 -36.39
C SER I 29 -9.02 -7.00 -36.49
N ARG I 30 -8.05 -7.73 -35.91
CA ARG I 30 -6.63 -7.38 -35.85
C ARG I 30 -6.37 -6.08 -35.09
N VAL I 31 -7.43 -5.36 -34.73
CA VAL I 31 -7.39 -4.06 -34.05
C VAL I 31 -6.11 -3.27 -34.36
N TRP I 32 -5.73 -3.23 -35.64
CA TRP I 32 -4.49 -2.60 -36.07
C TRP I 32 -3.29 -3.14 -35.31
N LYS I 33 -3.03 -2.59 -34.12
CA LYS I 33 -1.92 -3.03 -33.29
C LYS I 33 -2.40 -3.16 -31.85
N TYR I 34 -1.59 -3.82 -31.03
CA TYR I 34 -1.90 -4.01 -29.62
C TYR I 34 -1.00 -3.13 -28.76
N GLU I 35 -1.60 -2.50 -27.75
CA GLU I 35 -0.94 -1.52 -26.90
C GLU I 35 -0.40 -2.17 -25.63
N VAL I 36 0.92 -2.34 -25.56
CA VAL I 36 1.59 -2.93 -24.41
C VAL I 36 2.10 -1.77 -23.55
N THR I 37 1.36 -1.47 -22.49
CA THR I 37 1.61 -0.32 -21.62
C THR I 37 2.48 -0.67 -20.43
N TYR I 38 3.50 -1.52 -20.59
CA TYR I 38 4.31 -1.94 -19.44
C TYR I 38 4.90 -0.73 -18.74
N ARG I 39 4.41 -0.41 -17.55
CA ARG I 39 4.81 0.83 -16.90
C ARG I 39 6.10 0.84 -16.08
N LYS I 40 6.05 0.32 -14.86
CA LYS I 40 7.18 0.39 -13.94
C LYS I 40 6.85 -0.35 -12.65
N LYS I 41 7.58 -0.06 -11.58
CA LYS I 41 7.37 -0.70 -10.28
C LYS I 41 6.86 0.34 -9.28
N GLY I 42 5.65 0.10 -8.76
CA GLY I 42 5.10 0.88 -7.67
C GLY I 42 4.99 2.38 -7.91
N ASP I 43 5.85 3.13 -7.22
CA ASP I 43 5.81 4.58 -7.25
C ASP I 43 6.47 5.11 -8.52
N SER I 44 6.88 6.38 -8.51
CA SER I 44 7.55 6.98 -9.66
C SER I 44 8.76 6.20 -10.18
N ASN I 45 8.62 5.62 -11.38
CA ASN I 45 9.70 4.86 -11.99
C ASN I 45 9.68 4.98 -13.52
N SER I 46 9.14 6.09 -14.02
CA SER I 46 9.03 6.42 -15.45
C SER I 46 7.98 5.56 -16.16
N TYR I 47 8.17 5.33 -17.47
CA TYR I 47 7.17 4.65 -18.27
C TYR I 47 7.81 4.26 -19.61
N ASN I 48 7.22 3.26 -20.27
CA ASN I 48 7.63 2.83 -21.59
C ASN I 48 6.48 2.04 -22.20
N VAL I 49 6.37 2.09 -23.52
CA VAL I 49 5.27 1.44 -24.23
C VAL I 49 5.81 0.78 -25.49
N ARG I 50 5.27 -0.42 -25.74
CA ARG I 50 5.60 -1.17 -26.98
C ARG I 50 4.28 -1.46 -27.67
N ARG I 51 4.30 -1.73 -28.97
CA ARG I 51 3.10 -1.98 -29.76
C ARG I 51 3.42 -3.10 -30.74
N THR I 52 2.47 -4.02 -30.93
CA THR I 52 2.67 -5.11 -31.87
C THR I 52 1.33 -5.70 -32.26
N GLU I 53 1.22 -6.15 -33.52
CA GLU I 53 -0.03 -6.75 -33.99
C GLU I 53 -0.20 -8.20 -33.56
N GLY I 54 0.85 -8.84 -33.06
CA GLY I 54 0.72 -10.21 -32.65
C GLY I 54 -0.07 -10.31 -31.34
N PHE I 55 -0.06 -11.51 -30.79
CA PHE I 55 -0.75 -11.79 -29.54
C PHE I 55 0.21 -11.93 -28.37
N SER I 56 1.51 -11.75 -28.61
CA SER I 56 2.54 -11.92 -27.59
C SER I 56 3.61 -10.86 -27.78
N VAL I 57 4.18 -10.43 -26.66
CA VAL I 57 5.22 -9.41 -26.63
C VAL I 57 6.36 -9.86 -25.72
N THR I 58 7.58 -9.46 -26.08
CA THR I 58 8.77 -9.80 -25.31
C THR I 58 9.38 -8.53 -24.69
N LEU I 59 8.83 -8.12 -23.56
CA LEU I 59 9.32 -6.95 -22.84
C LEU I 59 10.75 -7.20 -22.35
N ASP I 60 11.71 -6.47 -22.90
CA ASP I 60 13.12 -6.71 -22.60
C ASP I 60 13.71 -5.53 -21.83
N ASP I 61 14.99 -5.67 -21.49
CA ASP I 61 15.72 -4.66 -20.72
C ASP I 61 14.91 -4.22 -19.51
N LEU I 62 14.55 -5.20 -18.69
CA LEU I 62 13.75 -4.98 -17.51
C LEU I 62 14.61 -5.17 -16.27
N ALA I 63 14.11 -4.66 -15.15
CA ALA I 63 14.97 -4.73 -13.97
C ALA I 63 14.71 -6.02 -13.21
N PRO I 64 15.77 -6.67 -12.71
CA PRO I 64 15.57 -7.90 -11.94
C PRO I 64 14.80 -7.62 -10.67
N ASP I 65 14.01 -8.63 -10.25
CA ASP I 65 13.28 -8.60 -8.99
C ASP I 65 12.50 -7.29 -8.80
N THR I 66 11.76 -6.92 -9.83
CA THR I 66 10.93 -5.71 -9.77
C THR I 66 9.56 -6.09 -10.28
N THR I 67 8.52 -5.64 -9.58
CA THR I 67 7.15 -5.94 -10.00
C THR I 67 6.76 -4.93 -11.05
N TYR I 68 6.68 -5.38 -12.30
CA TYR I 68 6.28 -4.53 -13.40
C TYR I 68 4.77 -4.58 -13.58
N LEU I 69 4.18 -3.41 -13.80
CA LEU I 69 2.74 -3.31 -14.03
C LEU I 69 2.48 -3.29 -15.52
N VAL I 70 1.49 -4.08 -15.95
CA VAL I 70 1.22 -4.29 -17.37
C VAL I 70 -0.27 -4.15 -17.64
N GLN I 71 -0.60 -3.61 -18.81
CA GLN I 71 -1.96 -3.47 -19.29
C GLN I 71 -1.94 -3.45 -20.81
N VAL I 72 -2.86 -4.20 -21.42
CA VAL I 72 -2.96 -4.32 -22.87
C VAL I 72 -4.28 -3.71 -23.33
N GLN I 73 -4.23 -2.87 -24.37
CA GLN I 73 -5.39 -2.14 -24.86
C GLN I 73 -5.67 -2.48 -26.32
N ALA I 74 -6.92 -2.83 -26.61
CA ALA I 74 -7.40 -3.04 -27.98
C ALA I 74 -7.50 -1.70 -28.71
N LEU I 75 -6.77 -1.56 -29.82
CA LEU I 75 -6.70 -0.29 -30.54
C LEU I 75 -7.32 -0.34 -31.94
N THR I 76 -8.45 -1.01 -32.11
CA THR I 76 -9.20 -0.97 -33.37
C THR I 76 -9.29 0.46 -33.91
N GLN I 77 -9.03 0.60 -35.22
CA GLN I 77 -9.09 1.90 -35.88
C GLN I 77 -10.43 2.56 -35.60
N GLU I 78 -10.41 3.68 -34.88
CA GLU I 78 -11.57 4.33 -34.26
C GLU I 78 -12.00 3.57 -33.02
N GLN I 80 -9.66 4.16 -27.97
CA GLN I 80 -9.43 3.40 -29.20
C GLN I 80 -9.91 1.96 -29.03
N GLY I 81 -10.68 1.71 -27.96
CA GLY I 81 -11.27 0.41 -27.73
C GLY I 81 -11.62 0.17 -26.28
N ALA I 82 -11.31 -1.02 -25.77
CA ALA I 82 -11.52 -1.35 -24.37
C ALA I 82 -10.21 -1.85 -23.81
N GLY I 83 -9.95 -1.53 -22.54
CA GLY I 83 -8.68 -1.84 -21.92
C GLY I 83 -8.82 -3.02 -20.98
N SER I 84 -7.70 -3.68 -20.73
CA SER I 84 -7.68 -4.84 -19.86
C SER I 84 -7.45 -4.41 -18.42
N LYS I 85 -7.72 -5.32 -17.50
CA LYS I 85 -7.38 -5.05 -16.12
C LYS I 85 -5.86 -5.05 -15.98
N VAL I 86 -5.37 -4.28 -15.00
CA VAL I 86 -3.93 -4.22 -14.80
C VAL I 86 -3.45 -5.53 -14.18
N HIS I 87 -2.28 -5.96 -14.61
CA HIS I 87 -1.68 -7.20 -14.12
C HIS I 87 -0.29 -6.89 -13.59
N GLU I 88 0.11 -7.65 -12.56
CA GLU I 88 1.40 -7.45 -11.91
C GLU I 88 2.24 -8.70 -12.11
N PHE I 89 3.36 -8.55 -12.81
CA PHE I 89 4.31 -9.63 -13.02
C PHE I 89 5.69 -9.21 -12.56
N GLN I 90 6.51 -10.20 -12.23
CA GLN I 90 7.83 -9.97 -11.65
C GLN I 90 8.91 -10.72 -12.42
N THR I 91 10.08 -10.09 -12.52
CA THR I 91 11.25 -10.71 -13.11
C THR I 91 11.82 -11.76 -12.14
N LEU I 92 12.96 -12.35 -12.50
CA LEU I 92 13.56 -13.42 -11.71
C LEU I 92 14.69 -12.88 -10.85
N GLU J 3 17.70 5.53 24.59
CA GLU J 3 16.63 6.11 23.79
C GLU J 3 16.91 5.78 22.34
N PRO J 4 15.86 5.66 21.53
CA PRO J 4 16.05 5.17 20.16
C PRO J 4 17.04 6.05 19.40
N PRO J 5 17.85 5.44 18.55
CA PRO J 5 18.80 6.22 17.75
C PRO J 5 18.08 7.09 16.73
N LYS J 6 18.79 8.10 16.26
CA LYS J 6 18.28 8.93 15.18
C LYS J 6 18.77 8.33 13.87
N VAL J 7 18.19 8.77 12.76
CA VAL J 7 18.53 8.20 11.46
C VAL J 7 18.54 9.29 10.41
N ARG J 8 19.56 9.28 9.57
CA ARG J 8 19.68 10.23 8.46
C ARG J 8 20.59 9.64 7.40
N LEU J 9 20.48 10.19 6.20
CA LEU J 9 21.24 9.74 5.04
C LEU J 9 22.21 10.83 4.63
N GLU J 10 23.46 10.46 4.34
CA GLU J 10 24.44 11.43 3.89
C GLU J 10 24.75 11.29 2.39
N GLY J 11 25.36 10.19 1.98
CA GLY J 11 25.77 10.00 0.60
C GLY J 11 25.24 8.73 -0.02
N ARG J 12 24.25 8.83 -0.88
CA ARG J 12 23.72 7.65 -1.53
C ARG J 12 24.28 7.58 -2.95
N SER J 13 24.24 6.38 -3.53
CA SER J 13 24.73 6.18 -4.89
C SER J 13 23.81 5.21 -5.61
N THR J 14 24.21 4.85 -6.84
CA THR J 14 23.43 3.91 -7.63
C THR J 14 23.36 2.55 -6.95
N THR J 15 24.49 2.06 -6.46
CA THR J 15 24.55 0.75 -5.82
C THR J 15 24.95 0.82 -4.35
N SER J 16 25.32 1.99 -3.84
CA SER J 16 25.80 2.09 -2.47
C SER J 16 25.00 3.14 -1.73
N LEU J 17 24.51 2.77 -0.55
CA LEU J 17 23.79 3.67 0.32
C LEU J 17 24.68 3.94 1.52
N SER J 18 24.56 5.14 2.09
CA SER J 18 25.39 5.49 3.23
C SER J 18 24.54 6.17 4.28
N VAL J 19 24.53 5.58 5.47
CA VAL J 19 23.66 6.01 6.55
C VAL J 19 24.52 6.48 7.72
N SER J 20 23.94 7.33 8.56
CA SER J 20 24.57 7.81 9.77
C SER J 20 23.48 8.06 10.79
N TRP J 21 23.77 7.81 12.06
CA TRP J 21 22.78 7.99 13.11
C TRP J 21 23.39 8.83 14.23
N SER J 22 22.52 9.49 14.98
CA SER J 22 22.96 10.44 16.00
C SER J 22 22.12 10.31 17.27
N ILE J 23 22.14 9.12 17.88
CA ILE J 23 21.56 8.95 19.22
C ILE J 23 22.41 9.87 20.08
N PRO J 24 21.86 10.57 21.05
CA PRO J 24 22.65 11.52 21.83
C PRO J 24 23.87 10.84 22.42
N PRO J 25 25.06 11.30 22.04
CA PRO J 25 26.29 10.75 22.60
C PRO J 25 26.33 10.85 24.12
N PRO J 26 25.73 11.93 24.72
CA PRO J 26 25.67 12.00 26.19
C PRO J 26 25.33 10.69 26.86
N GLN J 27 24.41 9.92 26.27
CA GLN J 27 24.04 8.64 26.87
C GLN J 27 25.21 7.66 26.89
N GLN J 28 26.24 7.90 26.07
CA GLN J 28 27.39 7.00 25.93
C GLN J 28 26.83 5.60 25.95
N SER J 29 25.84 5.35 25.10
CA SER J 29 25.01 4.14 25.21
C SER J 29 25.81 2.93 24.75
N ARG J 30 26.49 2.27 25.70
CA ARG J 30 27.31 1.07 25.46
C ARG J 30 28.22 1.35 24.28
N VAL J 31 28.30 0.47 23.28
CA VAL J 31 29.15 0.59 22.11
C VAL J 31 29.12 -0.77 21.46
N TRP J 32 28.48 -1.72 22.14
CA TRP J 32 28.40 -3.13 21.79
C TRP J 32 28.31 -3.31 20.28
N LYS J 33 27.23 -2.80 19.71
CA LYS J 33 27.03 -2.79 18.28
C LYS J 33 25.75 -2.02 18.01
N TYR J 34 25.65 -1.50 16.79
CA TYR J 34 24.44 -0.85 16.34
C TYR J 34 23.84 -1.76 15.28
N GLU J 35 22.55 -2.05 15.39
CA GLU J 35 21.87 -2.97 14.47
C GLU J 35 21.16 -2.09 13.45
N VAL J 36 21.75 -1.98 12.27
CA VAL J 36 21.24 -1.14 11.20
C VAL J 36 20.49 -2.03 10.21
N THR J 37 19.82 -3.06 10.74
CA THR J 37 19.14 -4.10 9.99
C THR J 37 18.46 -3.52 8.75
N TYR J 38 18.82 -4.00 7.56
CA TYR J 38 18.32 -3.43 6.32
C TYR J 38 18.00 -4.52 5.31
N ARG J 39 16.84 -4.39 4.66
CA ARG J 39 16.43 -5.37 3.67
C ARG J 39 15.79 -4.63 2.49
N LYS J 40 15.19 -5.40 1.57
CA LYS J 40 14.45 -4.85 0.44
C LYS J 40 12.99 -4.59 0.85
N LYS J 41 12.10 -4.42 -0.13
CA LYS J 41 10.70 -4.10 0.08
C LYS J 41 9.83 -5.25 -0.44
N GLY J 42 8.87 -5.67 0.39
CA GLY J 42 7.85 -6.64 0.03
C GLY J 42 8.33 -8.05 -0.24
N ASP J 43 9.39 -8.21 -1.01
CA ASP J 43 9.91 -9.54 -1.33
C ASP J 43 11.41 -9.48 -1.13
N SER J 44 12.14 -10.43 -1.73
CA SER J 44 13.60 -10.47 -1.68
C SER J 44 14.07 -10.36 -0.23
N ASN J 45 13.78 -11.43 0.53
CA ASN J 45 14.03 -11.46 1.97
C ASN J 45 15.33 -10.78 2.34
N SER J 46 16.45 -11.33 1.84
CA SER J 46 17.79 -10.77 1.94
C SER J 46 17.94 -9.85 3.15
N TYR J 47 17.73 -10.40 4.35
CA TYR J 47 17.77 -9.58 5.55
C TYR J 47 19.23 -9.40 5.97
N ASN J 48 19.98 -8.84 5.03
CA ASN J 48 21.39 -8.56 5.20
C ASN J 48 21.58 -7.54 6.30
N VAL J 49 21.98 -7.97 7.49
CA VAL J 49 22.23 -7.07 8.60
C VAL J 49 23.73 -6.95 8.80
N ARG J 50 24.20 -5.71 8.98
CA ARG J 50 25.57 -5.45 9.39
C ARG J 50 25.54 -4.55 10.61
N ARG J 51 26.63 -4.57 11.38
CA ARG J 51 26.69 -3.93 12.68
C ARG J 51 28.02 -3.22 12.88
N THR J 52 27.98 -2.10 13.60
CA THR J 52 29.21 -1.37 13.90
C THR J 52 28.99 -0.53 15.17
N GLU J 53 30.09 -0.33 15.90
CA GLU J 53 30.08 0.51 17.10
C GLU J 53 30.10 1.99 16.76
N GLY J 54 30.42 2.34 15.52
CA GLY J 54 30.48 3.72 15.08
C GLY J 54 29.12 4.35 14.89
N PHE J 55 29.14 5.52 14.25
CA PHE J 55 27.97 6.30 13.94
C PHE J 55 27.59 6.27 12.46
N SER J 56 28.35 5.55 11.63
CA SER J 56 28.15 5.57 10.19
C SER J 56 28.39 4.19 9.58
N VAL J 57 27.64 3.91 8.51
CA VAL J 57 27.78 2.69 7.72
C VAL J 57 27.79 3.06 6.25
N THR J 58 28.58 2.33 5.48
CA THR J 58 28.69 2.48 4.03
C THR J 58 28.02 1.25 3.42
N LEU J 59 26.70 1.29 3.33
CA LEU J 59 25.91 0.18 2.82
C LEU J 59 26.21 -0.09 1.35
N ASP J 60 26.72 -1.29 1.05
CA ASP J 60 27.18 -1.64 -0.29
C ASP J 60 26.26 -2.67 -0.93
N ASP J 61 26.58 -3.01 -2.18
CA ASP J 61 25.90 -4.03 -2.98
C ASP J 61 24.38 -3.89 -2.94
N LEU J 62 23.89 -2.73 -3.37
CA LEU J 62 22.45 -2.44 -3.40
C LEU J 62 21.94 -2.31 -4.83
N ALA J 63 20.61 -2.37 -4.97
CA ALA J 63 19.85 -2.36 -6.23
C ALA J 63 19.44 -0.95 -6.62
N PRO J 64 19.57 -0.61 -7.91
CA PRO J 64 19.17 0.73 -8.37
C PRO J 64 17.66 0.97 -8.30
N ASP J 65 17.30 2.23 -8.09
CA ASP J 65 15.90 2.70 -8.14
C ASP J 65 14.95 1.82 -7.31
N THR J 66 15.38 1.48 -6.09
CA THR J 66 14.58 0.64 -5.20
C THR J 66 14.61 1.18 -3.78
N THR J 67 13.45 1.12 -3.12
CA THR J 67 13.29 1.62 -1.75
C THR J 67 13.69 0.56 -0.73
N TYR J 68 14.80 0.82 -0.01
CA TYR J 68 15.28 -0.03 1.07
C TYR J 68 14.73 0.40 2.42
N LEU J 69 14.35 -0.58 3.24
CA LEU J 69 13.89 -0.32 4.61
C LEU J 69 15.06 -0.45 5.58
N VAL J 70 15.20 0.50 6.49
CA VAL J 70 16.32 0.56 7.44
C VAL J 70 15.79 0.88 8.83
N GLN J 71 16.43 0.29 9.85
CA GLN J 71 16.09 0.54 11.24
C GLN J 71 17.31 0.27 12.11
N VAL J 72 17.54 1.13 13.10
CA VAL J 72 18.67 1.00 14.01
C VAL J 72 18.12 0.68 15.40
N GLN J 73 18.65 -0.36 16.03
CA GLN J 73 18.17 -0.81 17.33
C GLN J 73 19.30 -0.73 18.34
N ALA J 74 19.03 -0.11 19.49
CA ALA J 74 20.02 -0.08 20.56
C ALA J 74 20.15 -1.46 21.16
N LEU J 75 21.34 -2.07 20.97
CA LEU J 75 21.66 -3.40 21.49
C LEU J 75 22.18 -3.28 22.91
N THR J 76 21.32 -3.47 23.89
CA THR J 76 21.78 -3.44 25.25
C THR J 76 21.38 -4.75 25.91
N GLN J 77 21.86 -4.94 27.13
CA GLN J 77 21.56 -6.12 27.90
C GLN J 77 21.91 -5.81 29.35
N GLY J 81 17.51 -2.52 23.68
CA GLY J 81 16.59 -1.82 24.57
C GLY J 81 15.42 -1.24 23.84
N ALA J 82 15.65 -0.14 23.13
CA ALA J 82 14.63 0.50 22.30
C ALA J 82 15.14 0.62 20.88
N GLY J 83 14.25 0.45 19.92
CA GLY J 83 14.59 0.43 18.51
C GLY J 83 14.18 1.70 17.80
N SER J 84 14.74 1.96 16.62
CA SER J 84 14.42 3.18 15.89
C SER J 84 13.17 2.97 15.03
N LYS J 85 12.64 4.08 14.54
CA LYS J 85 11.52 4.04 13.62
C LYS J 85 11.95 3.45 12.27
N VAL J 86 10.96 2.88 11.56
CA VAL J 86 11.24 2.30 10.26
C VAL J 86 11.50 3.42 9.26
N HIS J 87 12.48 3.23 8.39
CA HIS J 87 12.81 4.25 7.40
C HIS J 87 12.98 3.64 6.02
N GLU J 88 12.60 4.44 5.02
CA GLU J 88 12.69 4.06 3.62
C GLU J 88 13.61 5.03 2.89
N PHE J 89 14.71 4.51 2.35
CA PHE J 89 15.60 5.29 1.51
C PHE J 89 15.76 4.59 0.17
N GLN J 90 16.12 5.35 -0.84
CA GLN J 90 16.20 4.86 -2.21
C GLN J 90 17.58 5.11 -2.76
N THR J 91 18.09 4.15 -3.52
CA THR J 91 19.37 4.32 -4.20
C THR J 91 19.20 5.27 -5.38
N LEU J 92 20.29 5.47 -6.11
CA LEU J 92 20.27 6.42 -7.22
C LEU J 92 20.13 5.65 -8.51
N GLU K 3 12.42 -8.67 26.58
CA GLU K 3 11.60 -9.57 25.78
C GLU K 3 10.23 -8.96 25.51
N PRO K 4 10.04 -8.47 24.28
CA PRO K 4 8.80 -7.77 23.92
C PRO K 4 7.56 -8.61 24.19
N PRO K 5 6.42 -7.97 24.44
CA PRO K 5 5.18 -8.73 24.64
C PRO K 5 4.70 -9.39 23.35
N LYS K 6 3.95 -10.48 23.51
CA LYS K 6 3.27 -11.15 22.41
C LYS K 6 1.79 -10.82 22.51
N VAL K 7 1.24 -10.23 21.44
CA VAL K 7 -0.14 -9.77 21.41
C VAL K 7 -0.93 -10.60 20.41
N ARG K 8 -2.16 -10.95 20.78
CA ARG K 8 -3.05 -11.72 19.92
C ARG K 8 -4.48 -11.32 20.23
N LEU K 9 -5.39 -11.62 19.31
CA LEU K 9 -6.78 -11.19 19.43
C LEU K 9 -7.67 -12.36 19.79
N GLU K 10 -8.49 -12.16 20.81
CA GLU K 10 -9.51 -13.10 21.26
C GLU K 10 -10.91 -12.51 21.35
N GLY K 11 -11.04 -11.19 21.44
CA GLY K 11 -12.34 -10.55 21.52
C GLY K 11 -12.50 -9.46 20.48
N ARG K 12 -13.57 -9.55 19.68
CA ARG K 12 -13.88 -8.52 18.70
C ARG K 12 -15.38 -8.54 18.42
N SER K 13 -15.94 -7.37 18.10
CA SER K 13 -17.36 -7.24 17.81
C SER K 13 -17.54 -6.09 16.81
N THR K 14 -18.80 -5.68 16.63
CA THR K 14 -19.10 -4.54 15.77
C THR K 14 -18.43 -3.27 16.28
N THR K 15 -18.46 -3.05 17.60
CA THR K 15 -17.93 -1.83 18.20
C THR K 15 -16.73 -2.06 19.13
N SER K 16 -16.36 -3.31 19.40
CA SER K 16 -15.33 -3.60 20.39
C SER K 16 -14.24 -4.50 19.82
N LEU K 17 -12.99 -4.13 20.08
CA LEU K 17 -11.84 -4.97 19.79
C LEU K 17 -11.15 -5.22 21.12
N SER K 18 -11.10 -6.49 21.55
CA SER K 18 -10.55 -6.85 22.85
C SER K 18 -9.22 -7.58 22.67
N VAL K 19 -8.18 -7.04 23.28
CA VAL K 19 -6.81 -7.46 23.03
C VAL K 19 -6.22 -8.12 24.28
N SER K 20 -5.21 -8.97 24.06
CA SER K 20 -4.51 -9.65 25.16
C SER K 20 -3.05 -9.86 24.78
N TRP K 21 -2.16 -9.73 25.76
CA TRP K 21 -0.73 -9.92 25.58
C TRP K 21 -0.18 -10.82 26.68
N SER K 22 0.98 -11.49 26.38
CA SER K 22 1.53 -12.52 27.28
C SER K 22 3.06 -12.45 27.36
N ILE K 23 3.56 -11.57 28.22
CA ILE K 23 5.00 -11.52 28.54
C ILE K 23 5.38 -12.72 29.41
N PRO K 24 6.55 -13.33 29.21
CA PRO K 24 6.96 -14.48 30.04
C PRO K 24 7.05 -14.13 31.52
N PRO K 25 6.61 -15.04 32.39
CA PRO K 25 6.67 -14.80 33.84
C PRO K 25 8.09 -14.52 34.36
N PRO K 26 9.17 -15.16 33.80
CA PRO K 26 10.52 -14.88 34.32
C PRO K 26 10.82 -13.40 34.53
N GLN K 27 10.58 -12.58 33.51
CA GLN K 27 10.78 -11.14 33.57
C GLN K 27 9.56 -10.38 34.05
N GLN K 28 8.51 -11.06 34.51
CA GLN K 28 7.27 -10.37 34.87
C GLN K 28 7.56 -9.55 36.12
N SER K 29 8.41 -8.52 35.98
CA SER K 29 8.74 -7.73 37.16
C SER K 29 7.66 -6.72 37.52
N ARG K 30 6.39 -7.13 37.46
CA ARG K 30 5.25 -6.27 37.73
C ARG K 30 5.42 -4.97 36.96
N VAL K 31 5.72 -5.10 35.67
CA VAL K 31 5.94 -3.94 34.80
C VAL K 31 4.80 -2.98 35.08
N TRP K 32 5.14 -1.73 35.39
CA TRP K 32 4.17 -0.76 35.88
C TRP K 32 2.85 -0.81 35.12
N LYS K 33 2.88 -0.43 33.85
CA LYS K 33 1.69 -0.50 33.02
C LYS K 33 2.14 -0.99 31.65
N TYR K 34 1.17 -1.36 30.82
CA TYR K 34 1.44 -1.69 29.43
C TYR K 34 0.83 -0.59 28.56
N GLU K 35 1.62 -0.09 27.61
CA GLU K 35 1.22 1.02 26.75
C GLU K 35 0.78 0.45 25.40
N VAL K 36 -0.53 0.43 25.17
CA VAL K 36 -1.06 0.01 23.87
C VAL K 36 -1.34 1.27 23.09
N THR K 37 -1.20 1.20 21.77
CA THR K 37 -1.27 2.36 20.87
C THR K 37 -2.19 2.06 19.70
N TYR K 38 -3.49 2.35 19.84
CA TYR K 38 -4.45 1.98 18.82
C TYR K 38 -4.81 3.18 17.94
N ARG K 39 -4.75 2.97 16.63
CA ARG K 39 -5.06 3.99 15.63
C ARG K 39 -5.79 3.36 14.45
N LYS K 40 -6.18 4.21 13.51
CA LYS K 40 -6.84 3.78 12.28
C LYS K 40 -5.75 3.45 11.25
N LYS K 41 -6.08 3.37 9.97
CA LYS K 41 -5.10 2.98 8.97
C LYS K 41 -4.81 4.13 8.01
N GLY K 42 -3.59 4.64 8.12
CA GLY K 42 -3.06 5.59 7.13
C GLY K 42 -3.88 6.83 6.88
N ASP K 43 -4.55 7.36 7.92
CA ASP K 43 -5.41 8.50 7.65
C ASP K 43 -5.61 9.37 8.88
N SER K 44 -6.78 9.30 9.49
CA SER K 44 -7.00 10.02 10.73
C SER K 44 -6.09 9.46 11.82
N ASN K 45 -5.93 10.24 12.88
CA ASN K 45 -4.96 9.95 13.92
C ASN K 45 -5.55 9.14 15.07
N SER K 46 -6.50 9.72 15.81
CA SER K 46 -7.12 9.08 16.96
C SER K 46 -6.11 8.24 17.74
N TYR K 47 -5.00 8.86 18.15
CA TYR K 47 -3.90 8.17 18.84
C TYR K 47 -4.18 7.92 20.26
N ASN K 48 -5.47 8.09 20.59
CA ASN K 48 -5.98 7.84 21.92
C ASN K 48 -5.47 6.50 22.40
N VAL K 49 -4.54 6.51 23.36
CA VAL K 49 -3.95 5.30 23.94
C VAL K 49 -4.51 5.09 25.34
N ARG K 50 -4.70 3.83 25.71
CA ARG K 50 -5.05 3.47 27.07
C ARG K 50 -3.97 2.54 27.63
N ARG K 51 -3.85 2.52 28.96
CA ARG K 51 -2.77 1.83 29.64
C ARG K 51 -3.31 1.14 30.89
N THR K 52 -2.80 -0.06 31.16
CA THR K 52 -3.25 -0.80 32.35
C THR K 52 -2.18 -1.83 32.72
N GLU K 53 -2.11 -2.11 34.03
CA GLU K 53 -1.20 -3.12 34.57
C GLU K 53 -1.67 -4.54 34.35
N GLY K 54 -2.92 -4.73 33.92
CA GLY K 54 -3.41 -6.07 33.65
C GLY K 54 -2.79 -6.62 32.37
N PHE K 55 -3.34 -7.75 31.93
CA PHE K 55 -2.82 -8.39 30.73
C PHE K 55 -3.73 -8.30 29.52
N SER K 56 -4.93 -7.74 29.68
CA SER K 56 -5.87 -7.65 28.57
C SER K 56 -6.68 -6.37 28.76
N VAL K 57 -7.09 -5.77 27.65
CA VAL K 57 -7.89 -4.56 27.69
C VAL K 57 -9.06 -4.74 26.75
N THR K 58 -10.19 -4.13 27.11
CA THR K 58 -11.37 -4.17 26.26
C THR K 58 -11.52 -2.84 25.53
N LEU K 59 -10.68 -2.73 24.50
CA LEU K 59 -10.64 -1.54 23.67
C LEU K 59 -12.00 -1.36 22.99
N ASP K 60 -12.69 -0.30 23.36
CA ASP K 60 -14.09 -0.10 23.00
C ASP K 60 -14.27 1.05 22.02
N ASP K 61 -15.54 1.27 21.68
CA ASP K 61 -16.00 2.35 20.81
C ASP K 61 -15.19 2.43 19.52
N LEU K 62 -15.21 1.32 18.78
CA LEU K 62 -14.52 1.21 17.51
C LEU K 62 -15.53 1.12 16.36
N ALA K 63 -15.03 1.38 15.15
CA ALA K 63 -15.81 1.49 13.91
C ALA K 63 -15.87 0.15 13.17
N PRO K 64 -17.03 -0.19 12.63
CA PRO K 64 -17.16 -1.42 11.84
C PRO K 64 -16.35 -1.34 10.56
N ASP K 65 -15.94 -2.51 10.07
CA ASP K 65 -15.25 -2.66 8.79
C ASP K 65 -14.04 -1.72 8.70
N THR K 66 -13.25 -1.70 9.77
CA THR K 66 -12.06 -0.86 9.83
C THR K 66 -10.88 -1.62 10.43
N THR K 67 -9.71 -1.48 9.80
CA THR K 67 -8.47 -2.10 10.27
C THR K 67 -7.77 -1.16 11.25
N TYR K 68 -7.74 -1.56 12.52
CA TYR K 68 -7.03 -0.80 13.55
C TYR K 68 -5.59 -1.29 13.72
N LEU K 69 -4.67 -0.36 13.86
CA LEU K 69 -3.27 -0.67 14.10
C LEU K 69 -2.98 -0.65 15.60
N VAL K 70 -2.25 -1.65 16.07
CA VAL K 70 -2.02 -1.85 17.50
C VAL K 70 -0.55 -2.14 17.77
N GLN K 71 -0.08 -1.64 18.92
CA GLN K 71 1.27 -1.87 19.41
C GLN K 71 1.25 -1.73 20.92
N VAL K 72 1.93 -2.66 21.61
CA VAL K 72 1.98 -2.67 23.06
C VAL K 72 3.42 -2.41 23.50
N GLN K 73 3.59 -1.47 24.41
CA GLN K 73 4.92 -1.08 24.90
C GLN K 73 4.94 -1.36 26.39
N ALA K 74 5.91 -2.15 26.83
CA ALA K 74 6.07 -2.42 28.25
C ALA K 74 6.64 -1.21 28.99
N LEU K 75 5.86 -0.64 29.89
CA LEU K 75 6.26 0.51 30.69
C LEU K 75 7.08 0.06 31.90
N THR K 76 8.19 -0.61 31.60
CA THR K 76 9.15 -1.01 32.63
C THR K 76 9.22 0.03 33.73
N GLN K 77 9.08 -0.42 34.98
CA GLN K 77 9.03 0.47 36.12
C GLN K 77 10.15 1.49 36.06
N GLU K 78 9.78 2.77 35.90
CA GLU K 78 10.73 3.83 35.53
C GLU K 78 11.54 3.37 34.33
N GLY K 79 12.76 2.91 34.58
CA GLY K 79 13.54 2.15 33.63
C GLY K 79 13.55 2.68 32.21
N GLN K 80 12.93 1.94 31.31
CA GLN K 80 12.78 2.33 29.91
C GLN K 80 11.45 1.79 29.43
N GLY K 81 11.28 1.70 28.13
CA GLY K 81 10.16 0.99 27.54
C GLY K 81 10.66 -0.16 26.69
N ALA K 82 9.82 -1.18 26.57
CA ALA K 82 10.09 -2.31 25.71
C ALA K 82 8.93 -2.45 24.72
N GLY K 83 9.26 -2.46 23.43
CA GLY K 83 8.20 -2.42 22.45
C GLY K 83 7.97 -3.69 21.67
N SER K 84 6.75 -3.84 21.16
CA SER K 84 6.33 -4.95 20.35
C SER K 84 6.26 -4.55 18.88
N LYS K 85 6.24 -5.55 18.01
CA LYS K 85 5.95 -5.29 16.61
C LYS K 85 4.48 -4.94 16.43
N VAL K 86 4.19 -4.15 15.41
CA VAL K 86 2.83 -3.69 15.14
C VAL K 86 1.99 -4.81 14.53
N HIS K 87 0.70 -4.82 14.90
CA HIS K 87 -0.28 -5.78 14.40
C HIS K 87 -1.48 -5.02 13.83
N GLU K 88 -2.13 -5.63 12.84
CA GLU K 88 -3.31 -5.05 12.21
C GLU K 88 -4.51 -5.93 12.53
N PHE K 89 -5.51 -5.36 13.18
CA PHE K 89 -6.75 -6.05 13.51
C PHE K 89 -7.93 -5.30 12.90
N GLN K 90 -9.02 -6.03 12.69
CA GLN K 90 -10.22 -5.51 12.07
C GLN K 90 -11.40 -5.78 12.98
N THR K 91 -12.33 -4.83 13.06
CA THR K 91 -13.52 -5.05 13.85
C THR K 91 -14.44 -6.06 13.15
N LEU K 92 -15.55 -6.39 13.80
CA LEU K 92 -16.45 -7.40 13.29
C LEU K 92 -17.71 -6.77 12.70
N GLU L 3 -13.78 8.50 -25.77
CA GLU L 3 -13.02 9.17 -24.73
C GLU L 3 -13.79 9.14 -23.39
N PRO L 4 -13.12 8.59 -22.38
CA PRO L 4 -13.75 8.34 -21.08
C PRO L 4 -14.31 9.58 -20.45
N PRO L 5 -15.34 9.46 -19.61
CA PRO L 5 -15.84 10.61 -18.86
C PRO L 5 -14.81 11.04 -17.82
N LYS L 6 -14.88 12.32 -17.45
CA LYS L 6 -14.06 12.87 -16.37
C LYS L 6 -14.91 13.01 -15.13
N VAL L 7 -14.44 12.46 -14.01
CA VAL L 7 -15.20 12.37 -12.78
C VAL L 7 -14.64 13.35 -11.75
N ARG L 8 -15.54 14.04 -11.04
CA ARG L 8 -15.17 15.00 -10.01
C ARG L 8 -16.27 15.08 -8.97
N LEU L 9 -15.90 15.56 -7.78
CA LEU L 9 -16.79 15.60 -6.62
C LEU L 9 -17.14 17.02 -6.18
N GLU L 10 -18.43 17.23 -5.89
CA GLU L 10 -18.88 18.49 -5.31
C GLU L 10 -19.68 18.30 -4.03
N GLY L 11 -20.19 17.09 -3.74
CA GLY L 11 -21.09 16.87 -2.61
C GLY L 11 -20.72 15.88 -1.51
N ARG L 12 -19.50 15.94 -0.99
CA ARG L 12 -19.10 15.09 0.13
C ARG L 12 -19.91 15.36 1.39
N SER L 13 -20.10 14.32 2.19
CA SER L 13 -20.71 14.45 3.51
C SER L 13 -20.18 13.33 4.41
N THR L 14 -20.71 13.28 5.63
CA THR L 14 -20.38 12.19 6.55
C THR L 14 -20.85 10.85 6.01
N THR L 15 -22.09 10.80 5.51
CA THR L 15 -22.69 9.58 4.99
C THR L 15 -22.98 9.65 3.50
N SER L 16 -22.72 10.80 2.86
CA SER L 16 -23.09 11.04 1.47
C SER L 16 -21.87 11.49 0.67
N LEU L 17 -21.67 10.86 -0.48
CA LEU L 17 -20.66 11.30 -1.43
C LEU L 17 -21.40 11.56 -2.73
N SER L 18 -21.42 12.81 -3.21
CA SER L 18 -22.16 13.16 -4.41
C SER L 18 -21.18 13.45 -5.54
N VAL L 19 -21.33 12.71 -6.64
CA VAL L 19 -20.32 12.69 -7.69
C VAL L 19 -20.87 13.37 -8.94
N SER L 20 -19.95 13.82 -9.80
CA SER L 20 -20.32 14.46 -11.04
C SER L 20 -19.29 14.15 -12.13
N TRP L 21 -19.78 13.99 -13.35
CA TRP L 21 -18.93 13.73 -14.51
C TRP L 21 -19.35 14.66 -15.64
N SER L 22 -18.41 14.93 -16.55
CA SER L 22 -18.63 15.92 -17.63
C SER L 22 -17.96 15.45 -18.93
N ILE L 23 -18.66 14.61 -19.68
CA ILE L 23 -18.20 14.27 -21.03
C ILE L 23 -18.40 15.47 -21.96
N PRO L 24 -17.47 15.74 -22.88
CA PRO L 24 -17.61 16.88 -23.81
C PRO L 24 -18.86 16.83 -24.66
N PRO L 25 -19.50 17.99 -24.87
CA PRO L 25 -20.76 18.06 -25.63
C PRO L 25 -20.68 17.54 -27.06
N PRO L 26 -19.60 17.82 -27.84
CA PRO L 26 -19.57 17.29 -29.22
C PRO L 26 -19.92 15.82 -29.32
N GLN L 27 -19.30 15.01 -28.47
CA GLN L 27 -19.54 13.58 -28.45
C GLN L 27 -20.76 13.17 -27.64
N GLN L 28 -21.54 14.12 -27.12
CA GLN L 28 -22.64 13.75 -26.25
C GLN L 28 -23.72 12.99 -27.00
N SER L 29 -23.40 11.82 -27.49
CA SER L 29 -24.38 11.01 -28.20
C SER L 29 -25.37 10.39 -27.25
N ARG L 30 -25.26 10.84 -26.00
CA ARG L 30 -26.12 10.40 -24.91
C ARG L 30 -26.17 8.88 -24.86
N VAL L 31 -24.97 8.29 -24.81
CA VAL L 31 -24.85 6.84 -24.93
C VAL L 31 -25.47 6.16 -23.72
N TRP L 32 -26.71 5.72 -23.89
CA TRP L 32 -27.52 5.09 -22.85
C TRP L 32 -27.37 5.74 -21.48
N LYS L 33 -26.91 4.96 -20.51
CA LYS L 33 -26.68 5.40 -19.13
C LYS L 33 -25.18 5.51 -18.87
N TYR L 34 -24.85 5.99 -17.68
CA TYR L 34 -23.48 6.05 -17.21
C TYR L 34 -23.29 5.05 -16.08
N GLU L 35 -22.20 4.31 -16.13
CA GLU L 35 -21.92 3.24 -15.16
C GLU L 35 -21.01 3.79 -14.05
N VAL L 36 -21.58 4.05 -12.88
CA VAL L 36 -20.82 4.58 -11.74
C VAL L 36 -20.47 3.39 -10.85
N THR L 37 -19.27 2.85 -11.04
CA THR L 37 -18.81 1.64 -10.36
C THR L 37 -18.04 1.98 -9.09
N TYR L 38 -18.74 2.13 -7.97
CA TYR L 38 -18.09 2.47 -6.72
C TYR L 38 -17.99 1.25 -5.82
N ARG L 39 -17.21 1.39 -4.74
CA ARG L 39 -16.94 0.32 -3.78
C ARG L 39 -16.18 0.95 -2.61
N LYS L 40 -15.93 0.15 -1.57
CA LYS L 40 -15.12 0.47 -0.38
C LYS L 40 -13.63 0.26 -0.72
N LYS L 41 -12.73 0.10 0.25
CA LYS L 41 -11.32 -0.14 -0.02
C LYS L 41 -10.84 -1.44 0.62
N GLY L 42 -10.43 -2.40 -0.22
CA GLY L 42 -9.69 -3.59 0.23
C GLY L 42 -10.36 -4.37 1.34
N ASP L 43 -11.67 -4.23 1.38
CA ASP L 43 -12.51 -4.71 2.47
C ASP L 43 -13.86 -5.06 1.88
N SER L 44 -14.94 -4.96 2.69
CA SER L 44 -16.31 -5.16 2.22
C SER L 44 -16.44 -4.80 0.75
N ASN L 45 -16.79 -5.80 -0.04
CA ASN L 45 -16.74 -5.77 -1.48
C ASN L 45 -18.06 -5.45 -2.18
N SER L 46 -19.14 -5.28 -1.43
CA SER L 46 -20.43 -5.00 -2.06
C SER L 46 -20.33 -3.78 -2.98
N TYR L 47 -20.36 -4.01 -4.30
CA TYR L 47 -20.21 -2.90 -5.26
C TYR L 47 -21.26 -1.83 -5.02
N ASN L 48 -22.53 -2.23 -4.92
CA ASN L 48 -23.63 -1.29 -4.76
C ASN L 48 -23.69 -0.32 -5.93
N VAL L 49 -23.08 -0.72 -7.06
CA VAL L 49 -22.98 0.11 -8.25
C VAL L 49 -24.33 0.68 -8.64
N ARG L 50 -24.34 1.95 -9.02
CA ARG L 50 -25.52 2.66 -9.53
C ARG L 50 -25.24 3.17 -10.94
N ARG L 51 -26.32 3.40 -11.67
CA ARG L 51 -26.26 3.71 -13.09
C ARG L 51 -27.25 4.82 -13.36
N THR L 52 -26.85 5.80 -14.19
CA THR L 52 -27.75 6.90 -14.52
C THR L 52 -27.27 7.56 -15.80
N GLU L 53 -28.20 8.04 -16.62
CA GLU L 53 -27.86 8.72 -17.87
C GLU L 53 -27.44 10.17 -17.66
N GLY L 54 -27.67 10.73 -16.48
CA GLY L 54 -27.32 12.10 -16.20
C GLY L 54 -25.82 12.29 -16.07
N PHE L 55 -25.45 13.47 -15.59
CA PHE L 55 -24.06 13.86 -15.42
C PHE L 55 -23.63 13.88 -13.96
N SER L 56 -24.54 13.60 -13.02
CA SER L 56 -24.22 13.65 -11.60
C SER L 56 -25.03 12.60 -10.85
N VAL L 57 -24.43 12.05 -9.79
CA VAL L 57 -25.10 11.08 -8.91
C VAL L 57 -24.83 11.44 -7.46
N THR L 58 -25.81 11.15 -6.60
CA THR L 58 -25.71 11.40 -5.16
C THR L 58 -25.65 10.06 -4.42
N LEU L 59 -24.44 9.49 -4.35
CA LEU L 59 -24.24 8.22 -3.67
C LEU L 59 -24.55 8.35 -2.18
N ASP L 60 -25.55 7.60 -1.71
CA ASP L 60 -26.05 7.73 -0.35
C ASP L 60 -25.66 6.50 0.45
N ASP L 61 -25.98 6.53 1.75
CA ASP L 61 -25.71 5.43 2.67
C ASP L 61 -24.27 4.92 2.53
N LEU L 62 -23.33 5.84 2.71
CA LEU L 62 -21.93 5.51 2.59
C LEU L 62 -21.28 5.51 3.97
N ALA L 63 -20.10 4.92 4.06
CA ALA L 63 -19.59 4.80 5.41
C ALA L 63 -18.76 6.03 5.79
N PRO L 64 -18.93 6.51 7.01
CA PRO L 64 -18.17 7.68 7.45
C PRO L 64 -16.67 7.42 7.52
N ASP L 65 -15.90 8.47 7.27
CA ASP L 65 -14.45 8.47 7.40
C ASP L 65 -13.84 7.26 6.70
N THR L 66 -14.31 7.01 5.47
CA THR L 66 -13.84 5.88 4.68
C THR L 66 -13.57 6.29 3.25
N THR L 67 -12.46 5.79 2.70
CA THR L 67 -12.12 6.06 1.31
C THR L 67 -12.86 5.07 0.42
N TYR L 68 -13.88 5.56 -0.29
CA TYR L 68 -14.60 4.74 -1.25
C TYR L 68 -13.93 4.88 -2.61
N LEU L 69 -13.77 3.76 -3.30
CA LEU L 69 -13.18 3.76 -4.63
C LEU L 69 -14.30 3.84 -5.66
N VAL L 70 -14.15 4.74 -6.63
CA VAL L 70 -15.21 5.04 -7.59
C VAL L 70 -14.63 5.08 -9.00
N GLN L 71 -15.44 4.66 -9.97
CA GLN L 71 -15.07 4.69 -11.38
C GLN L 71 -16.34 4.78 -12.21
N VAL L 72 -16.30 5.60 -13.26
CA VAL L 72 -17.46 5.80 -14.13
C VAL L 72 -17.15 5.22 -15.50
N GLN L 73 -18.07 4.42 -16.03
CA GLN L 73 -17.88 3.72 -17.30
C GLN L 73 -19.02 4.08 -18.26
N ALA L 74 -18.68 4.40 -19.50
CA ALA L 74 -19.72 4.60 -20.52
C ALA L 74 -20.36 3.25 -20.82
N LEU L 75 -21.69 3.16 -20.66
CA LEU L 75 -22.40 1.88 -20.74
C LEU L 75 -21.86 0.91 -21.80
N THR L 76 -21.36 1.44 -22.92
CA THR L 76 -20.70 0.63 -23.95
C THR L 76 -21.62 -0.46 -24.52
N GLN L 77 -22.65 -0.02 -25.22
CA GLN L 77 -23.51 -0.97 -25.94
C GLN L 77 -23.14 -1.02 -27.41
N GLY L 81 -17.19 2.81 -24.96
CA GLY L 81 -16.41 1.60 -25.12
C GLY L 81 -15.30 1.45 -24.10
N ALA L 82 -14.95 2.57 -23.48
CA ALA L 82 -13.93 2.65 -22.45
C ALA L 82 -14.47 3.31 -21.19
N GLY L 83 -13.87 2.93 -20.06
CA GLY L 83 -14.27 3.40 -18.76
C GLY L 83 -13.29 4.45 -18.26
N SER L 84 -13.71 5.16 -17.23
CA SER L 84 -12.87 6.21 -16.69
C SER L 84 -11.83 5.62 -15.75
N LYS L 85 -10.84 6.44 -15.41
CA LYS L 85 -9.84 6.04 -14.44
C LYS L 85 -10.47 5.90 -13.07
N VAL L 86 -9.85 5.06 -12.24
CA VAL L 86 -10.36 4.84 -10.90
C VAL L 86 -10.13 6.10 -10.08
N HIS L 87 -11.09 6.43 -9.23
CA HIS L 87 -10.97 7.61 -8.40
C HIS L 87 -11.24 7.24 -6.96
N GLU L 88 -10.52 7.90 -6.05
CA GLU L 88 -10.64 7.67 -4.62
C GLU L 88 -11.15 8.95 -3.97
N PHE L 89 -12.31 8.87 -3.32
CA PHE L 89 -12.89 9.97 -2.60
C PHE L 89 -13.12 9.53 -1.16
N GLN L 90 -13.18 10.49 -0.25
CA GLN L 90 -13.30 10.18 1.16
C GLN L 90 -14.52 10.87 1.74
N THR L 91 -15.25 10.14 2.58
CA THR L 91 -16.39 10.72 3.27
C THR L 91 -15.91 11.62 4.40
N LEU L 92 -16.87 12.23 5.10
CA LEU L 92 -16.55 13.20 6.13
C LEU L 92 -16.76 12.63 7.53
#